data_1UFN
#
_entry.id   1UFN
#
_cell.length_a   1.000
_cell.length_b   1.000
_cell.length_c   1.000
_cell.angle_alpha   90.00
_cell.angle_beta   90.00
_cell.angle_gamma   90.00
#
_symmetry.space_group_name_H-M   'P 1'
#
_entity_poly.entity_id   1
_entity_poly.type   'polypeptide(L)'
_entity_poly.pdbx_seq_one_letter_code
;GSSGSSGNDAVDFSPTLPVTCGKAKGTLFQEKLKQGASKKCIQNEAGDWLTVKEFLNEGGRATSKDWKGVIRCNGETLRH
LEQKGLLFSGPSSG
;
_entity_poly.pdbx_strand_id   A
#
# COMPACT_ATOMS: atom_id res chain seq x y z
N GLY A 1 12.73 9.17 12.52
CA GLY A 1 13.78 9.10 13.52
C GLY A 1 13.62 7.92 14.45
N SER A 2 14.50 7.83 15.45
CA SER A 2 14.45 6.73 16.40
C SER A 2 13.04 6.53 16.94
N SER A 3 12.44 7.62 17.42
CA SER A 3 11.09 7.56 17.96
C SER A 3 10.09 8.20 17.00
N GLY A 4 9.09 7.42 16.58
CA GLY A 4 8.09 7.92 15.65
C GLY A 4 6.79 7.14 15.74
N SER A 5 6.84 5.87 15.35
CA SER A 5 5.66 5.03 15.37
C SER A 5 5.95 3.71 16.08
N SER A 6 5.05 3.33 16.99
CA SER A 6 5.22 2.09 17.75
C SER A 6 4.16 1.07 17.35
N GLY A 7 4.54 -0.20 17.35
CA GLY A 7 3.62 -1.26 16.98
C GLY A 7 4.20 -2.22 15.97
N ASN A 8 4.71 -3.35 16.45
CA ASN A 8 5.30 -4.36 15.57
C ASN A 8 4.36 -4.69 14.41
N ASP A 9 3.24 -5.32 14.73
CA ASP A 9 2.26 -5.69 13.72
C ASP A 9 1.00 -4.85 13.84
N ALA A 10 1.06 -3.81 14.67
CA ALA A 10 -0.08 -2.93 14.88
C ALA A 10 -0.17 -1.89 13.77
N VAL A 11 0.50 -2.15 12.66
CA VAL A 11 0.48 -1.24 11.52
C VAL A 11 -0.95 -0.96 11.06
N ASP A 12 -1.80 -1.98 11.14
CA ASP A 12 -3.19 -1.83 10.73
C ASP A 12 -3.80 -0.54 11.28
N PHE A 13 -3.21 -0.04 12.37
CA PHE A 13 -3.68 1.18 12.99
C PHE A 13 -3.33 2.40 12.14
N SER A 14 -2.07 2.48 11.72
CA SER A 14 -1.60 3.59 10.91
C SER A 14 -2.23 3.55 9.52
N PRO A 15 -2.48 4.74 8.95
CA PRO A 15 -3.07 4.86 7.61
C PRO A 15 -2.12 4.42 6.51
N THR A 16 -0.94 3.95 6.90
CA THR A 16 0.07 3.50 5.94
C THR A 16 0.39 2.02 6.15
N LEU A 17 0.61 1.31 5.05
CA LEU A 17 0.94 -0.10 5.10
C LEU A 17 2.10 -0.44 4.18
N PRO A 18 3.01 -1.30 4.67
CA PRO A 18 4.18 -1.72 3.90
C PRO A 18 3.83 -2.61 2.72
N VAL A 19 4.17 -2.14 1.51
CA VAL A 19 3.87 -2.89 0.30
C VAL A 19 5.16 -3.15 -0.49
N THR A 20 5.19 -4.29 -1.18
CA THR A 20 6.36 -4.66 -1.98
C THR A 20 5.94 -5.37 -3.26
N CYS A 21 6.52 -4.95 -4.38
CA CYS A 21 6.20 -5.53 -5.67
C CYS A 21 7.47 -5.89 -6.44
N GLY A 22 7.77 -7.18 -6.54
CA GLY A 22 8.95 -7.63 -7.24
C GLY A 22 10.22 -7.05 -6.64
N LYS A 23 10.85 -6.14 -7.37
CA LYS A 23 12.08 -5.51 -6.92
C LYS A 23 11.83 -4.08 -6.46
N ALA A 24 10.56 -3.77 -6.20
CA ALA A 24 10.19 -2.43 -5.76
C ALA A 24 9.61 -2.46 -4.35
N LYS A 25 9.76 -1.36 -3.62
CA LYS A 25 9.25 -1.27 -2.26
C LYS A 25 8.68 0.13 -1.99
N GLY A 26 7.52 0.18 -1.34
CA GLY A 26 6.90 1.45 -1.03
C GLY A 26 5.95 1.36 0.14
N THR A 27 4.94 2.22 0.15
CA THR A 27 3.96 2.24 1.23
C THR A 27 2.61 2.75 0.74
N LEU A 28 1.56 2.00 1.03
CA LEU A 28 0.21 2.38 0.62
C LEU A 28 -0.47 3.25 1.68
N PHE A 29 -1.09 4.34 1.24
CA PHE A 29 -1.76 5.25 2.15
C PHE A 29 -3.28 5.20 1.95
N GLN A 30 -3.96 4.49 2.86
CA GLN A 30 -5.41 4.37 2.77
C GLN A 30 -6.07 5.71 2.46
N GLU A 31 -5.52 6.77 3.04
CA GLU A 31 -6.06 8.11 2.82
C GLU A 31 -5.96 8.51 1.34
N LYS A 32 -4.82 8.20 0.74
CA LYS A 32 -4.59 8.52 -0.67
C LYS A 32 -5.18 7.44 -1.58
N LEU A 33 -5.61 6.34 -0.96
CA LEU A 33 -6.19 5.23 -1.72
C LEU A 33 -7.71 5.40 -1.84
N LYS A 34 -8.32 5.97 -0.80
CA LYS A 34 -9.76 6.19 -0.79
C LYS A 34 -10.22 6.83 -2.10
N GLN A 35 -9.48 7.81 -2.57
CA GLN A 35 -9.81 8.51 -3.81
C GLN A 35 -9.99 7.52 -4.95
N GLY A 36 -9.01 6.63 -5.13
CA GLY A 36 -9.08 5.64 -6.18
C GLY A 36 -7.79 4.87 -6.34
N ALA A 37 -7.86 3.72 -7.01
CA ALA A 37 -6.68 2.88 -7.23
C ALA A 37 -5.81 3.45 -8.35
N SER A 38 -6.13 4.66 -8.79
CA SER A 38 -5.38 5.31 -9.85
C SER A 38 -4.52 6.44 -9.31
N LYS A 39 -4.95 7.00 -8.18
CA LYS A 39 -4.21 8.09 -7.54
C LYS A 39 -2.93 7.58 -6.88
N LYS A 40 -1.85 8.34 -7.03
CA LYS A 40 -0.58 7.96 -6.44
C LYS A 40 -0.69 7.79 -4.93
N CYS A 41 -0.75 6.54 -4.48
CA CYS A 41 -0.87 6.26 -3.05
C CYS A 41 0.35 5.48 -2.54
N ILE A 42 1.00 4.75 -3.46
CA ILE A 42 2.16 3.96 -3.11
C ILE A 42 3.44 4.81 -3.18
N GLN A 43 4.01 5.10 -2.02
CA GLN A 43 5.23 5.90 -1.96
C GLN A 43 6.46 5.00 -1.82
N ASN A 44 7.35 5.07 -2.80
CA ASN A 44 8.56 4.27 -2.79
C ASN A 44 9.62 4.87 -1.86
N GLU A 45 10.75 4.21 -1.74
CA GLU A 45 11.83 4.68 -0.88
C GLU A 45 12.25 6.09 -1.28
N ALA A 46 12.13 6.40 -2.55
CA ALA A 46 12.49 7.72 -3.06
C ALA A 46 11.44 8.77 -2.70
N GLY A 47 10.39 8.32 -2.02
CA GLY A 47 9.32 9.22 -1.63
C GLY A 47 8.36 9.52 -2.77
N ASP A 48 8.80 9.26 -3.99
CA ASP A 48 7.98 9.51 -5.17
C ASP A 48 6.76 8.58 -5.19
N TRP A 49 5.58 9.17 -5.00
CA TRP A 49 4.35 8.39 -5.00
C TRP A 49 4.12 7.72 -6.35
N LEU A 50 3.42 6.59 -6.32
CA LEU A 50 3.14 5.85 -7.55
C LEU A 50 1.73 5.25 -7.50
N THR A 51 1.07 5.24 -8.66
CA THR A 51 -0.30 4.71 -8.75
C THR A 51 -0.29 3.18 -8.63
N VAL A 52 -1.35 2.63 -8.05
CA VAL A 52 -1.47 1.19 -7.87
C VAL A 52 -0.86 0.44 -9.05
N LYS A 53 -0.94 1.04 -10.23
CA LYS A 53 -0.39 0.44 -11.43
C LYS A 53 1.10 0.74 -11.57
N GLU A 54 1.45 2.02 -11.49
CA GLU A 54 2.84 2.45 -11.59
C GLU A 54 3.75 1.58 -10.74
N PHE A 55 3.45 1.52 -9.44
CA PHE A 55 4.24 0.72 -8.51
C PHE A 55 4.61 -0.62 -9.13
N LEU A 56 3.64 -1.28 -9.75
CA LEU A 56 3.85 -2.58 -10.37
C LEU A 56 4.89 -2.46 -11.49
N ASN A 57 4.73 -1.48 -12.36
CA ASN A 57 5.65 -1.27 -13.47
C ASN A 57 7.08 -1.16 -12.97
N GLU A 58 7.26 -0.52 -11.81
CA GLU A 58 8.59 -0.35 -11.23
C GLU A 58 9.26 -1.70 -11.01
N GLY A 59 8.47 -2.68 -10.58
CA GLY A 59 9.01 -4.01 -10.34
C GLY A 59 9.13 -4.83 -11.61
N GLY A 60 8.18 -4.64 -12.52
CA GLY A 60 8.22 -5.37 -13.77
C GLY A 60 7.05 -6.34 -13.90
N ARG A 61 5.93 -6.00 -13.27
CA ARG A 61 4.75 -6.86 -13.32
C ARG A 61 3.59 -6.14 -14.01
N ALA A 62 3.91 -5.08 -14.76
CA ALA A 62 2.89 -4.31 -15.46
C ALA A 62 1.89 -5.22 -16.16
N THR A 63 2.35 -6.43 -16.52
CA THR A 63 1.50 -7.40 -17.20
C THR A 63 0.62 -8.15 -16.20
N SER A 64 0.47 -7.59 -15.00
CA SER A 64 -0.34 -8.20 -13.96
C SER A 64 -1.81 -7.82 -14.11
N LYS A 65 -2.70 -8.65 -13.61
CA LYS A 65 -4.14 -8.39 -13.68
C LYS A 65 -4.64 -7.79 -12.38
N ASP A 66 -4.16 -8.32 -11.26
CA ASP A 66 -4.57 -7.84 -9.95
C ASP A 66 -3.37 -7.30 -9.17
N TRP A 67 -3.40 -6.02 -8.85
CA TRP A 67 -2.32 -5.38 -8.11
C TRP A 67 -2.26 -5.92 -6.67
N LYS A 68 -3.42 -6.29 -6.14
CA LYS A 68 -3.49 -6.82 -4.77
C LYS A 68 -2.75 -8.15 -4.67
N GLY A 69 -2.68 -8.87 -5.78
CA GLY A 69 -1.99 -10.16 -5.79
C GLY A 69 -0.48 -10.01 -5.90
N VAL A 70 -0.05 -9.15 -6.82
CA VAL A 70 1.38 -8.93 -7.03
C VAL A 70 2.00 -8.21 -5.84
N ILE A 71 1.30 -7.21 -5.32
CA ILE A 71 1.79 -6.46 -4.17
C ILE A 71 1.66 -7.26 -2.88
N ARG A 72 2.77 -7.39 -2.16
CA ARG A 72 2.79 -8.13 -0.91
C ARG A 72 3.08 -7.22 0.27
N CYS A 73 2.33 -7.39 1.36
CA CYS A 73 2.51 -6.58 2.55
C CYS A 73 2.93 -7.43 3.74
N ASN A 74 4.18 -7.29 4.15
CA ASN A 74 4.72 -8.05 5.27
C ASN A 74 4.71 -9.55 4.97
N GLY A 75 4.90 -9.88 3.69
CA GLY A 75 4.91 -11.28 3.29
C GLY A 75 3.52 -11.80 2.95
N GLU A 76 2.51 -10.99 3.25
CA GLU A 76 1.13 -11.38 2.97
C GLU A 76 0.49 -10.45 1.94
N THR A 77 -0.02 -11.03 0.86
CA THR A 77 -0.65 -10.26 -0.21
C THR A 77 -1.81 -9.44 0.33
N LEU A 78 -2.01 -8.25 -0.23
CA LEU A 78 -3.09 -7.36 0.19
C LEU A 78 -4.40 -8.12 0.31
N ARG A 79 -4.72 -8.90 -0.73
CA ARG A 79 -5.95 -9.68 -0.74
C ARG A 79 -6.05 -10.56 0.51
N HIS A 80 -4.94 -11.16 0.89
CA HIS A 80 -4.90 -12.03 2.07
C HIS A 80 -5.25 -11.23 3.33
N LEU A 81 -4.57 -10.10 3.52
CA LEU A 81 -4.80 -9.25 4.68
C LEU A 81 -6.24 -8.74 4.69
N GLU A 82 -6.73 -8.36 3.52
CA GLU A 82 -8.10 -7.84 3.41
C GLU A 82 -9.12 -8.87 3.89
N GLN A 83 -8.94 -10.12 3.46
CA GLN A 83 -9.84 -11.19 3.86
C GLN A 83 -9.90 -11.33 5.37
N LYS A 84 -8.75 -11.12 6.02
CA LYS A 84 -8.68 -11.23 7.48
C LYS A 84 -9.15 -9.94 8.14
N GLY A 85 -9.78 -9.07 7.36
CA GLY A 85 -10.27 -7.81 7.88
C GLY A 85 -9.15 -6.92 8.39
N LEU A 86 -8.00 -7.00 7.73
CA LEU A 86 -6.85 -6.19 8.13
C LEU A 86 -6.70 -4.98 7.22
N LEU A 87 -7.00 -5.16 5.94
CA LEU A 87 -6.91 -4.08 4.96
C LEU A 87 -8.29 -3.63 4.50
N PHE A 88 -8.48 -2.32 4.39
CA PHE A 88 -9.75 -1.76 3.96
C PHE A 88 -9.86 -1.77 2.44
N SER A 89 -8.73 -1.55 1.78
CA SER A 89 -8.70 -1.52 0.31
C SER A 89 -9.75 -0.57 -0.23
N GLY A 90 -9.85 0.61 0.36
CA GLY A 90 -10.83 1.59 -0.08
C GLY A 90 -12.17 1.41 0.59
N PRO A 91 -13.07 2.38 0.39
CA PRO A 91 -14.42 2.35 0.97
C PRO A 91 -15.29 1.28 0.34
N SER A 92 -15.40 0.14 1.03
CA SER A 92 -16.20 -0.98 0.53
C SER A 92 -17.67 -0.56 0.39
N SER A 93 -18.15 -0.53 -0.85
CA SER A 93 -19.53 -0.16 -1.12
C SER A 93 -20.49 -1.28 -0.75
N GLY A 94 -20.14 -2.50 -1.16
CA GLY A 94 -20.97 -3.65 -0.86
C GLY A 94 -20.84 -4.76 -1.89
N GLY A 1 8.58 -2.40 26.78
CA GLY A 1 7.60 -2.59 25.72
C GLY A 1 6.64 -1.43 25.60
N SER A 2 6.28 -1.08 24.37
CA SER A 2 5.37 0.02 24.12
C SER A 2 3.95 -0.34 24.54
N SER A 3 3.06 0.65 24.54
CA SER A 3 1.67 0.43 24.92
C SER A 3 0.77 1.51 24.34
N GLY A 4 -0.55 1.34 24.49
CA GLY A 4 -1.49 2.31 23.97
C GLY A 4 -2.92 1.92 24.26
N SER A 5 -3.55 2.62 25.20
CA SER A 5 -4.93 2.34 25.57
C SER A 5 -5.89 3.20 24.77
N SER A 6 -5.75 4.52 24.90
CA SER A 6 -6.60 5.46 24.19
C SER A 6 -6.14 5.62 22.74
N GLY A 7 -6.93 5.09 21.81
CA GLY A 7 -6.59 5.19 20.41
C GLY A 7 -5.38 4.34 20.04
N ASN A 8 -4.48 4.91 19.24
CA ASN A 8 -3.29 4.20 18.82
C ASN A 8 -2.06 5.12 18.84
N ASP A 9 -0.89 4.53 19.02
CA ASP A 9 0.35 5.29 19.05
C ASP A 9 0.84 5.61 17.64
N ALA A 10 0.24 4.95 16.65
CA ALA A 10 0.62 5.17 15.26
C ALA A 10 -0.35 6.14 14.58
N VAL A 11 0.15 7.33 14.25
CA VAL A 11 -0.66 8.34 13.59
C VAL A 11 -0.46 8.31 12.07
N ASP A 12 0.80 8.17 11.65
CA ASP A 12 1.12 8.13 10.23
C ASP A 12 1.31 6.69 9.76
N PHE A 13 1.74 5.83 10.68
CA PHE A 13 1.97 4.43 10.36
C PHE A 13 0.65 3.68 10.23
N SER A 14 -0.38 4.18 10.90
CA SER A 14 -1.71 3.56 10.86
C SER A 14 -2.30 3.65 9.46
N PRO A 15 -2.46 4.88 8.96
CA PRO A 15 -3.02 5.13 7.63
C PRO A 15 -2.08 4.70 6.51
N THR A 16 -0.96 4.09 6.90
CA THR A 16 0.03 3.63 5.92
C THR A 16 0.40 2.18 6.18
N LEU A 17 0.69 1.44 5.11
CA LEU A 17 1.07 0.04 5.22
C LEU A 17 2.24 -0.28 4.29
N PRO A 18 3.19 -1.08 4.79
CA PRO A 18 4.37 -1.49 4.02
C PRO A 18 4.03 -2.44 2.88
N VAL A 19 4.27 -2.00 1.66
CA VAL A 19 3.99 -2.81 0.48
C VAL A 19 5.27 -3.15 -0.27
N THR A 20 5.27 -4.29 -0.96
CA THR A 20 6.43 -4.72 -1.73
C THR A 20 6.00 -5.49 -2.97
N CYS A 21 6.52 -5.06 -4.12
CA CYS A 21 6.20 -5.72 -5.39
C CYS A 21 7.47 -6.14 -6.12
N GLY A 22 7.73 -7.45 -6.13
CA GLY A 22 8.91 -7.97 -6.79
C GLY A 22 10.19 -7.37 -6.24
N LYS A 23 10.85 -6.54 -7.04
CA LYS A 23 12.09 -5.90 -6.63
C LYS A 23 11.85 -4.46 -6.20
N ALA A 24 10.58 -4.10 -6.04
CA ALA A 24 10.21 -2.75 -5.62
C ALA A 24 9.47 -2.78 -4.30
N LYS A 25 9.55 -1.66 -3.56
CA LYS A 25 8.88 -1.56 -2.27
C LYS A 25 8.51 -0.10 -1.97
N GLY A 26 7.39 0.09 -1.29
CA GLY A 26 6.95 1.43 -0.95
C GLY A 26 6.02 1.45 0.25
N THR A 27 5.05 2.36 0.23
CA THR A 27 4.09 2.48 1.32
C THR A 27 2.73 2.93 0.80
N LEU A 28 1.71 2.13 1.06
CA LEU A 28 0.35 2.45 0.63
C LEU A 28 -0.36 3.31 1.66
N PHE A 29 -1.00 4.38 1.21
CA PHE A 29 -1.72 5.28 2.09
C PHE A 29 -3.23 5.16 1.88
N GLN A 30 -3.89 4.46 2.79
CA GLN A 30 -5.33 4.26 2.71
C GLN A 30 -6.04 5.58 2.37
N GLU A 31 -5.60 6.66 3.01
CA GLU A 31 -6.19 7.97 2.78
C GLU A 31 -6.10 8.36 1.30
N LYS A 32 -4.96 8.06 0.69
CA LYS A 32 -4.74 8.38 -0.72
C LYS A 32 -5.28 7.26 -1.61
N LEU A 33 -5.64 6.14 -1.00
CA LEU A 33 -6.17 4.99 -1.74
C LEU A 33 -7.69 5.05 -1.80
N LYS A 34 -8.30 5.60 -0.75
CA LYS A 34 -9.76 5.71 -0.69
C LYS A 34 -10.32 6.30 -1.97
N GLN A 35 -9.69 7.38 -2.45
CA GLN A 35 -10.13 8.05 -3.67
C GLN A 35 -10.24 7.05 -4.82
N GLY A 36 -9.13 6.39 -5.13
CA GLY A 36 -9.12 5.42 -6.21
C GLY A 36 -7.76 4.77 -6.41
N ALA A 37 -7.74 3.63 -7.08
CA ALA A 37 -6.51 2.92 -7.34
C ALA A 37 -5.72 3.56 -8.47
N SER A 38 -6.13 4.75 -8.88
CA SER A 38 -5.47 5.47 -9.96
C SER A 38 -4.62 6.61 -9.41
N LYS A 39 -5.00 7.12 -8.23
CA LYS A 39 -4.27 8.21 -7.59
C LYS A 39 -2.99 7.70 -6.94
N LYS A 40 -1.93 8.49 -7.04
CA LYS A 40 -0.64 8.12 -6.45
C LYS A 40 -0.76 7.96 -4.94
N CYS A 41 -0.77 6.70 -4.49
CA CYS A 41 -0.88 6.41 -3.06
C CYS A 41 0.36 5.68 -2.57
N ILE A 42 1.03 4.97 -3.47
CA ILE A 42 2.23 4.21 -3.12
C ILE A 42 3.46 5.09 -3.21
N GLN A 43 4.08 5.35 -2.07
CA GLN A 43 5.28 6.18 -2.01
C GLN A 43 6.54 5.33 -1.86
N ASN A 44 7.42 5.38 -2.85
CA ASN A 44 8.65 4.61 -2.83
C ASN A 44 9.66 5.23 -1.87
N GLU A 45 10.82 4.59 -1.75
CA GLU A 45 11.88 5.07 -0.87
C GLU A 45 12.27 6.51 -1.24
N ALA A 46 12.14 6.84 -2.52
CA ALA A 46 12.49 8.17 -3.00
C ALA A 46 11.40 9.18 -2.62
N GLY A 47 10.35 8.70 -1.97
CA GLY A 47 9.27 9.58 -1.57
C GLY A 47 8.32 9.88 -2.71
N ASP A 48 8.76 9.61 -3.94
CA ASP A 48 7.95 9.86 -5.12
C ASP A 48 6.76 8.91 -5.18
N TRP A 49 5.56 9.46 -5.01
CA TRP A 49 4.34 8.66 -5.03
C TRP A 49 4.16 7.98 -6.39
N LEU A 50 3.44 6.87 -6.39
CA LEU A 50 3.20 6.12 -7.63
C LEU A 50 1.80 5.51 -7.62
N THR A 51 1.17 5.49 -8.80
CA THR A 51 -0.17 4.94 -8.93
C THR A 51 -0.16 3.42 -8.83
N VAL A 52 -1.19 2.86 -8.20
CA VAL A 52 -1.30 1.43 -8.02
C VAL A 52 -0.69 0.68 -9.21
N LYS A 53 -0.86 1.26 -10.40
CA LYS A 53 -0.32 0.66 -11.62
C LYS A 53 1.18 0.86 -11.72
N GLU A 54 1.61 2.12 -11.61
CA GLU A 54 3.03 2.45 -11.70
C GLU A 54 3.86 1.50 -10.84
N PHE A 55 3.59 1.50 -9.54
CA PHE A 55 4.32 0.64 -8.61
C PHE A 55 4.64 -0.70 -9.25
N LEU A 56 3.65 -1.28 -9.92
CA LEU A 56 3.82 -2.57 -10.58
C LEU A 56 4.93 -2.51 -11.62
N ASN A 57 4.84 -1.51 -12.50
CA ASN A 57 5.84 -1.34 -13.55
C ASN A 57 7.25 -1.34 -12.97
N GLU A 58 7.41 -0.68 -11.82
CA GLU A 58 8.71 -0.60 -11.16
C GLU A 58 9.29 -2.00 -10.93
N GLY A 59 8.43 -2.92 -10.49
CA GLY A 59 8.88 -4.28 -10.23
C GLY A 59 8.92 -5.12 -11.49
N GLY A 60 7.98 -4.89 -12.39
CA GLY A 60 7.94 -5.64 -13.63
C GLY A 60 6.71 -6.52 -13.73
N ARG A 61 5.65 -6.15 -13.02
CA ARG A 61 4.41 -6.92 -13.03
C ARG A 61 3.26 -6.09 -13.60
N ALA A 62 3.60 -5.00 -14.28
CA ALA A 62 2.59 -4.12 -14.87
C ALA A 62 1.59 -4.91 -15.69
N THR A 63 2.07 -5.93 -16.41
CA THR A 63 1.21 -6.76 -17.22
C THR A 63 0.04 -7.32 -16.42
N SER A 64 0.26 -7.49 -15.12
CA SER A 64 -0.77 -8.01 -14.24
C SER A 64 -1.92 -7.01 -14.09
N LYS A 65 -3.12 -7.53 -13.85
CA LYS A 65 -4.30 -6.69 -13.69
C LYS A 65 -4.57 -6.42 -12.21
N ASP A 66 -4.57 -7.48 -11.41
CA ASP A 66 -4.82 -7.36 -9.98
C ASP A 66 -3.56 -6.89 -9.25
N TRP A 67 -3.62 -5.69 -8.69
CA TRP A 67 -2.50 -5.12 -7.97
C TRP A 67 -2.39 -5.71 -6.56
N LYS A 68 -3.53 -6.12 -6.02
CA LYS A 68 -3.57 -6.71 -4.68
C LYS A 68 -2.85 -8.06 -4.66
N GLY A 69 -2.78 -8.71 -5.83
CA GLY A 69 -2.11 -9.99 -5.91
C GLY A 69 -0.61 -9.86 -6.08
N VAL A 70 -0.20 -8.97 -6.97
CA VAL A 70 1.22 -8.74 -7.24
C VAL A 70 1.90 -8.08 -6.04
N ILE A 71 1.22 -7.12 -5.43
CA ILE A 71 1.76 -6.42 -4.27
C ILE A 71 1.61 -7.25 -3.00
N ARG A 72 2.73 -7.47 -2.31
CA ARG A 72 2.72 -8.25 -1.08
C ARG A 72 3.09 -7.37 0.11
N CYS A 73 2.32 -7.51 1.19
CA CYS A 73 2.55 -6.73 2.40
C CYS A 73 2.91 -7.63 3.58
N ASN A 74 4.17 -7.58 4.00
CA ASN A 74 4.64 -8.40 5.11
C ASN A 74 4.58 -9.88 4.75
N GLY A 75 4.80 -10.18 3.48
CA GLY A 75 4.77 -11.57 3.02
C GLY A 75 3.37 -12.03 2.66
N GLU A 76 2.38 -11.22 2.99
CA GLU A 76 0.99 -11.55 2.69
C GLU A 76 0.40 -10.56 1.69
N THR A 77 -0.17 -11.10 0.61
CA THR A 77 -0.78 -10.26 -0.42
C THR A 77 -1.93 -9.44 0.14
N LEU A 78 -2.06 -8.21 -0.36
CA LEU A 78 -3.12 -7.31 0.10
C LEU A 78 -4.43 -8.07 0.27
N ARG A 79 -4.77 -8.90 -0.70
CA ARG A 79 -6.00 -9.69 -0.65
C ARG A 79 -6.05 -10.54 0.61
N HIS A 80 -4.92 -11.15 0.94
CA HIS A 80 -4.83 -11.99 2.13
C HIS A 80 -5.16 -11.20 3.39
N LEU A 81 -4.60 -10.00 3.50
CA LEU A 81 -4.84 -9.14 4.65
C LEU A 81 -6.31 -8.79 4.78
N GLU A 82 -6.94 -8.46 3.64
CA GLU A 82 -8.35 -8.10 3.63
C GLU A 82 -9.21 -9.25 4.15
N GLN A 83 -8.92 -10.45 3.67
CA GLN A 83 -9.67 -11.63 4.09
C GLN A 83 -9.65 -11.78 5.61
N LYS A 84 -8.51 -11.49 6.21
CA LYS A 84 -8.36 -11.58 7.66
C LYS A 84 -8.85 -10.31 8.35
N GLY A 85 -9.50 -9.44 7.58
CA GLY A 85 -10.01 -8.21 8.13
C GLY A 85 -8.91 -7.30 8.66
N LEU A 86 -7.76 -7.33 8.00
CA LEU A 86 -6.63 -6.51 8.40
C LEU A 86 -6.50 -5.28 7.51
N LEU A 87 -6.80 -5.45 6.23
CA LEU A 87 -6.72 -4.36 5.27
C LEU A 87 -8.11 -3.86 4.88
N PHE A 88 -8.25 -2.54 4.74
CA PHE A 88 -9.53 -1.94 4.38
C PHE A 88 -9.77 -2.03 2.88
N SER A 89 -8.68 -1.91 2.11
CA SER A 89 -8.77 -1.96 0.66
C SER A 89 -9.83 -1.00 0.13
N GLY A 90 -9.79 0.24 0.63
CA GLY A 90 -10.75 1.23 0.21
C GLY A 90 -12.06 1.15 0.97
N PRO A 91 -13.07 1.89 0.49
CA PRO A 91 -14.40 1.90 1.12
C PRO A 91 -15.15 0.58 0.95
N SER A 92 -15.54 -0.03 2.06
CA SER A 92 -16.27 -1.29 2.03
C SER A 92 -17.75 -1.06 1.77
N SER A 93 -18.18 -1.34 0.54
CA SER A 93 -19.57 -1.16 0.17
C SER A 93 -20.49 -2.05 1.01
N GLY A 94 -20.26 -3.36 0.93
CA GLY A 94 -21.06 -4.30 1.69
C GLY A 94 -21.54 -5.47 0.84
N GLY A 1 11.05 15.53 15.26
CA GLY A 1 10.47 14.38 15.93
C GLY A 1 11.39 13.79 16.97
N SER A 2 11.13 14.08 18.24
CA SER A 2 11.95 13.57 19.32
C SER A 2 11.36 12.28 19.89
N SER A 3 12.07 11.69 20.86
CA SER A 3 11.61 10.45 21.48
C SER A 3 11.08 10.70 22.88
N GLY A 4 9.90 10.15 23.18
CA GLY A 4 9.31 10.33 24.49
C GLY A 4 7.83 9.98 24.50
N SER A 5 7.04 10.74 23.74
CA SER A 5 5.60 10.51 23.67
C SER A 5 5.29 9.25 22.86
N SER A 6 5.90 9.14 21.69
CA SER A 6 5.67 7.99 20.82
C SER A 6 6.32 6.74 21.41
N GLY A 7 5.65 5.61 21.24
CA GLY A 7 6.16 4.36 21.76
C GLY A 7 6.65 3.43 20.67
N ASN A 8 5.76 2.60 20.16
CA ASN A 8 6.10 1.65 19.10
C ASN A 8 6.50 2.40 17.82
N ASP A 9 5.60 3.22 17.31
CA ASP A 9 5.85 3.98 16.10
C ASP A 9 4.88 5.14 15.97
N ALA A 10 5.13 6.02 15.00
CA ALA A 10 4.27 7.18 14.77
C ALA A 10 2.84 6.74 14.45
N VAL A 11 1.95 7.72 14.32
CA VAL A 11 0.55 7.44 14.01
C VAL A 11 0.33 7.31 12.50
N ASP A 12 1.20 7.96 11.74
CA ASP A 12 1.10 7.92 10.28
C ASP A 12 1.23 6.50 9.76
N PHE A 13 1.71 5.61 10.62
CA PHE A 13 1.89 4.20 10.24
C PHE A 13 0.54 3.49 10.16
N SER A 14 -0.46 4.02 10.86
CA SER A 14 -1.79 3.43 10.86
C SER A 14 -2.43 3.54 9.48
N PRO A 15 -2.59 4.78 9.01
CA PRO A 15 -3.19 5.05 7.69
C PRO A 15 -2.29 4.63 6.55
N THR A 16 -1.16 4.01 6.88
CA THR A 16 -0.21 3.55 5.87
C THR A 16 0.17 2.10 6.09
N LEU A 17 0.45 1.38 5.01
CA LEU A 17 0.82 -0.02 5.09
C LEU A 17 2.00 -0.33 4.16
N PRO A 18 2.92 -1.18 4.64
CA PRO A 18 4.10 -1.56 3.87
C PRO A 18 3.76 -2.45 2.68
N VAL A 19 4.11 -1.99 1.48
CA VAL A 19 3.84 -2.74 0.26
C VAL A 19 5.13 -3.04 -0.49
N THR A 20 5.13 -4.14 -1.24
CA THR A 20 6.30 -4.53 -2.01
C THR A 20 5.89 -5.26 -3.29
N CYS A 21 6.44 -4.84 -4.42
CA CYS A 21 6.14 -5.44 -5.70
C CYS A 21 7.40 -5.85 -6.44
N GLY A 22 7.66 -7.15 -6.49
CA GLY A 22 8.85 -7.65 -7.17
C GLY A 22 10.13 -7.07 -6.57
N LYS A 23 10.76 -6.17 -7.32
CA LYS A 23 12.00 -5.55 -6.87
C LYS A 23 11.75 -4.12 -6.41
N ALA A 24 10.48 -3.77 -6.22
CA ALA A 24 10.10 -2.44 -5.78
C ALA A 24 9.62 -2.45 -4.33
N LYS A 25 9.74 -1.32 -3.65
CA LYS A 25 9.33 -1.21 -2.26
C LYS A 25 8.76 0.18 -1.97
N GLY A 26 7.62 0.22 -1.30
CA GLY A 26 6.99 1.49 -0.96
C GLY A 26 6.00 1.37 0.18
N THR A 27 5.03 2.28 0.21
CA THR A 27 4.02 2.28 1.26
C THR A 27 2.69 2.81 0.75
N LEU A 28 1.62 2.06 1.02
CA LEU A 28 0.28 2.46 0.58
C LEU A 28 -0.41 3.30 1.65
N PHE A 29 -1.04 4.39 1.23
CA PHE A 29 -1.74 5.28 2.14
C PHE A 29 -3.24 5.22 1.91
N GLN A 30 -3.94 4.50 2.79
CA GLN A 30 -5.38 4.36 2.68
C GLN A 30 -6.03 5.69 2.32
N GLU A 31 -5.64 6.74 3.03
CA GLU A 31 -6.18 8.08 2.77
C GLU A 31 -6.04 8.45 1.30
N LYS A 32 -4.94 8.04 0.70
CA LYS A 32 -4.68 8.33 -0.71
C LYS A 32 -5.28 7.27 -1.61
N LEU A 33 -5.66 6.14 -1.02
CA LEU A 33 -6.26 5.04 -1.77
C LEU A 33 -7.78 5.20 -1.86
N LYS A 34 -8.36 5.79 -0.82
CA LYS A 34 -9.80 6.01 -0.79
C LYS A 34 -10.28 6.72 -2.06
N GLN A 35 -9.64 7.83 -2.39
CA GLN A 35 -9.99 8.59 -3.58
C GLN A 35 -10.10 7.69 -4.80
N GLY A 36 -9.11 6.81 -4.96
CA GLY A 36 -9.12 5.90 -6.09
C GLY A 36 -7.82 5.14 -6.23
N ALA A 37 -7.87 3.96 -6.84
CA ALA A 37 -6.69 3.13 -7.04
C ALA A 37 -5.87 3.62 -8.23
N SER A 38 -6.17 4.82 -8.70
CA SER A 38 -5.46 5.40 -9.83
C SER A 38 -4.50 6.49 -9.38
N LYS A 39 -4.83 7.15 -8.28
CA LYS A 39 -4.00 8.21 -7.74
C LYS A 39 -2.77 7.64 -7.05
N LYS A 40 -1.67 8.38 -7.09
CA LYS A 40 -0.42 7.95 -6.47
C LYS A 40 -0.59 7.79 -4.96
N CYS A 41 -0.66 6.53 -4.51
CA CYS A 41 -0.82 6.24 -3.09
C CYS A 41 0.39 5.47 -2.55
N ILE A 42 1.04 4.72 -3.44
CA ILE A 42 2.21 3.94 -3.05
C ILE A 42 3.48 4.78 -3.10
N GLN A 43 4.08 5.01 -1.94
CA GLN A 43 5.30 5.80 -1.85
C GLN A 43 6.52 4.90 -1.74
N ASN A 44 7.45 5.05 -2.68
CA ASN A 44 8.67 4.25 -2.69
C ASN A 44 9.65 4.72 -1.62
N GLU A 45 10.72 3.97 -1.44
CA GLU A 45 11.73 4.32 -0.44
C GLU A 45 12.30 5.71 -0.71
N ALA A 46 12.24 6.14 -1.96
CA ALA A 46 12.74 7.45 -2.35
C ALA A 46 11.75 8.55 -2.00
N GLY A 47 10.53 8.15 -1.63
CA GLY A 47 9.51 9.11 -1.27
C GLY A 47 8.56 9.40 -2.42
N ASP A 48 9.01 9.13 -3.64
CA ASP A 48 8.19 9.37 -4.82
C ASP A 48 6.97 8.46 -4.83
N TRP A 49 5.79 9.07 -4.92
CA TRP A 49 4.54 8.32 -4.94
C TRP A 49 4.33 7.64 -6.29
N LEU A 50 3.56 6.56 -6.29
CA LEU A 50 3.28 5.82 -7.52
C LEU A 50 1.86 5.26 -7.50
N THR A 51 1.21 5.28 -8.66
CA THR A 51 -0.15 4.78 -8.78
C THR A 51 -0.19 3.26 -8.70
N VAL A 52 -1.25 2.72 -8.11
CA VAL A 52 -1.41 1.28 -7.98
C VAL A 52 -0.81 0.55 -9.17
N LYS A 53 -0.95 1.13 -10.35
CA LYS A 53 -0.43 0.53 -11.57
C LYS A 53 1.08 0.77 -11.69
N GLU A 54 1.49 2.02 -11.49
CA GLU A 54 2.89 2.39 -11.58
C GLU A 54 3.74 1.45 -10.73
N PHE A 55 3.50 1.47 -9.43
CA PHE A 55 4.26 0.63 -8.50
C PHE A 55 4.60 -0.72 -9.15
N LEU A 56 3.63 -1.30 -9.83
CA LEU A 56 3.84 -2.59 -10.51
C LEU A 56 4.93 -2.49 -11.56
N ASN A 57 4.78 -1.51 -12.46
CA ASN A 57 5.76 -1.31 -13.53
C ASN A 57 7.17 -1.21 -12.96
N GLU A 58 7.29 -0.54 -11.82
CA GLU A 58 8.60 -0.38 -11.18
C GLU A 58 9.29 -1.73 -10.97
N GLY A 59 8.49 -2.73 -10.62
CA GLY A 59 9.03 -4.06 -10.40
C GLY A 59 9.12 -4.87 -11.68
N GLY A 60 8.11 -4.73 -12.54
CA GLY A 60 8.11 -5.46 -13.79
C GLY A 60 6.94 -6.43 -13.88
N ARG A 61 5.85 -6.10 -13.21
CA ARG A 61 4.67 -6.97 -13.21
C ARG A 61 3.48 -6.24 -13.82
N ALA A 62 3.75 -5.14 -14.53
CA ALA A 62 2.70 -4.36 -15.17
C ALA A 62 1.68 -5.26 -15.85
N THR A 63 2.17 -6.29 -16.54
CA THR A 63 1.30 -7.22 -17.24
C THR A 63 0.15 -7.68 -16.34
N SER A 64 0.46 -7.95 -15.08
CA SER A 64 -0.55 -8.39 -14.13
C SER A 64 -1.70 -7.40 -14.05
N LYS A 65 -2.91 -7.92 -13.80
CA LYS A 65 -4.09 -7.09 -13.70
C LYS A 65 -4.42 -6.76 -12.24
N ASP A 66 -4.45 -7.79 -11.41
CA ASP A 66 -4.74 -7.62 -9.99
C ASP A 66 -3.52 -7.10 -9.24
N TRP A 67 -3.60 -5.86 -8.76
CA TRP A 67 -2.51 -5.25 -8.03
C TRP A 67 -2.42 -5.80 -6.61
N LYS A 68 -3.57 -6.18 -6.06
CA LYS A 68 -3.62 -6.72 -4.71
C LYS A 68 -2.90 -8.07 -4.64
N GLY A 69 -2.80 -8.75 -5.78
CA GLY A 69 -2.13 -10.03 -5.83
C GLY A 69 -0.63 -9.90 -6.00
N VAL A 70 -0.22 -9.03 -6.90
CA VAL A 70 1.20 -8.81 -7.16
C VAL A 70 1.88 -8.14 -5.97
N ILE A 71 1.23 -7.13 -5.41
CA ILE A 71 1.77 -6.40 -4.27
C ILE A 71 1.66 -7.24 -2.99
N ARG A 72 2.76 -7.33 -2.26
CA ARG A 72 2.78 -8.09 -1.01
C ARG A 72 3.03 -7.19 0.18
N CYS A 73 2.34 -7.45 1.28
CA CYS A 73 2.49 -6.65 2.49
C CYS A 73 2.93 -7.53 3.66
N ASN A 74 4.19 -7.36 4.07
CA ASN A 74 4.73 -8.13 5.18
C ASN A 74 4.74 -9.62 4.86
N GLY A 75 4.93 -9.94 3.59
CA GLY A 75 4.95 -11.32 3.16
C GLY A 75 3.57 -11.86 2.82
N GLU A 76 2.55 -11.05 3.08
CA GLU A 76 1.17 -11.44 2.80
C GLU A 76 0.52 -10.49 1.82
N THR A 77 0.00 -11.03 0.72
CA THR A 77 -0.66 -10.21 -0.30
C THR A 77 -1.79 -9.38 0.30
N LEU A 78 -1.95 -8.17 -0.21
CA LEU A 78 -3.00 -7.28 0.28
C LEU A 78 -4.33 -8.01 0.39
N ARG A 79 -4.67 -8.77 -0.65
CA ARG A 79 -5.91 -9.52 -0.67
C ARG A 79 -6.02 -10.45 0.55
N HIS A 80 -4.91 -11.07 0.92
CA HIS A 80 -4.88 -11.96 2.06
C HIS A 80 -5.19 -11.21 3.35
N LEU A 81 -4.56 -10.06 3.53
CA LEU A 81 -4.78 -9.25 4.72
C LEU A 81 -6.24 -8.83 4.83
N GLU A 82 -6.83 -8.42 3.72
CA GLU A 82 -8.23 -8.00 3.69
C GLU A 82 -9.15 -9.13 4.16
N GLN A 83 -8.87 -10.34 3.71
CA GLN A 83 -9.67 -11.50 4.07
C GLN A 83 -9.67 -11.69 5.59
N LYS A 84 -8.53 -11.41 6.21
CA LYS A 84 -8.39 -11.56 7.66
C LYS A 84 -8.87 -10.30 8.38
N GLY A 85 -9.55 -9.42 7.64
CA GLY A 85 -10.05 -8.20 8.23
C GLY A 85 -8.94 -7.29 8.74
N LEU A 86 -7.82 -7.30 8.04
CA LEU A 86 -6.67 -6.48 8.43
C LEU A 86 -6.58 -5.22 7.57
N LEU A 87 -6.97 -5.35 6.31
CA LEU A 87 -6.94 -4.22 5.38
C LEU A 87 -8.34 -3.68 5.12
N PHE A 88 -8.42 -2.40 4.79
CA PHE A 88 -9.71 -1.76 4.52
C PHE A 88 -10.05 -1.85 3.03
N SER A 89 -9.03 -1.75 2.18
CA SER A 89 -9.23 -1.80 0.74
C SER A 89 -10.33 -0.85 0.30
N GLY A 90 -10.31 0.35 0.86
CA GLY A 90 -11.32 1.34 0.52
C GLY A 90 -12.57 1.23 1.37
N PRO A 91 -13.36 2.31 1.42
CA PRO A 91 -14.60 2.35 2.20
C PRO A 91 -15.68 1.46 1.62
N SER A 92 -16.26 0.60 2.45
CA SER A 92 -17.31 -0.30 2.01
C SER A 92 -18.69 0.19 2.46
N SER A 93 -19.43 0.78 1.53
CA SER A 93 -20.76 1.30 1.82
C SER A 93 -21.70 1.12 0.63
N GLY A 94 -22.99 1.09 0.91
CA GLY A 94 -23.98 0.93 -0.15
C GLY A 94 -25.22 0.20 0.32
N GLY A 1 2.27 22.56 30.01
CA GLY A 1 1.21 21.56 29.99
C GLY A 1 1.77 20.15 30.07
N SER A 2 0.88 19.18 30.30
CA SER A 2 1.28 17.78 30.40
C SER A 2 1.24 17.10 29.04
N SER A 3 2.41 16.70 28.55
CA SER A 3 2.49 16.03 27.25
C SER A 3 1.85 14.65 27.30
N GLY A 4 1.10 14.32 26.26
CA GLY A 4 0.43 13.04 26.21
C GLY A 4 1.40 11.88 26.33
N SER A 5 0.89 10.72 26.72
CA SER A 5 1.72 9.54 26.89
C SER A 5 1.72 8.68 25.63
N SER A 6 2.84 8.04 25.34
CA SER A 6 2.97 7.19 24.16
C SER A 6 2.98 5.72 24.54
N GLY A 7 2.33 4.90 23.73
CA GLY A 7 2.28 3.48 23.99
C GLY A 7 2.83 2.65 22.84
N ASN A 8 1.95 1.93 22.16
CA ASN A 8 2.35 1.09 21.04
C ASN A 8 1.17 0.82 20.11
N ASP A 9 1.28 1.29 18.88
CA ASP A 9 0.22 1.11 17.89
C ASP A 9 0.73 0.27 16.70
N ALA A 10 -0.13 -0.62 16.21
CA ALA A 10 0.23 -1.48 15.09
C ALA A 10 -0.08 -0.80 13.76
N VAL A 11 0.64 -1.19 12.72
CA VAL A 11 0.44 -0.62 11.39
C VAL A 11 -1.04 -0.53 11.05
N ASP A 12 -1.83 -1.48 11.56
CA ASP A 12 -3.26 -1.51 11.31
C ASP A 12 -3.87 -0.13 11.56
N PHE A 13 -3.41 0.54 12.61
CA PHE A 13 -3.91 1.86 12.95
C PHE A 13 -3.46 2.91 11.93
N SER A 14 -2.15 3.03 11.76
CA SER A 14 -1.58 3.98 10.82
C SER A 14 -2.20 3.81 9.43
N PRO A 15 -2.53 4.93 8.78
CA PRO A 15 -3.12 4.92 7.44
C PRO A 15 -2.14 4.49 6.37
N THR A 16 -0.93 4.13 6.80
CA THR A 16 0.11 3.69 5.88
C THR A 16 0.54 2.26 6.16
N LEU A 17 0.77 1.49 5.11
CA LEU A 17 1.19 0.10 5.25
C LEU A 17 2.36 -0.22 4.32
N PRO A 18 3.35 -0.95 4.85
CA PRO A 18 4.54 -1.34 4.08
C PRO A 18 4.22 -2.37 3.00
N VAL A 19 4.33 -1.96 1.74
CA VAL A 19 4.05 -2.85 0.62
C VAL A 19 5.31 -3.11 -0.20
N THR A 20 5.30 -4.19 -0.97
CA THR A 20 6.44 -4.54 -1.80
C THR A 20 5.99 -5.32 -3.04
N CYS A 21 6.54 -4.94 -4.19
CA CYS A 21 6.20 -5.60 -5.45
C CYS A 21 7.46 -5.96 -6.23
N GLY A 22 7.82 -7.23 -6.21
CA GLY A 22 9.01 -7.68 -6.92
C GLY A 22 10.28 -7.07 -6.38
N LYS A 23 10.87 -6.17 -7.15
CA LYS A 23 12.11 -5.51 -6.74
C LYS A 23 11.84 -4.06 -6.35
N ALA A 24 10.57 -3.75 -6.09
CA ALA A 24 10.18 -2.40 -5.70
C ALA A 24 9.66 -2.38 -4.26
N LYS A 25 9.81 -1.23 -3.61
CA LYS A 25 9.36 -1.08 -2.22
C LYS A 25 8.80 0.32 -1.98
N GLY A 26 7.67 0.39 -1.29
CA GLY A 26 7.05 1.67 -1.01
C GLY A 26 6.11 1.61 0.18
N THR A 27 5.10 2.47 0.17
CA THR A 27 4.13 2.52 1.25
C THR A 27 2.75 2.94 0.74
N LEU A 28 1.74 2.12 1.04
CA LEU A 28 0.37 2.41 0.61
C LEU A 28 -0.37 3.24 1.65
N PHE A 29 -1.01 4.31 1.19
CA PHE A 29 -1.75 5.19 2.09
C PHE A 29 -3.26 5.02 1.90
N GLN A 30 -3.88 4.29 2.81
CA GLN A 30 -5.32 4.05 2.74
C GLN A 30 -6.07 5.32 2.34
N GLU A 31 -5.60 6.45 2.86
CA GLU A 31 -6.22 7.74 2.57
C GLU A 31 -6.12 8.07 1.07
N LYS A 32 -4.93 7.85 0.51
CA LYS A 32 -4.70 8.12 -0.90
C LYS A 32 -5.21 6.97 -1.77
N LEU A 33 -5.65 5.89 -1.11
CA LEU A 33 -6.16 4.72 -1.82
C LEU A 33 -7.69 4.76 -1.89
N LYS A 34 -8.31 5.17 -0.79
CA LYS A 34 -9.77 5.26 -0.73
C LYS A 34 -10.33 6.05 -1.91
N GLN A 35 -9.62 7.11 -2.29
CA GLN A 35 -10.04 7.95 -3.40
C GLN A 35 -10.14 7.15 -4.69
N GLY A 36 -9.06 6.44 -5.03
CA GLY A 36 -9.05 5.63 -6.23
C GLY A 36 -7.73 4.90 -6.42
N ALA A 37 -7.80 3.74 -7.08
CA ALA A 37 -6.61 2.94 -7.33
C ALA A 37 -5.76 3.55 -8.44
N SER A 38 -6.15 4.73 -8.90
CA SER A 38 -5.42 5.41 -9.97
C SER A 38 -4.55 6.53 -9.39
N LYS A 39 -4.97 7.07 -8.26
CA LYS A 39 -4.23 8.15 -7.61
C LYS A 39 -2.96 7.62 -6.95
N LYS A 40 -1.88 8.39 -7.04
CA LYS A 40 -0.61 8.00 -6.45
C LYS A 40 -0.74 7.85 -4.93
N CYS A 41 -0.75 6.60 -4.47
CA CYS A 41 -0.86 6.33 -3.04
C CYS A 41 0.37 5.59 -2.53
N ILE A 42 1.01 4.84 -3.41
CA ILE A 42 2.21 4.09 -3.05
C ILE A 42 3.45 4.97 -3.12
N GLN A 43 4.05 5.22 -1.97
CA GLN A 43 5.25 6.05 -1.90
C GLN A 43 6.50 5.18 -1.79
N ASN A 44 7.45 5.38 -2.70
CA ASN A 44 8.70 4.62 -2.69
C ASN A 44 9.65 5.14 -1.62
N GLU A 45 10.77 4.44 -1.45
CA GLU A 45 11.77 4.84 -0.47
C GLU A 45 12.29 6.25 -0.75
N ALA A 46 12.19 6.66 -2.02
CA ALA A 46 12.65 7.99 -2.42
C ALA A 46 11.64 9.06 -2.04
N GLY A 47 10.43 8.62 -1.68
CA GLY A 47 9.40 9.56 -1.29
C GLY A 47 8.41 9.83 -2.42
N ASP A 48 8.83 9.52 -3.64
CA ASP A 48 7.97 9.74 -4.81
C ASP A 48 6.79 8.77 -4.81
N TRP A 49 5.59 9.32 -4.98
CA TRP A 49 4.38 8.52 -5.00
C TRP A 49 4.21 7.82 -6.34
N LEU A 50 3.49 6.71 -6.35
CA LEU A 50 3.24 5.95 -7.57
C LEU A 50 1.83 5.36 -7.58
N THR A 51 1.21 5.33 -8.75
CA THR A 51 -0.14 4.81 -8.90
C THR A 51 -0.14 3.29 -8.75
N VAL A 52 -1.23 2.77 -8.19
CA VAL A 52 -1.37 1.32 -7.99
C VAL A 52 -0.79 0.55 -9.16
N LYS A 53 -0.87 1.14 -10.36
CA LYS A 53 -0.36 0.51 -11.56
C LYS A 53 1.13 0.76 -11.71
N GLU A 54 1.55 2.00 -11.52
CA GLU A 54 2.95 2.37 -11.63
C GLU A 54 3.82 1.48 -10.75
N PHE A 55 3.51 1.45 -9.46
CA PHE A 55 4.26 0.64 -8.51
C PHE A 55 4.59 -0.73 -9.10
N LEU A 56 3.64 -1.30 -9.83
CA LEU A 56 3.81 -2.60 -10.46
C LEU A 56 4.92 -2.55 -11.51
N ASN A 57 4.87 -1.55 -12.37
CA ASN A 57 5.86 -1.39 -13.43
C ASN A 57 7.27 -1.34 -12.84
N GLU A 58 7.39 -0.75 -11.66
CA GLU A 58 8.68 -0.64 -11.00
C GLU A 58 9.32 -2.02 -10.79
N GLY A 59 8.48 -2.99 -10.45
CA GLY A 59 8.97 -4.34 -10.24
C GLY A 59 9.05 -5.14 -11.52
N GLY A 60 8.10 -4.92 -12.42
CA GLY A 60 8.09 -5.64 -13.68
C GLY A 60 6.88 -6.53 -13.82
N ARG A 61 5.78 -6.17 -13.15
CA ARG A 61 4.55 -6.95 -13.20
C ARG A 61 3.42 -6.13 -13.82
N ALA A 62 3.77 -5.06 -14.52
CA ALA A 62 2.78 -4.20 -15.15
C ALA A 62 1.67 -5.02 -15.81
N THR A 63 2.08 -6.03 -16.58
CA THR A 63 1.12 -6.89 -17.27
C THR A 63 0.03 -7.37 -16.33
N SER A 64 0.41 -7.63 -15.08
CA SER A 64 -0.54 -8.09 -14.07
C SER A 64 -1.76 -7.17 -14.00
N LYS A 65 -2.92 -7.76 -13.76
CA LYS A 65 -4.15 -6.98 -13.67
C LYS A 65 -4.52 -6.70 -12.21
N ASP A 66 -4.36 -7.71 -11.37
CA ASP A 66 -4.66 -7.57 -9.94
C ASP A 66 -3.46 -7.03 -9.19
N TRP A 67 -3.59 -5.82 -8.65
CA TRP A 67 -2.52 -5.18 -7.90
C TRP A 67 -2.46 -5.71 -6.47
N LYS A 68 -3.61 -6.13 -5.96
CA LYS A 68 -3.71 -6.66 -4.61
C LYS A 68 -2.97 -7.99 -4.49
N GLY A 69 -2.84 -8.68 -5.62
CA GLY A 69 -2.16 -9.97 -5.63
C GLY A 69 -0.67 -9.83 -5.80
N VAL A 70 -0.26 -8.95 -6.72
CA VAL A 70 1.15 -8.73 -6.99
C VAL A 70 1.83 -8.01 -5.82
N ILE A 71 1.16 -6.99 -5.29
CA ILE A 71 1.69 -6.22 -4.17
C ILE A 71 1.55 -7.00 -2.86
N ARG A 72 2.65 -7.10 -2.13
CA ARG A 72 2.66 -7.82 -0.85
C ARG A 72 3.07 -6.89 0.28
N CYS A 73 2.40 -7.02 1.42
CA CYS A 73 2.70 -6.19 2.59
C CYS A 73 3.82 -6.80 3.41
N ASN A 74 3.56 -7.93 4.04
CA ASN A 74 4.55 -8.61 4.86
C ASN A 74 4.87 -10.00 4.30
N GLY A 75 4.50 -10.21 3.04
CA GLY A 75 4.76 -11.50 2.41
C GLY A 75 3.50 -12.11 1.82
N GLU A 76 2.36 -11.49 2.10
CA GLU A 76 1.08 -11.98 1.60
C GLU A 76 0.44 -10.97 0.66
N THR A 77 -0.62 -11.39 -0.02
CA THR A 77 -1.33 -10.52 -0.96
C THR A 77 -2.36 -9.66 -0.23
N LEU A 78 -2.33 -8.36 -0.52
CA LEU A 78 -3.27 -7.43 0.11
C LEU A 78 -4.66 -8.05 0.25
N ARG A 79 -5.07 -8.80 -0.77
CA ARG A 79 -6.38 -9.45 -0.77
C ARG A 79 -6.52 -10.37 0.45
N HIS A 80 -5.51 -11.21 0.67
CA HIS A 80 -5.53 -12.14 1.79
C HIS A 80 -5.56 -11.38 3.12
N LEU A 81 -4.73 -10.35 3.22
CA LEU A 81 -4.66 -9.55 4.44
C LEU A 81 -6.01 -8.91 4.75
N GLU A 82 -6.65 -8.36 3.72
CA GLU A 82 -7.95 -7.72 3.88
C GLU A 82 -8.96 -8.68 4.52
N GLN A 83 -8.92 -9.94 4.09
CA GLN A 83 -9.82 -10.95 4.62
C GLN A 83 -9.63 -11.12 6.12
N LYS A 84 -8.39 -11.02 6.56
CA LYS A 84 -8.06 -11.17 7.98
C LYS A 84 -8.31 -9.87 8.73
N GLY A 85 -9.03 -8.94 8.09
CA GLY A 85 -9.31 -7.66 8.71
C GLY A 85 -8.07 -6.85 8.98
N LEU A 86 -7.09 -6.98 8.09
CA LEU A 86 -5.83 -6.25 8.24
C LEU A 86 -5.80 -5.04 7.31
N LEU A 87 -6.39 -5.18 6.13
CA LEU A 87 -6.43 -4.11 5.15
C LEU A 87 -7.85 -3.61 4.95
N PHE A 88 -8.01 -2.29 4.90
CA PHE A 88 -9.32 -1.67 4.72
C PHE A 88 -9.79 -1.82 3.27
N SER A 89 -8.84 -1.71 2.34
CA SER A 89 -9.16 -1.83 0.92
C SER A 89 -10.28 -0.88 0.54
N GLY A 90 -10.26 0.32 1.09
CA GLY A 90 -11.29 1.30 0.79
C GLY A 90 -12.67 0.82 1.19
N PRO A 91 -13.65 1.74 1.17
CA PRO A 91 -15.03 1.43 1.53
C PRO A 91 -15.71 0.54 0.49
N SER A 92 -15.26 0.63 -0.76
CA SER A 92 -15.81 -0.16 -1.84
C SER A 92 -17.32 0.06 -1.95
N SER A 93 -17.74 1.31 -1.82
CA SER A 93 -19.16 1.67 -1.90
C SER A 93 -19.34 3.04 -2.54
N GLY A 94 -20.22 3.12 -3.53
CA GLY A 94 -20.47 4.38 -4.20
C GLY A 94 -21.91 4.83 -4.07
N GLY A 1 6.11 14.36 23.88
CA GLY A 1 6.93 14.68 25.04
C GLY A 1 6.98 13.53 26.03
N SER A 2 6.29 13.70 27.16
CA SER A 2 6.27 12.67 28.20
C SER A 2 4.94 11.92 28.19
N SER A 3 5.03 10.59 28.19
CA SER A 3 3.84 9.75 28.19
C SER A 3 3.49 9.28 29.59
N GLY A 4 2.23 8.94 29.80
CA GLY A 4 1.79 8.48 31.10
C GLY A 4 0.88 7.27 31.02
N SER A 5 -0.02 7.27 30.04
CA SER A 5 -0.96 6.17 29.84
C SER A 5 -0.57 5.33 28.64
N SER A 6 -0.70 4.00 28.78
CA SER A 6 -0.36 3.09 27.69
C SER A 6 -1.61 2.44 27.12
N GLY A 7 -1.80 2.58 25.80
CA GLY A 7 -2.95 2.00 25.16
C GLY A 7 -2.59 0.80 24.29
N ASN A 8 -3.61 0.13 23.77
CA ASN A 8 -3.40 -1.04 22.93
C ASN A 8 -3.09 -0.62 21.49
N ASP A 9 -1.96 -1.08 20.98
CA ASP A 9 -1.56 -0.76 19.62
C ASP A 9 -2.37 -1.56 18.60
N ALA A 10 -2.77 -0.90 17.51
CA ALA A 10 -3.56 -1.55 16.47
C ALA A 10 -2.90 -1.37 15.10
N VAL A 11 -3.18 -2.30 14.20
CA VAL A 11 -2.63 -2.24 12.84
C VAL A 11 -3.42 -1.29 11.96
N ASP A 12 -4.72 -1.20 12.21
CA ASP A 12 -5.59 -0.32 11.44
C ASP A 12 -5.50 1.11 11.94
N PHE A 13 -4.50 1.38 12.77
CA PHE A 13 -4.31 2.71 13.32
C PHE A 13 -3.54 3.61 12.34
N SER A 14 -2.43 3.08 11.81
CA SER A 14 -1.61 3.82 10.87
C SER A 14 -2.20 3.76 9.47
N PRO A 15 -2.45 4.93 8.87
CA PRO A 15 -3.02 5.04 7.53
C PRO A 15 -2.04 4.60 6.45
N THR A 16 -0.86 4.14 6.88
CA THR A 16 0.16 3.68 5.95
C THR A 16 0.51 2.22 6.18
N LEU A 17 0.73 1.48 5.11
CA LEU A 17 1.08 0.07 5.20
C LEU A 17 2.23 -0.28 4.27
N PRO A 18 3.15 -1.14 4.75
CA PRO A 18 4.31 -1.57 3.98
C PRO A 18 3.94 -2.47 2.80
N VAL A 19 4.31 -2.04 1.60
CA VAL A 19 4.02 -2.82 0.39
C VAL A 19 5.27 -3.03 -0.44
N THR A 20 5.32 -4.16 -1.14
CA THR A 20 6.47 -4.48 -1.98
C THR A 20 6.03 -5.26 -3.23
N CYS A 21 6.48 -4.81 -4.39
CA CYS A 21 6.13 -5.47 -5.65
C CYS A 21 7.39 -5.83 -6.43
N GLY A 22 7.78 -7.10 -6.37
CA GLY A 22 8.96 -7.55 -7.09
C GLY A 22 10.19 -6.74 -6.73
N LYS A 23 10.63 -5.90 -7.66
CA LYS A 23 11.82 -5.06 -7.44
C LYS A 23 11.41 -3.66 -7.01
N ALA A 24 10.17 -3.51 -6.56
CA ALA A 24 9.66 -2.22 -6.12
C ALA A 24 9.29 -2.25 -4.64
N LYS A 25 9.60 -1.17 -3.94
CA LYS A 25 9.31 -1.07 -2.51
C LYS A 25 8.83 0.33 -2.16
N GLY A 26 7.74 0.40 -1.38
CA GLY A 26 7.21 1.68 -0.99
C GLY A 26 6.23 1.58 0.17
N THR A 27 5.24 2.45 0.19
CA THR A 27 4.23 2.44 1.25
C THR A 27 2.88 2.89 0.73
N LEU A 28 1.83 2.15 1.08
CA LEU A 28 0.47 2.47 0.65
C LEU A 28 -0.24 3.31 1.70
N PHE A 29 -0.90 4.37 1.25
CA PHE A 29 -1.63 5.25 2.15
C PHE A 29 -3.14 5.11 1.95
N GLN A 30 -3.78 4.39 2.86
CA GLN A 30 -5.21 4.17 2.79
C GLN A 30 -5.95 5.46 2.44
N GLU A 31 -5.49 6.57 3.01
CA GLU A 31 -6.09 7.87 2.77
C GLU A 31 -6.00 8.25 1.29
N LYS A 32 -4.81 8.05 0.71
CA LYS A 32 -4.60 8.36 -0.69
C LYS A 32 -5.10 7.24 -1.59
N LEU A 33 -5.52 6.13 -0.97
CA LEU A 33 -6.04 4.99 -1.72
C LEU A 33 -7.56 5.02 -1.78
N LYS A 34 -8.18 5.47 -0.70
CA LYS A 34 -9.63 5.55 -0.63
C LYS A 34 -10.19 6.40 -1.76
N GLN A 35 -9.45 7.45 -2.13
CA GLN A 35 -9.87 8.34 -3.20
C GLN A 35 -9.93 7.60 -4.53
N GLY A 36 -8.95 6.73 -4.77
CA GLY A 36 -8.91 5.98 -6.01
C GLY A 36 -7.54 5.40 -6.30
N ALA A 37 -7.46 4.08 -6.39
CA ALA A 37 -6.20 3.41 -6.66
C ALA A 37 -5.41 4.14 -7.74
N SER A 38 -6.11 4.59 -8.77
CA SER A 38 -5.48 5.30 -9.88
C SER A 38 -4.58 6.43 -9.36
N LYS A 39 -5.05 7.12 -8.33
CA LYS A 39 -4.29 8.21 -7.73
C LYS A 39 -3.03 7.70 -7.06
N LYS A 40 -1.96 8.48 -7.14
CA LYS A 40 -0.69 8.10 -6.54
C LYS A 40 -0.83 7.95 -5.03
N CYS A 41 -0.84 6.71 -4.56
CA CYS A 41 -0.96 6.42 -3.13
C CYS A 41 0.28 5.71 -2.61
N ILE A 42 0.96 5.00 -3.49
CA ILE A 42 2.16 4.27 -3.11
C ILE A 42 3.39 5.17 -3.13
N GLN A 43 3.89 5.53 -1.95
CA GLN A 43 5.06 6.39 -1.84
C GLN A 43 6.33 5.56 -1.72
N ASN A 44 7.22 5.72 -2.68
CA ASN A 44 8.49 4.98 -2.68
C ASN A 44 9.46 5.58 -1.66
N GLU A 45 10.60 4.92 -1.49
CA GLU A 45 11.62 5.38 -0.55
C GLU A 45 12.08 6.79 -0.91
N ALA A 46 11.94 7.15 -2.18
CA ALA A 46 12.35 8.46 -2.65
C ALA A 46 11.25 9.50 -2.41
N GLY A 47 10.16 9.06 -1.77
CA GLY A 47 9.06 9.96 -1.49
C GLY A 47 8.15 10.15 -2.69
N ASP A 48 8.66 9.80 -3.87
CA ASP A 48 7.89 9.94 -5.10
C ASP A 48 6.70 8.98 -5.11
N TRP A 49 5.50 9.55 -5.06
CA TRP A 49 4.28 8.74 -5.07
C TRP A 49 4.09 8.04 -6.41
N LEU A 50 3.46 6.87 -6.39
CA LEU A 50 3.22 6.10 -7.60
C LEU A 50 1.84 5.45 -7.57
N THR A 51 1.17 5.45 -8.72
CA THR A 51 -0.16 4.86 -8.83
C THR A 51 -0.11 3.35 -8.68
N VAL A 52 -1.14 2.79 -8.04
CA VAL A 52 -1.21 1.35 -7.83
C VAL A 52 -0.61 0.60 -9.00
N LYS A 53 -0.75 1.15 -10.20
CA LYS A 53 -0.22 0.54 -11.41
C LYS A 53 1.28 0.79 -11.53
N GLU A 54 1.66 2.05 -11.50
CA GLU A 54 3.07 2.42 -11.61
C GLU A 54 3.94 1.54 -10.71
N PHE A 55 3.54 1.41 -9.46
CA PHE A 55 4.27 0.59 -8.50
C PHE A 55 4.62 -0.77 -9.10
N LEU A 56 3.66 -1.37 -9.78
CA LEU A 56 3.86 -2.68 -10.40
C LEU A 56 4.96 -2.61 -11.45
N ASN A 57 4.84 -1.67 -12.38
CA ASN A 57 5.83 -1.51 -13.44
C ASN A 57 7.24 -1.48 -12.86
N GLU A 58 7.40 -0.83 -11.72
CA GLU A 58 8.70 -0.74 -11.07
C GLU A 58 9.28 -2.13 -10.81
N GLY A 59 8.43 -3.05 -10.38
CA GLY A 59 8.86 -4.39 -10.10
C GLY A 59 8.91 -5.26 -11.34
N GLY A 60 7.96 -5.04 -12.25
CA GLY A 60 7.91 -5.82 -13.47
C GLY A 60 6.63 -6.61 -13.60
N ARG A 61 5.55 -6.09 -13.02
CA ARG A 61 4.25 -6.75 -13.07
C ARG A 61 3.23 -5.89 -13.79
N ALA A 62 3.71 -4.91 -14.56
CA ALA A 62 2.83 -4.02 -15.31
C ALA A 62 1.72 -4.80 -16.01
N THR A 63 2.09 -5.93 -16.60
CA THR A 63 1.12 -6.76 -17.31
C THR A 63 0.05 -7.27 -16.37
N SER A 64 0.42 -7.48 -15.10
CA SER A 64 -0.52 -7.97 -14.11
C SER A 64 -1.75 -7.08 -14.03
N LYS A 65 -2.90 -7.69 -13.76
CA LYS A 65 -4.16 -6.95 -13.65
C LYS A 65 -4.49 -6.65 -12.19
N ASP A 66 -4.45 -7.69 -11.36
CA ASP A 66 -4.74 -7.53 -9.94
C ASP A 66 -3.49 -7.10 -9.16
N TRP A 67 -3.51 -5.86 -8.67
CA TRP A 67 -2.38 -5.33 -7.92
C TRP A 67 -2.34 -5.93 -6.51
N LYS A 68 -3.51 -6.32 -6.00
CA LYS A 68 -3.61 -6.90 -4.67
C LYS A 68 -2.90 -8.24 -4.61
N GLY A 69 -2.74 -8.87 -5.77
CA GLY A 69 -2.08 -10.17 -5.83
C GLY A 69 -0.58 -10.05 -5.99
N VAL A 70 -0.15 -9.15 -6.88
CA VAL A 70 1.28 -8.95 -7.13
C VAL A 70 1.95 -8.30 -5.92
N ILE A 71 1.28 -7.33 -5.33
CA ILE A 71 1.81 -6.63 -4.17
C ILE A 71 1.57 -7.41 -2.88
N ARG A 72 2.65 -7.70 -2.16
CA ARG A 72 2.56 -8.46 -0.92
C ARG A 72 2.90 -7.57 0.28
N CYS A 73 2.16 -7.75 1.37
CA CYS A 73 2.39 -6.97 2.59
C CYS A 73 2.69 -7.89 3.77
N ASN A 74 3.92 -7.80 4.26
CA ASN A 74 4.35 -8.62 5.39
C ASN A 74 4.33 -10.11 5.03
N GLY A 75 4.61 -10.40 3.76
CA GLY A 75 4.62 -11.78 3.30
C GLY A 75 3.24 -12.26 2.89
N GLU A 76 2.22 -11.49 3.22
CA GLU A 76 0.85 -11.84 2.87
C GLU A 76 0.28 -10.88 1.84
N THR A 77 -0.26 -11.43 0.75
CA THR A 77 -0.84 -10.63 -0.31
C THR A 77 -1.94 -9.73 0.22
N LEU A 78 -1.98 -8.49 -0.26
CA LEU A 78 -2.99 -7.53 0.17
C LEU A 78 -4.36 -8.20 0.28
N ARG A 79 -4.70 -9.01 -0.71
CA ARG A 79 -5.98 -9.71 -0.72
C ARG A 79 -6.13 -10.58 0.52
N HIS A 80 -5.03 -11.24 0.91
CA HIS A 80 -5.04 -12.11 2.08
C HIS A 80 -5.38 -11.32 3.34
N LEU A 81 -4.69 -10.21 3.54
CA LEU A 81 -4.92 -9.36 4.71
C LEU A 81 -6.32 -8.76 4.68
N GLU A 82 -6.76 -8.34 3.50
CA GLU A 82 -8.08 -7.74 3.33
C GLU A 82 -9.17 -8.72 3.76
N GLN A 83 -9.04 -9.97 3.34
CA GLN A 83 -10.01 -11.00 3.69
C GLN A 83 -10.10 -11.19 5.20
N LYS A 84 -8.96 -11.09 5.88
CA LYS A 84 -8.91 -11.24 7.32
C LYS A 84 -9.36 -9.96 8.02
N GLY A 85 -9.94 -9.04 7.25
CA GLY A 85 -10.40 -7.80 7.81
C GLY A 85 -9.28 -6.95 8.38
N LEU A 86 -8.11 -7.02 7.76
CA LEU A 86 -6.95 -6.27 8.21
C LEU A 86 -6.73 -5.04 7.33
N LEU A 87 -7.01 -5.18 6.04
CA LEU A 87 -6.83 -4.08 5.09
C LEU A 87 -8.19 -3.51 4.68
N PHE A 88 -8.39 -2.22 4.99
CA PHE A 88 -9.64 -1.56 4.64
C PHE A 88 -9.95 -1.70 3.16
N SER A 89 -8.90 -1.67 2.34
CA SER A 89 -9.07 -1.80 0.89
C SER A 89 -10.07 -0.78 0.37
N GLY A 90 -9.99 0.44 0.89
CA GLY A 90 -10.90 1.49 0.46
C GLY A 90 -12.20 1.48 1.25
N PRO A 91 -13.20 2.20 0.74
CA PRO A 91 -14.52 2.30 1.38
C PRO A 91 -15.29 0.98 1.32
N SER A 92 -16.48 0.97 1.91
CA SER A 92 -17.32 -0.22 1.93
C SER A 92 -18.63 0.03 1.20
N SER A 93 -18.83 -0.69 0.09
CA SER A 93 -20.03 -0.55 -0.72
C SER A 93 -21.01 -1.70 -0.45
N GLY A 94 -22.28 -1.47 -0.77
CA GLY A 94 -23.28 -2.50 -0.55
C GLY A 94 -23.74 -3.15 -1.85
N GLY A 1 3.48 13.70 25.04
CA GLY A 1 2.71 13.42 26.24
C GLY A 1 3.55 13.50 27.50
N SER A 2 3.13 14.33 28.44
CA SER A 2 3.85 14.50 29.69
C SER A 2 4.30 13.15 30.25
N SER A 3 3.37 12.20 30.29
CA SER A 3 3.66 10.87 30.80
C SER A 3 2.68 9.84 30.25
N GLY A 4 3.21 8.78 29.65
CA GLY A 4 2.37 7.74 29.08
C GLY A 4 2.50 7.65 27.57
N SER A 5 2.37 6.43 27.05
CA SER A 5 2.47 6.20 25.61
C SER A 5 1.35 6.91 24.86
N SER A 6 1.70 8.02 24.20
CA SER A 6 0.71 8.79 23.44
C SER A 6 -0.26 7.87 22.72
N GLY A 7 0.27 6.82 22.10
CA GLY A 7 -0.57 5.88 21.38
C GLY A 7 0.03 4.49 21.33
N ASN A 8 -0.75 3.52 20.86
CA ASN A 8 -0.30 2.14 20.77
C ASN A 8 0.20 1.82 19.36
N ASP A 9 0.75 0.62 19.20
CA ASP A 9 1.27 0.19 17.90
C ASP A 9 0.36 -0.85 17.27
N ALA A 10 -0.06 -0.59 16.03
CA ALA A 10 -0.94 -1.51 15.31
C ALA A 10 -0.80 -1.34 13.80
N VAL A 11 -1.48 -2.20 13.05
CA VAL A 11 -1.43 -2.14 11.59
C VAL A 11 -2.63 -1.37 11.03
N ASP A 12 -3.81 -1.69 11.54
CA ASP A 12 -5.03 -1.03 11.09
C ASP A 12 -5.05 0.44 11.49
N PHE A 13 -4.56 0.72 12.70
CA PHE A 13 -4.52 2.09 13.20
C PHE A 13 -3.81 3.01 12.22
N SER A 14 -2.59 2.63 11.83
CA SER A 14 -1.81 3.42 10.89
C SER A 14 -2.38 3.32 9.48
N PRO A 15 -2.69 4.48 8.88
CA PRO A 15 -3.25 4.55 7.52
C PRO A 15 -2.24 4.16 6.46
N THR A 16 -1.05 3.76 6.90
CA THR A 16 0.01 3.35 5.98
C THR A 16 0.41 1.90 6.20
N LEU A 17 0.63 1.18 5.10
CA LEU A 17 1.01 -0.22 5.18
C LEU A 17 2.19 -0.52 4.24
N PRO A 18 3.09 -1.39 4.68
CA PRO A 18 4.27 -1.78 3.90
C PRO A 18 3.91 -2.63 2.69
N VAL A 19 4.27 -2.15 1.50
CA VAL A 19 3.97 -2.86 0.26
C VAL A 19 5.24 -3.08 -0.56
N THR A 20 5.30 -4.18 -1.28
CA THR A 20 6.45 -4.50 -2.12
C THR A 20 6.03 -5.24 -3.38
N CYS A 21 6.54 -4.79 -4.52
CA CYS A 21 6.21 -5.42 -5.80
C CYS A 21 7.48 -5.72 -6.58
N GLY A 22 7.89 -6.99 -6.59
CA GLY A 22 9.09 -7.38 -7.30
C GLY A 22 10.30 -6.57 -6.90
N LYS A 23 10.75 -5.70 -7.80
CA LYS A 23 11.91 -4.86 -7.54
C LYS A 23 11.48 -3.47 -7.07
N ALA A 24 10.23 -3.36 -6.64
CA ALA A 24 9.69 -2.09 -6.16
C ALA A 24 9.32 -2.18 -4.69
N LYS A 25 9.61 -1.12 -3.93
CA LYS A 25 9.30 -1.08 -2.51
C LYS A 25 8.79 0.30 -2.11
N GLY A 26 7.71 0.32 -1.32
CA GLY A 26 7.15 1.59 -0.88
C GLY A 26 6.15 1.41 0.24
N THR A 27 5.13 2.27 0.26
CA THR A 27 4.10 2.20 1.29
C THR A 27 2.75 2.67 0.75
N LEU A 28 1.69 1.94 1.09
CA LEU A 28 0.35 2.28 0.64
C LEU A 28 -0.39 3.10 1.70
N PHE A 29 -1.05 4.16 1.26
CA PHE A 29 -1.80 5.03 2.17
C PHE A 29 -3.30 4.90 1.92
N GLN A 30 -3.97 4.15 2.79
CA GLN A 30 -5.41 3.95 2.67
C GLN A 30 -6.13 5.27 2.40
N GLU A 31 -5.57 6.36 2.93
CA GLU A 31 -6.16 7.69 2.74
C GLU A 31 -6.03 8.13 1.29
N LYS A 32 -4.86 7.91 0.70
CA LYS A 32 -4.61 8.29 -0.69
C LYS A 32 -5.09 7.21 -1.65
N LEU A 33 -5.51 6.08 -1.09
CA LEU A 33 -6.01 4.97 -1.90
C LEU A 33 -7.54 4.96 -1.94
N LYS A 34 -8.16 5.25 -0.80
CA LYS A 34 -9.61 5.29 -0.71
C LYS A 34 -10.21 6.15 -1.80
N GLN A 35 -9.48 7.20 -2.19
CA GLN A 35 -9.94 8.10 -3.23
C GLN A 35 -9.97 7.41 -4.59
N GLY A 36 -8.96 6.60 -4.85
CA GLY A 36 -8.88 5.89 -6.12
C GLY A 36 -7.50 5.34 -6.40
N ALA A 37 -7.40 4.04 -6.60
CA ALA A 37 -6.12 3.40 -6.89
C ALA A 37 -5.32 4.19 -7.90
N SER A 38 -6.01 4.72 -8.91
CA SER A 38 -5.37 5.51 -9.95
C SER A 38 -4.48 6.59 -9.35
N LYS A 39 -4.94 7.17 -8.26
CA LYS A 39 -4.19 8.23 -7.58
C LYS A 39 -2.92 7.66 -6.94
N LYS A 40 -1.85 8.46 -6.96
CA LYS A 40 -0.57 8.03 -6.39
C LYS A 40 -0.69 7.85 -4.88
N CYS A 41 -0.75 6.60 -4.45
CA CYS A 41 -0.86 6.28 -3.03
C CYS A 41 0.35 5.49 -2.54
N ILE A 42 1.01 4.81 -3.47
CA ILE A 42 2.18 4.00 -3.14
C ILE A 42 3.45 4.86 -3.17
N GLN A 43 3.98 5.15 -1.99
CA GLN A 43 5.19 5.96 -1.88
C GLN A 43 6.43 5.07 -1.83
N ASN A 44 7.31 5.22 -2.82
CA ASN A 44 8.53 4.44 -2.88
C ASN A 44 9.54 4.93 -1.86
N GLU A 45 10.65 4.20 -1.73
CA GLU A 45 11.70 4.56 -0.79
C GLU A 45 12.23 5.97 -1.08
N ALA A 46 12.11 6.39 -2.33
CA ALA A 46 12.57 7.72 -2.74
C ALA A 46 11.56 8.79 -2.33
N GLY A 47 10.37 8.36 -1.93
CA GLY A 47 9.34 9.30 -1.52
C GLY A 47 8.39 9.65 -2.65
N ASP A 48 8.81 9.35 -3.88
CA ASP A 48 7.98 9.64 -5.05
C ASP A 48 6.78 8.70 -5.11
N TRP A 49 5.59 9.26 -4.92
CA TRP A 49 4.36 8.47 -4.94
C TRP A 49 4.16 7.83 -6.31
N LEU A 50 3.51 6.67 -6.33
CA LEU A 50 3.26 5.96 -7.58
C LEU A 50 1.86 5.34 -7.57
N THR A 51 1.19 5.39 -8.73
CA THR A 51 -0.15 4.84 -8.85
C THR A 51 -0.14 3.32 -8.72
N VAL A 52 -1.19 2.77 -8.12
CA VAL A 52 -1.29 1.33 -7.93
C VAL A 52 -0.70 0.57 -9.12
N LYS A 53 -0.77 1.18 -10.29
CA LYS A 53 -0.24 0.58 -11.50
C LYS A 53 1.25 0.84 -11.65
N GLU A 54 1.61 2.12 -11.62
CA GLU A 54 3.02 2.52 -11.75
C GLU A 54 3.91 1.67 -10.84
N PHE A 55 3.49 1.54 -9.58
CA PHE A 55 4.25 0.76 -8.61
C PHE A 55 4.62 -0.60 -9.18
N LEU A 56 3.66 -1.25 -9.82
CA LEU A 56 3.89 -2.57 -10.42
C LEU A 56 4.98 -2.50 -11.50
N ASN A 57 4.84 -1.53 -12.40
CA ASN A 57 5.81 -1.36 -13.48
C ASN A 57 7.23 -1.27 -12.93
N GLU A 58 7.37 -0.60 -11.78
CA GLU A 58 8.67 -0.44 -11.16
C GLU A 58 9.33 -1.79 -10.89
N GLY A 59 8.50 -2.78 -10.54
CA GLY A 59 9.01 -4.11 -10.26
C GLY A 59 9.11 -4.96 -11.51
N GLY A 60 8.14 -4.80 -12.41
CA GLY A 60 8.15 -5.56 -13.64
C GLY A 60 6.97 -6.52 -13.72
N ARG A 61 5.89 -6.18 -13.03
CA ARG A 61 4.70 -7.02 -13.03
C ARG A 61 3.51 -6.27 -13.62
N ALA A 62 3.79 -5.15 -14.26
CA ALA A 62 2.74 -4.34 -14.88
C ALA A 62 1.74 -5.21 -15.62
N THR A 63 2.24 -6.25 -16.29
CA THR A 63 1.38 -7.16 -17.04
C THR A 63 0.19 -7.61 -16.22
N SER A 64 0.44 -7.98 -14.96
CA SER A 64 -0.62 -8.42 -14.06
C SER A 64 -1.75 -7.41 -14.02
N LYS A 65 -2.97 -7.89 -13.77
CA LYS A 65 -4.14 -7.04 -13.70
C LYS A 65 -4.51 -6.76 -12.24
N ASP A 66 -4.28 -7.74 -11.38
CA ASP A 66 -4.60 -7.59 -9.97
C ASP A 66 -3.38 -7.12 -9.18
N TRP A 67 -3.43 -5.88 -8.68
CA TRP A 67 -2.33 -5.32 -7.92
C TRP A 67 -2.33 -5.86 -6.49
N LYS A 68 -3.50 -6.27 -6.01
CA LYS A 68 -3.63 -6.80 -4.66
C LYS A 68 -2.91 -8.14 -4.54
N GLY A 69 -2.71 -8.80 -5.66
CA GLY A 69 -2.04 -10.09 -5.66
C GLY A 69 -0.54 -9.97 -5.82
N VAL A 70 -0.12 -9.09 -6.73
CA VAL A 70 1.29 -8.87 -6.99
C VAL A 70 1.97 -8.20 -5.81
N ILE A 71 1.28 -7.22 -5.21
CA ILE A 71 1.81 -6.49 -4.06
C ILE A 71 1.68 -7.32 -2.79
N ARG A 72 2.80 -7.50 -2.10
CA ARG A 72 2.82 -8.27 -0.85
C ARG A 72 3.16 -7.38 0.33
N CYS A 73 2.37 -7.48 1.40
CA CYS A 73 2.59 -6.68 2.59
C CYS A 73 2.96 -7.57 3.78
N ASN A 74 4.22 -7.47 4.22
CA ASN A 74 4.69 -8.27 5.35
C ASN A 74 4.64 -9.76 5.01
N GLY A 75 4.85 -10.08 3.74
CA GLY A 75 4.82 -11.47 3.31
C GLY A 75 3.43 -11.95 2.98
N GLU A 76 2.44 -11.11 3.23
CA GLU A 76 1.05 -11.46 2.95
C GLU A 76 0.44 -10.51 1.92
N THR A 77 -0.08 -11.07 0.84
CA THR A 77 -0.69 -10.28 -0.22
C THR A 77 -1.80 -9.38 0.33
N LEU A 78 -1.87 -8.16 -0.18
CA LEU A 78 -2.88 -7.20 0.26
C LEU A 78 -4.25 -7.88 0.37
N ARG A 79 -4.59 -8.68 -0.64
CA ARG A 79 -5.87 -9.38 -0.65
C ARG A 79 -6.07 -10.18 0.63
N HIS A 80 -5.01 -10.86 1.07
CA HIS A 80 -5.07 -11.67 2.28
C HIS A 80 -5.47 -10.81 3.48
N LEU A 81 -4.89 -9.62 3.57
CA LEU A 81 -5.20 -8.71 4.67
C LEU A 81 -6.67 -8.34 4.69
N GLU A 82 -7.23 -8.08 3.50
CA GLU A 82 -8.63 -7.71 3.38
C GLU A 82 -9.53 -8.84 3.88
N GLN A 83 -9.18 -10.07 3.53
CA GLN A 83 -9.95 -11.24 3.93
C GLN A 83 -10.05 -11.33 5.45
N LYS A 84 -8.97 -10.94 6.13
CA LYS A 84 -8.93 -10.98 7.59
C LYS A 84 -9.53 -9.71 8.18
N GLY A 85 -10.16 -8.90 7.32
CA GLY A 85 -10.77 -7.67 7.79
C GLY A 85 -9.75 -6.70 8.34
N LEU A 86 -8.54 -6.74 7.81
CA LEU A 86 -7.47 -5.85 8.27
C LEU A 86 -7.25 -4.71 7.29
N LEU A 87 -7.36 -5.02 5.99
CA LEU A 87 -7.16 -4.02 4.95
C LEU A 87 -8.50 -3.62 4.34
N PHE A 88 -8.65 -2.34 4.03
CA PHE A 88 -9.88 -1.82 3.45
C PHE A 88 -9.85 -1.97 1.93
N SER A 89 -8.67 -1.78 1.34
CA SER A 89 -8.51 -1.89 -0.11
C SER A 89 -9.55 -1.04 -0.84
N GLY A 90 -9.76 0.18 -0.35
CA GLY A 90 -10.74 1.06 -0.96
C GLY A 90 -12.15 0.74 -0.55
N PRO A 91 -13.09 1.64 -0.89
CA PRO A 91 -14.51 1.47 -0.56
C PRO A 91 -15.15 0.34 -1.36
N SER A 92 -14.36 -0.33 -2.18
CA SER A 92 -14.86 -1.42 -3.01
C SER A 92 -15.60 -2.44 -2.16
N SER A 93 -16.94 -2.44 -2.27
CA SER A 93 -17.76 -3.37 -1.51
C SER A 93 -17.63 -4.79 -2.05
N GLY A 94 -17.62 -5.76 -1.14
CA GLY A 94 -17.49 -7.15 -1.54
C GLY A 94 -16.07 -7.53 -1.87
N GLY A 1 4.17 27.86 17.51
CA GLY A 1 3.03 27.78 18.39
C GLY A 1 2.86 26.40 19.00
N SER A 2 2.80 25.38 18.16
CA SER A 2 2.63 24.01 18.63
C SER A 2 3.51 23.06 17.82
N SER A 3 3.71 21.86 18.35
CA SER A 3 4.53 20.85 17.69
C SER A 3 3.98 20.52 16.30
N GLY A 4 2.66 20.37 16.22
CA GLY A 4 2.03 20.06 14.96
C GLY A 4 0.54 19.79 15.10
N SER A 5 -0.02 19.05 14.15
CA SER A 5 -1.45 18.72 14.18
C SER A 5 -1.69 17.38 14.86
N SER A 6 -2.85 17.25 15.49
CA SER A 6 -3.20 16.02 16.19
C SER A 6 -3.88 15.03 15.24
N GLY A 7 -3.29 13.86 15.09
CA GLY A 7 -3.85 12.85 14.20
C GLY A 7 -4.73 11.86 14.94
N ASN A 8 -4.83 10.64 14.41
CA ASN A 8 -5.64 9.60 15.02
C ASN A 8 -5.04 9.15 16.34
N ASP A 9 -5.87 9.08 17.37
CA ASP A 9 -5.42 8.65 18.69
C ASP A 9 -5.03 7.17 18.69
N ALA A 10 -5.38 6.48 17.61
CA ALA A 10 -5.06 5.06 17.48
C ALA A 10 -3.63 4.86 16.99
N VAL A 11 -2.88 4.01 17.69
CA VAL A 11 -1.50 3.73 17.32
C VAL A 11 -1.37 2.35 16.69
N ASP A 12 -2.25 1.44 17.09
CA ASP A 12 -2.24 0.09 16.56
C ASP A 12 -2.92 0.02 15.19
N PHE A 13 -3.11 1.18 14.58
CA PHE A 13 -3.75 1.26 13.28
C PHE A 13 -3.31 2.51 12.53
N SER A 14 -2.42 2.33 11.56
CA SER A 14 -1.91 3.44 10.76
C SER A 14 -2.47 3.39 9.34
N PRO A 15 -2.73 4.58 8.77
CA PRO A 15 -3.26 4.70 7.41
C PRO A 15 -2.23 4.32 6.35
N THR A 16 -1.06 3.89 6.80
CA THR A 16 0.01 3.50 5.89
C THR A 16 0.39 2.04 6.09
N LEU A 17 0.63 1.33 4.99
CA LEU A 17 1.00 -0.07 5.04
C LEU A 17 2.18 -0.37 4.12
N PRO A 18 3.13 -1.18 4.61
CA PRO A 18 4.31 -1.55 3.84
C PRO A 18 3.98 -2.48 2.67
N VAL A 19 4.22 -1.99 1.45
CA VAL A 19 3.96 -2.77 0.25
C VAL A 19 5.23 -3.01 -0.55
N THR A 20 5.25 -4.10 -1.31
CA THR A 20 6.41 -4.43 -2.12
C THR A 20 6.01 -5.22 -3.36
N CYS A 21 6.45 -4.76 -4.53
CA CYS A 21 6.14 -5.42 -5.79
C CYS A 21 7.40 -5.72 -6.58
N GLY A 22 7.83 -6.97 -6.56
CA GLY A 22 9.04 -7.36 -7.28
C GLY A 22 10.24 -6.54 -6.89
N LYS A 23 10.68 -5.67 -7.79
CA LYS A 23 11.83 -4.82 -7.55
C LYS A 23 11.39 -3.43 -7.08
N ALA A 24 10.14 -3.34 -6.64
CA ALA A 24 9.60 -2.07 -6.16
C ALA A 24 9.18 -2.16 -4.70
N LYS A 25 9.43 -1.10 -3.95
CA LYS A 25 9.08 -1.07 -2.53
C LYS A 25 8.59 0.32 -2.12
N GLY A 26 7.50 0.36 -1.36
CA GLY A 26 6.97 1.64 -0.92
C GLY A 26 5.99 1.48 0.24
N THR A 27 4.96 2.30 0.25
CA THR A 27 3.95 2.25 1.31
C THR A 27 2.60 2.76 0.82
N LEU A 28 1.57 1.96 1.03
CA LEU A 28 0.22 2.32 0.60
C LEU A 28 -0.48 3.17 1.66
N PHE A 29 -1.08 4.27 1.22
CA PHE A 29 -1.79 5.17 2.13
C PHE A 29 -3.29 5.11 1.91
N GLN A 30 -3.98 4.39 2.79
CA GLN A 30 -5.42 4.25 2.70
C GLN A 30 -6.09 5.58 2.35
N GLU A 31 -5.58 6.65 2.95
CA GLU A 31 -6.12 7.98 2.71
C GLU A 31 -6.00 8.37 1.24
N LYS A 32 -4.84 8.08 0.65
CA LYS A 32 -4.60 8.39 -0.76
C LYS A 32 -5.19 7.31 -1.67
N LEU A 33 -5.61 6.20 -1.06
CA LEU A 33 -6.19 5.10 -1.82
C LEU A 33 -7.70 5.27 -1.93
N LYS A 34 -8.31 5.82 -0.89
CA LYS A 34 -9.76 6.05 -0.87
C LYS A 34 -10.21 6.74 -2.16
N GLN A 35 -9.50 7.79 -2.54
CA GLN A 35 -9.83 8.54 -3.75
C GLN A 35 -10.02 7.60 -4.93
N GLY A 36 -9.02 6.76 -5.20
CA GLY A 36 -9.10 5.83 -6.30
C GLY A 36 -7.85 5.00 -6.45
N ALA A 37 -7.98 3.83 -7.08
CA ALA A 37 -6.84 2.94 -7.28
C ALA A 37 -6.00 3.39 -8.48
N SER A 38 -6.23 4.63 -8.93
CA SER A 38 -5.49 5.17 -10.05
C SER A 38 -4.57 6.30 -9.62
N LYS A 39 -4.80 6.81 -8.40
CA LYS A 39 -3.98 7.88 -7.86
C LYS A 39 -2.73 7.34 -7.19
N LYS A 40 -1.71 8.17 -7.07
CA LYS A 40 -0.45 7.77 -6.45
C LYS A 40 -0.62 7.63 -4.94
N CYS A 41 -0.66 6.39 -4.45
CA CYS A 41 -0.81 6.14 -3.02
C CYS A 41 0.41 5.40 -2.47
N ILE A 42 1.07 4.65 -3.34
CA ILE A 42 2.26 3.89 -2.93
C ILE A 42 3.52 4.76 -3.02
N GLN A 43 4.02 5.17 -1.86
CA GLN A 43 5.22 6.00 -1.80
C GLN A 43 6.47 5.13 -1.60
N ASN A 44 7.34 5.12 -2.60
CA ASN A 44 8.57 4.34 -2.54
C ASN A 44 9.55 4.96 -1.54
N GLU A 45 10.70 4.31 -1.37
CA GLU A 45 11.72 4.79 -0.44
C GLU A 45 12.20 6.18 -0.84
N ALA A 46 12.10 6.49 -2.13
CA ALA A 46 12.52 7.78 -2.64
C ALA A 46 11.51 8.87 -2.28
N GLY A 47 10.47 8.49 -1.56
CA GLY A 47 9.44 9.44 -1.17
C GLY A 47 8.44 9.69 -2.26
N ASP A 48 8.82 9.37 -3.50
CA ASP A 48 7.93 9.57 -4.64
C ASP A 48 6.75 8.62 -4.58
N TRP A 49 5.58 9.12 -4.99
CA TRP A 49 4.36 8.31 -4.99
C TRP A 49 4.16 7.61 -6.33
N LEU A 50 3.62 6.40 -6.29
CA LEU A 50 3.38 5.63 -7.51
C LEU A 50 1.94 5.12 -7.55
N THR A 51 1.33 5.19 -8.73
CA THR A 51 -0.05 4.73 -8.90
C THR A 51 -0.14 3.22 -8.79
N VAL A 52 -1.23 2.73 -8.22
CA VAL A 52 -1.44 1.29 -8.06
C VAL A 52 -0.84 0.52 -9.23
N LYS A 53 -0.85 1.13 -10.40
CA LYS A 53 -0.31 0.49 -11.60
C LYS A 53 1.19 0.76 -11.72
N GLU A 54 1.58 2.03 -11.59
CA GLU A 54 2.98 2.42 -11.68
C GLU A 54 3.85 1.55 -10.77
N PHE A 55 3.56 1.59 -9.47
CA PHE A 55 4.32 0.81 -8.50
C PHE A 55 4.69 -0.54 -9.07
N LEU A 56 3.74 -1.20 -9.73
CA LEU A 56 3.97 -2.50 -10.33
C LEU A 56 5.06 -2.43 -11.39
N ASN A 57 4.90 -1.52 -12.34
CA ASN A 57 5.88 -1.35 -13.41
C ASN A 57 7.29 -1.27 -12.86
N GLU A 58 7.45 -0.58 -11.73
CA GLU A 58 8.75 -0.42 -11.09
C GLU A 58 9.38 -1.79 -10.84
N GLY A 59 8.57 -2.74 -10.39
CA GLY A 59 9.08 -4.07 -10.11
C GLY A 59 9.10 -4.96 -11.35
N GLY A 60 8.10 -4.79 -12.21
CA GLY A 60 8.03 -5.58 -13.43
C GLY A 60 6.80 -6.45 -13.47
N ARG A 61 5.71 -5.96 -12.90
CA ARG A 61 4.46 -6.71 -12.87
C ARG A 61 3.36 -5.95 -13.63
N ALA A 62 3.77 -5.01 -14.46
CA ALA A 62 2.82 -4.21 -15.24
C ALA A 62 1.80 -5.11 -15.93
N THR A 63 2.27 -6.19 -16.53
CA THR A 63 1.38 -7.13 -17.22
C THR A 63 0.24 -7.56 -16.32
N SER A 64 0.55 -7.81 -15.05
CA SER A 64 -0.45 -8.25 -14.08
C SER A 64 -1.62 -7.26 -14.04
N LYS A 65 -2.82 -7.79 -13.80
CA LYS A 65 -4.02 -6.96 -13.73
C LYS A 65 -4.37 -6.65 -12.28
N ASP A 66 -4.32 -7.66 -11.43
CA ASP A 66 -4.63 -7.47 -10.02
C ASP A 66 -3.41 -6.98 -9.25
N TRP A 67 -3.49 -5.76 -8.74
CA TRP A 67 -2.39 -5.17 -7.99
C TRP A 67 -2.33 -5.74 -6.57
N LYS A 68 -3.48 -6.13 -6.05
CA LYS A 68 -3.55 -6.70 -4.71
C LYS A 68 -2.85 -8.05 -4.65
N GLY A 69 -2.79 -8.73 -5.79
CA GLY A 69 -2.14 -10.03 -5.85
C GLY A 69 -0.64 -9.92 -6.01
N VAL A 70 -0.20 -9.04 -6.90
CA VAL A 70 1.22 -8.85 -7.14
C VAL A 70 1.90 -8.18 -5.94
N ILE A 71 1.25 -7.15 -5.41
CA ILE A 71 1.79 -6.44 -4.25
C ILE A 71 1.62 -7.25 -2.98
N ARG A 72 2.73 -7.52 -2.29
CA ARG A 72 2.70 -8.28 -1.05
C ARG A 72 3.01 -7.38 0.14
N CYS A 73 2.30 -7.61 1.24
CA CYS A 73 2.50 -6.83 2.46
C CYS A 73 2.95 -7.71 3.61
N ASN A 74 4.20 -7.59 3.99
CA ASN A 74 4.76 -8.38 5.09
C ASN A 74 4.72 -9.87 4.75
N GLY A 75 4.86 -10.19 3.47
CA GLY A 75 4.83 -11.57 3.05
C GLY A 75 3.43 -12.06 2.72
N GLU A 76 2.43 -11.24 3.05
CA GLU A 76 1.04 -11.59 2.80
C GLU A 76 0.41 -10.62 1.80
N THR A 77 -0.13 -11.17 0.71
CA THR A 77 -0.76 -10.36 -0.31
C THR A 77 -1.87 -9.49 0.26
N LEU A 78 -2.02 -8.29 -0.28
CA LEU A 78 -3.04 -7.37 0.19
C LEU A 78 -4.39 -8.08 0.35
N ARG A 79 -4.77 -8.84 -0.67
CA ARG A 79 -6.03 -9.58 -0.64
C ARG A 79 -6.13 -10.43 0.62
N HIS A 80 -5.03 -11.08 0.99
CA HIS A 80 -4.99 -11.93 2.17
C HIS A 80 -5.28 -11.12 3.43
N LEU A 81 -4.65 -9.96 3.54
CA LEU A 81 -4.83 -9.09 4.69
C LEU A 81 -6.30 -8.68 4.84
N GLU A 82 -6.92 -8.34 3.73
CA GLU A 82 -8.33 -7.94 3.73
C GLU A 82 -9.21 -9.04 4.32
N GLN A 83 -8.95 -10.27 3.90
CA GLN A 83 -9.72 -11.41 4.38
C GLN A 83 -9.67 -11.50 5.90
N LYS A 84 -8.52 -11.18 6.47
CA LYS A 84 -8.34 -11.22 7.92
C LYS A 84 -8.83 -9.93 8.57
N GLY A 85 -9.54 -9.11 7.78
CA GLY A 85 -10.06 -7.85 8.30
C GLY A 85 -8.96 -6.91 8.74
N LEU A 86 -7.82 -6.97 8.05
CA LEU A 86 -6.69 -6.11 8.39
C LEU A 86 -6.58 -4.95 7.40
N LEU A 87 -6.90 -5.22 6.14
CA LEU A 87 -6.83 -4.20 5.10
C LEU A 87 -8.23 -3.75 4.70
N PHE A 88 -8.43 -2.44 4.64
CA PHE A 88 -9.74 -1.88 4.27
C PHE A 88 -9.96 -2.00 2.75
N SER A 89 -8.89 -1.85 1.99
CA SER A 89 -8.98 -1.94 0.53
C SER A 89 -10.07 -1.01 0.00
N GLY A 90 -10.08 0.22 0.50
CA GLY A 90 -11.08 1.18 0.05
C GLY A 90 -12.43 0.96 0.73
N PRO A 91 -13.20 2.06 0.86
CA PRO A 91 -14.53 2.02 1.49
C PRO A 91 -15.55 1.27 0.63
N SER A 92 -16.78 1.18 1.13
CA SER A 92 -17.84 0.49 0.41
C SER A 92 -18.78 1.49 -0.27
N SER A 93 -19.04 2.61 0.41
CA SER A 93 -19.92 3.64 -0.13
C SER A 93 -19.27 4.35 -1.31
N GLY A 94 -20.09 5.00 -2.12
CA GLY A 94 -19.57 5.72 -3.28
C GLY A 94 -18.71 4.84 -4.16
N GLY A 1 9.63 10.13 38.28
CA GLY A 1 9.13 8.93 38.93
C GLY A 1 8.13 8.19 38.07
N SER A 2 7.50 7.16 38.64
CA SER A 2 6.52 6.36 37.92
C SER A 2 5.43 7.25 37.32
N SER A 3 5.25 7.15 36.01
CA SER A 3 4.25 7.95 35.31
C SER A 3 3.06 7.08 34.90
N GLY A 4 1.87 7.66 34.96
CA GLY A 4 0.66 6.93 34.59
C GLY A 4 0.26 7.16 33.16
N SER A 5 0.25 6.09 32.37
CA SER A 5 -0.13 6.18 30.96
C SER A 5 -0.75 4.88 30.47
N SER A 6 -1.39 4.94 29.31
CA SER A 6 -2.04 3.76 28.74
C SER A 6 -2.29 3.96 27.24
N GLY A 7 -2.59 2.86 26.55
CA GLY A 7 -2.84 2.93 25.12
C GLY A 7 -3.07 1.56 24.51
N ASN A 8 -3.61 1.54 23.29
CA ASN A 8 -3.88 0.29 22.60
C ASN A 8 -3.25 0.29 21.21
N ASP A 9 -2.55 -0.80 20.88
CA ASP A 9 -1.90 -0.92 19.59
C ASP A 9 -2.88 -1.41 18.53
N ALA A 10 -2.99 -0.66 17.44
CA ALA A 10 -3.90 -1.02 16.35
C ALA A 10 -3.26 -0.74 14.99
N VAL A 11 -2.97 -1.80 14.25
CA VAL A 11 -2.36 -1.68 12.93
C VAL A 11 -3.17 -0.74 12.04
N ASP A 12 -4.48 -0.90 12.06
CA ASP A 12 -5.38 -0.06 11.26
C ASP A 12 -5.11 1.41 11.52
N PHE A 13 -4.89 1.76 12.79
CA PHE A 13 -4.63 3.14 13.17
C PHE A 13 -3.74 3.83 12.14
N SER A 14 -2.61 3.19 11.84
CA SER A 14 -1.66 3.74 10.88
C SER A 14 -2.24 3.71 9.46
N PRO A 15 -2.49 4.90 8.89
CA PRO A 15 -3.04 5.02 7.53
C PRO A 15 -2.04 4.60 6.46
N THR A 16 -0.85 4.20 6.89
CA THR A 16 0.19 3.76 5.96
C THR A 16 0.61 2.33 6.24
N LEU A 17 0.80 1.56 5.17
CA LEU A 17 1.20 0.16 5.29
C LEU A 17 2.36 -0.16 4.36
N PRO A 18 3.35 -0.90 4.86
CA PRO A 18 4.53 -1.29 4.08
C PRO A 18 4.20 -2.30 3.00
N VAL A 19 4.33 -1.89 1.74
CA VAL A 19 4.04 -2.78 0.62
C VAL A 19 5.28 -2.97 -0.25
N THR A 20 5.35 -4.11 -0.93
CA THR A 20 6.47 -4.43 -1.79
C THR A 20 6.03 -5.23 -3.01
N CYS A 21 6.42 -4.75 -4.19
CA CYS A 21 6.06 -5.42 -5.43
C CYS A 21 7.30 -5.80 -6.23
N GLY A 22 7.67 -7.08 -6.17
CA GLY A 22 8.83 -7.55 -6.88
C GLY A 22 10.09 -6.77 -6.53
N LYS A 23 10.60 -6.00 -7.49
CA LYS A 23 11.79 -5.22 -7.28
C LYS A 23 11.43 -3.79 -6.87
N ALA A 24 10.18 -3.59 -6.46
CA ALA A 24 9.71 -2.28 -6.04
C ALA A 24 9.23 -2.31 -4.59
N LYS A 25 9.48 -1.23 -3.87
CA LYS A 25 9.07 -1.13 -2.47
C LYS A 25 8.57 0.27 -2.15
N GLY A 26 7.43 0.36 -1.48
CA GLY A 26 6.87 1.65 -1.11
C GLY A 26 5.94 1.56 0.08
N THR A 27 4.99 2.49 0.16
CA THR A 27 4.03 2.52 1.25
C THR A 27 2.66 2.97 0.77
N LEU A 28 1.63 2.18 1.08
CA LEU A 28 0.26 2.49 0.68
C LEU A 28 -0.42 3.36 1.73
N PHE A 29 -1.04 4.44 1.29
CA PHE A 29 -1.74 5.35 2.19
C PHE A 29 -3.25 5.23 2.02
N GLN A 30 -3.89 4.53 2.94
CA GLN A 30 -5.34 4.35 2.88
C GLN A 30 -6.04 5.66 2.53
N GLU A 31 -5.59 6.74 3.13
CA GLU A 31 -6.18 8.06 2.87
C GLU A 31 -6.11 8.41 1.38
N LYS A 32 -5.00 8.05 0.76
CA LYS A 32 -4.80 8.33 -0.67
C LYS A 32 -5.40 7.21 -1.51
N LEU A 33 -5.72 6.08 -0.87
CA LEU A 33 -6.29 4.94 -1.57
C LEU A 33 -7.82 5.03 -1.60
N LYS A 34 -8.39 5.65 -0.57
CA LYS A 34 -9.83 5.81 -0.47
C LYS A 34 -10.39 6.45 -1.73
N GLN A 35 -9.73 7.52 -2.19
CA GLN A 35 -10.17 8.22 -3.39
C GLN A 35 -10.27 7.28 -4.58
N GLY A 36 -9.21 6.51 -4.82
CA GLY A 36 -9.19 5.58 -5.92
C GLY A 36 -7.85 4.89 -6.10
N ALA A 37 -7.86 3.72 -6.72
CA ALA A 37 -6.63 2.96 -6.93
C ALA A 37 -5.88 3.49 -8.16
N SER A 38 -6.23 4.69 -8.59
CA SER A 38 -5.60 5.30 -9.75
C SER A 38 -4.68 6.45 -9.33
N LYS A 39 -4.99 7.04 -8.18
CA LYS A 39 -4.19 8.15 -7.66
C LYS A 39 -2.92 7.64 -6.98
N LYS A 40 -1.85 8.42 -7.08
CA LYS A 40 -0.57 8.05 -6.48
C LYS A 40 -0.70 7.91 -4.97
N CYS A 41 -0.73 6.67 -4.49
CA CYS A 41 -0.85 6.41 -3.06
C CYS A 41 0.37 5.66 -2.54
N ILE A 42 1.03 4.92 -3.43
CA ILE A 42 2.22 4.16 -3.07
C ILE A 42 3.47 5.02 -3.16
N GLN A 43 4.04 5.36 -2.00
CA GLN A 43 5.25 6.18 -1.96
C GLN A 43 6.50 5.31 -1.89
N ASN A 44 7.39 5.49 -2.86
CA ASN A 44 8.63 4.72 -2.92
C ASN A 44 9.62 5.21 -1.86
N GLU A 45 10.75 4.52 -1.75
CA GLU A 45 11.77 4.88 -0.78
C GLU A 45 12.29 6.30 -1.05
N ALA A 46 12.17 6.74 -2.31
CA ALA A 46 12.62 8.07 -2.68
C ALA A 46 11.61 9.14 -2.28
N GLY A 47 10.41 8.70 -1.90
CA GLY A 47 9.37 9.62 -1.49
C GLY A 47 8.38 9.91 -2.61
N ASP A 48 8.80 9.66 -3.85
CA ASP A 48 7.95 9.89 -5.00
C ASP A 48 6.75 8.95 -5.01
N TRP A 49 5.55 9.51 -5.00
CA TRP A 49 4.34 8.72 -4.99
C TRP A 49 4.14 8.00 -6.33
N LEU A 50 3.49 6.84 -6.30
CA LEU A 50 3.26 6.07 -7.50
C LEU A 50 1.87 5.41 -7.46
N THR A 51 1.23 5.33 -8.62
CA THR A 51 -0.10 4.75 -8.72
C THR A 51 -0.03 3.23 -8.58
N VAL A 52 -1.05 2.66 -7.94
CA VAL A 52 -1.11 1.22 -7.74
C VAL A 52 -0.51 0.47 -8.93
N LYS A 53 -0.64 1.06 -10.11
CA LYS A 53 -0.11 0.44 -11.33
C LYS A 53 1.39 0.67 -11.44
N GLU A 54 1.81 1.93 -11.42
CA GLU A 54 3.22 2.28 -11.52
C GLU A 54 4.06 1.36 -10.63
N PHE A 55 3.66 1.24 -9.37
CA PHE A 55 4.39 0.40 -8.42
C PHE A 55 4.70 -0.97 -9.03
N LEU A 56 3.71 -1.54 -9.72
CA LEU A 56 3.88 -2.85 -10.36
C LEU A 56 5.01 -2.81 -11.37
N ASN A 57 4.86 -1.96 -12.39
CA ASN A 57 5.88 -1.83 -13.44
C ASN A 57 7.28 -1.79 -12.84
N GLU A 58 7.43 -1.04 -11.75
CA GLU A 58 8.72 -0.92 -11.09
C GLU A 58 9.29 -2.29 -10.75
N GLY A 59 8.42 -3.22 -10.38
CA GLY A 59 8.85 -4.56 -10.04
C GLY A 59 8.86 -5.49 -11.25
N GLY A 60 7.91 -5.29 -12.15
CA GLY A 60 7.84 -6.13 -13.34
C GLY A 60 6.56 -6.96 -13.39
N ARG A 61 5.53 -6.49 -12.70
CA ARG A 61 4.25 -7.19 -12.66
C ARG A 61 3.17 -6.38 -13.37
N ALA A 62 3.60 -5.40 -14.17
CA ALA A 62 2.66 -4.55 -14.90
C ALA A 62 1.64 -5.39 -15.66
N THR A 63 2.13 -6.38 -16.40
CA THR A 63 1.26 -7.26 -17.17
C THR A 63 0.12 -7.80 -16.32
N SER A 64 0.40 -8.01 -15.03
CA SER A 64 -0.59 -8.54 -14.11
C SER A 64 -1.77 -7.57 -13.96
N LYS A 65 -2.97 -8.11 -13.83
CA LYS A 65 -4.16 -7.29 -13.67
C LYS A 65 -4.44 -7.01 -12.19
N ASP A 66 -4.37 -8.06 -11.37
CA ASP A 66 -4.61 -7.92 -9.94
C ASP A 66 -3.39 -7.35 -9.24
N TRP A 67 -3.52 -6.13 -8.72
CA TRP A 67 -2.43 -5.47 -8.03
C TRP A 67 -2.31 -5.97 -6.59
N LYS A 68 -3.44 -6.37 -6.02
CA LYS A 68 -3.46 -6.87 -4.65
C LYS A 68 -2.73 -8.20 -4.55
N GLY A 69 -2.62 -8.90 -5.68
CA GLY A 69 -1.93 -10.19 -5.69
C GLY A 69 -0.44 -10.04 -5.88
N VAL A 70 -0.04 -9.19 -6.81
CA VAL A 70 1.37 -8.96 -7.08
C VAL A 70 2.05 -8.23 -5.93
N ILE A 71 1.35 -7.26 -5.35
CA ILE A 71 1.88 -6.50 -4.23
C ILE A 71 1.72 -7.26 -2.93
N ARG A 72 2.73 -7.15 -2.06
CA ARG A 72 2.70 -7.83 -0.77
C ARG A 72 3.08 -6.88 0.36
N CYS A 73 2.37 -6.96 1.47
CA CYS A 73 2.64 -6.11 2.62
C CYS A 73 3.75 -6.69 3.48
N ASN A 74 3.46 -7.81 4.13
CA ASN A 74 4.44 -8.46 5.00
C ASN A 74 4.79 -9.85 4.47
N GLY A 75 4.49 -10.09 3.20
CA GLY A 75 4.78 -11.37 2.59
C GLY A 75 3.56 -12.01 1.98
N GLU A 76 2.39 -11.41 2.21
CA GLU A 76 1.14 -11.94 1.67
C GLU A 76 0.49 -10.94 0.72
N THR A 77 -0.52 -11.40 -0.01
CA THR A 77 -1.22 -10.55 -0.96
C THR A 77 -2.26 -9.68 -0.25
N LEU A 78 -2.24 -8.38 -0.56
CA LEU A 78 -3.18 -7.45 0.05
C LEU A 78 -4.57 -8.07 0.18
N ARG A 79 -4.96 -8.82 -0.84
CA ARG A 79 -6.27 -9.48 -0.84
C ARG A 79 -6.40 -10.44 0.34
N HIS A 80 -5.39 -11.28 0.53
CA HIS A 80 -5.39 -12.24 1.62
C HIS A 80 -5.50 -11.54 2.97
N LEU A 81 -4.72 -10.48 3.14
CA LEU A 81 -4.72 -9.72 4.38
C LEU A 81 -6.09 -9.09 4.63
N GLU A 82 -6.66 -8.51 3.59
CA GLU A 82 -7.97 -7.88 3.69
C GLU A 82 -9.01 -8.85 4.24
N GLN A 83 -8.99 -10.08 3.72
CA GLN A 83 -9.93 -11.10 4.16
C GLN A 83 -9.83 -11.33 5.67
N LYS A 84 -8.60 -11.28 6.18
CA LYS A 84 -8.36 -11.48 7.60
C LYS A 84 -8.64 -10.20 8.39
N GLY A 85 -9.31 -9.25 7.75
CA GLY A 85 -9.62 -8.00 8.40
C GLY A 85 -8.39 -7.21 8.78
N LEU A 86 -7.34 -7.33 7.97
CA LEU A 86 -6.09 -6.62 8.22
C LEU A 86 -6.00 -5.36 7.37
N LEU A 87 -6.49 -5.44 6.14
CA LEU A 87 -6.47 -4.31 5.23
C LEU A 87 -7.88 -3.85 4.88
N PHE A 88 -8.03 -2.55 4.65
CA PHE A 88 -9.33 -1.98 4.31
C PHE A 88 -9.54 -1.95 2.81
N SER A 89 -8.46 -1.72 2.07
CA SER A 89 -8.52 -1.66 0.61
C SER A 89 -9.62 -0.70 0.16
N GLY A 90 -9.73 0.43 0.85
CA GLY A 90 -10.74 1.41 0.51
C GLY A 90 -11.97 1.32 1.38
N PRO A 91 -13.03 2.06 1.01
CA PRO A 91 -14.29 2.07 1.76
C PRO A 91 -15.05 0.76 1.64
N SER A 92 -15.60 0.30 2.76
CA SER A 92 -16.36 -0.95 2.78
C SER A 92 -17.74 -0.75 3.38
N SER A 93 -18.76 -0.87 2.54
CA SER A 93 -20.15 -0.70 2.98
C SER A 93 -20.55 -1.81 3.95
N GLY A 94 -21.32 -1.45 4.97
CA GLY A 94 -21.76 -2.42 5.95
C GLY A 94 -21.68 -1.90 7.37
N GLY A 1 12.35 16.09 12.16
CA GLY A 1 12.63 15.61 13.50
C GLY A 1 13.79 16.33 14.16
N SER A 2 13.48 17.31 14.99
CA SER A 2 14.50 18.10 15.68
C SER A 2 14.99 17.36 16.92
N SER A 3 14.07 17.06 17.82
CA SER A 3 14.40 16.36 19.06
C SER A 3 14.40 14.85 18.86
N GLY A 4 14.80 14.12 19.90
CA GLY A 4 14.82 12.67 19.81
C GLY A 4 13.51 12.04 20.23
N SER A 5 13.04 12.38 21.43
CA SER A 5 11.79 11.84 21.95
C SER A 5 10.72 11.80 20.87
N SER A 6 10.59 12.91 20.14
CA SER A 6 9.60 13.01 19.07
C SER A 6 10.26 12.89 17.70
N GLY A 7 9.44 12.82 16.66
CA GLY A 7 9.97 12.70 15.31
C GLY A 7 8.93 12.22 14.32
N ASN A 8 8.91 10.92 14.07
CA ASN A 8 7.95 10.34 13.14
C ASN A 8 6.65 9.95 13.85
N ASP A 9 5.53 10.38 13.30
CA ASP A 9 4.22 10.08 13.89
C ASP A 9 3.60 8.84 13.23
N ALA A 10 4.30 8.30 12.22
CA ALA A 10 3.82 7.13 11.51
C ALA A 10 4.16 5.85 12.27
N VAL A 11 4.48 6.00 13.55
CA VAL A 11 4.83 4.86 14.39
C VAL A 11 3.70 3.84 14.43
N ASP A 12 2.46 4.34 14.44
CA ASP A 12 1.30 3.47 14.47
C ASP A 12 1.12 2.73 13.15
N PHE A 13 1.57 3.36 12.07
CA PHE A 13 1.47 2.76 10.73
C PHE A 13 0.04 2.30 10.45
N SER A 14 -0.92 3.13 10.82
CA SER A 14 -2.33 2.80 10.62
C SER A 14 -2.76 3.14 9.19
N PRO A 15 -2.77 4.44 8.86
CA PRO A 15 -3.17 4.92 7.54
C PRO A 15 -2.14 4.57 6.47
N THR A 16 -1.06 3.93 6.89
CA THR A 16 0.01 3.53 5.98
C THR A 16 0.39 2.06 6.16
N LEU A 17 0.57 1.36 5.06
CA LEU A 17 0.94 -0.05 5.10
C LEU A 17 2.13 -0.34 4.19
N PRO A 18 3.08 -1.14 4.69
CA PRO A 18 4.28 -1.51 3.93
C PRO A 18 3.97 -2.43 2.76
N VAL A 19 4.32 -2.00 1.57
CA VAL A 19 4.09 -2.80 0.36
C VAL A 19 5.38 -3.01 -0.42
N THR A 20 5.47 -4.15 -1.10
CA THR A 20 6.65 -4.48 -1.89
C THR A 20 6.28 -5.33 -3.10
N CYS A 21 6.77 -4.89 -4.27
CA CYS A 21 6.48 -5.61 -5.51
C CYS A 21 7.78 -5.91 -6.26
N GLY A 22 8.16 -7.18 -6.29
CA GLY A 22 9.37 -7.58 -6.99
C GLY A 22 10.60 -6.90 -6.43
N LYS A 23 11.18 -6.00 -7.22
CA LYS A 23 12.37 -5.27 -6.81
C LYS A 23 12.02 -3.86 -6.34
N ALA A 24 10.72 -3.57 -6.31
CA ALA A 24 10.24 -2.26 -5.87
C ALA A 24 9.55 -2.34 -4.52
N LYS A 25 9.62 -1.26 -3.76
CA LYS A 25 9.00 -1.21 -2.44
C LYS A 25 8.46 0.19 -2.15
N GLY A 26 7.42 0.26 -1.32
CA GLY A 26 6.82 1.54 -0.97
C GLY A 26 5.86 1.43 0.18
N THR A 27 4.99 2.42 0.32
CA THR A 27 4.00 2.44 1.39
C THR A 27 2.66 2.94 0.90
N LEU A 28 1.62 2.13 1.08
CA LEU A 28 0.27 2.50 0.65
C LEU A 28 -0.44 3.32 1.71
N PHE A 29 -1.03 4.43 1.30
CA PHE A 29 -1.75 5.31 2.23
C PHE A 29 -3.26 5.21 2.02
N GLN A 30 -3.93 4.47 2.89
CA GLN A 30 -5.37 4.30 2.78
C GLN A 30 -6.05 5.61 2.38
N GLU A 31 -5.60 6.71 2.98
CA GLU A 31 -6.16 8.02 2.69
C GLU A 31 -6.04 8.35 1.21
N LYS A 32 -4.87 8.06 0.64
CA LYS A 32 -4.61 8.33 -0.77
C LYS A 32 -5.20 7.21 -1.64
N LEU A 33 -5.69 6.17 -1.00
CA LEU A 33 -6.28 5.03 -1.72
C LEU A 33 -7.79 5.19 -1.83
N LYS A 34 -8.40 5.73 -0.78
CA LYS A 34 -9.85 5.94 -0.76
C LYS A 34 -10.31 6.62 -2.04
N GLN A 35 -9.69 7.75 -2.35
CA GLN A 35 -10.05 8.52 -3.55
C GLN A 35 -10.13 7.61 -4.76
N GLY A 36 -9.04 6.90 -5.06
CA GLY A 36 -9.01 6.00 -6.20
C GLY A 36 -7.65 5.37 -6.41
N ALA A 37 -7.62 4.05 -6.52
CA ALA A 37 -6.38 3.32 -6.72
C ALA A 37 -5.49 4.03 -7.74
N SER A 38 -6.13 4.63 -8.75
CA SER A 38 -5.39 5.34 -9.79
C SER A 38 -4.49 6.41 -9.20
N LYS A 39 -4.99 7.10 -8.18
CA LYS A 39 -4.23 8.16 -7.52
C LYS A 39 -2.96 7.60 -6.88
N LYS A 40 -1.88 8.36 -6.94
CA LYS A 40 -0.62 7.94 -6.37
C LYS A 40 -0.73 7.77 -4.85
N CYS A 41 -0.80 6.53 -4.41
CA CYS A 41 -0.91 6.24 -2.98
C CYS A 41 0.29 5.43 -2.49
N ILE A 42 0.97 4.79 -3.43
CA ILE A 42 2.14 3.98 -3.10
C ILE A 42 3.43 4.81 -3.16
N GLN A 43 3.98 5.12 -2.00
CA GLN A 43 5.20 5.91 -1.93
C GLN A 43 6.42 5.01 -1.75
N ASN A 44 7.31 5.02 -2.73
CA ASN A 44 8.52 4.21 -2.68
C ASN A 44 9.54 4.81 -1.72
N GLU A 45 10.67 4.13 -1.58
CA GLU A 45 11.73 4.60 -0.68
C GLU A 45 12.16 6.02 -1.04
N ALA A 46 12.08 6.35 -2.33
CA ALA A 46 12.46 7.67 -2.81
C ALA A 46 11.40 8.70 -2.45
N GLY A 47 10.33 8.25 -1.78
CA GLY A 47 9.26 9.15 -1.39
C GLY A 47 8.35 9.50 -2.55
N ASP A 48 8.78 9.16 -3.77
CA ASP A 48 8.00 9.44 -4.96
C ASP A 48 6.76 8.54 -5.02
N TRP A 49 5.58 9.15 -4.90
CA TRP A 49 4.33 8.40 -4.94
C TRP A 49 4.13 7.75 -6.31
N LEU A 50 3.45 6.60 -6.30
CA LEU A 50 3.20 5.88 -7.55
C LEU A 50 1.80 5.26 -7.54
N THR A 51 1.13 5.31 -8.68
CA THR A 51 -0.21 4.77 -8.81
C THR A 51 -0.21 3.26 -8.67
N VAL A 52 -1.28 2.72 -8.08
CA VAL A 52 -1.40 1.28 -7.90
C VAL A 52 -0.85 0.51 -9.10
N LYS A 53 -0.88 1.16 -10.26
CA LYS A 53 -0.38 0.54 -11.49
C LYS A 53 1.11 0.79 -11.65
N GLU A 54 1.51 2.05 -11.53
CA GLU A 54 2.92 2.43 -11.66
C GLU A 54 3.81 1.53 -10.79
N PHE A 55 3.57 1.56 -9.49
CA PHE A 55 4.35 0.76 -8.56
C PHE A 55 4.69 -0.60 -9.16
N LEU A 56 3.70 -1.21 -9.81
CA LEU A 56 3.88 -2.52 -10.43
C LEU A 56 4.93 -2.45 -11.54
N ASN A 57 4.76 -1.51 -12.46
CA ASN A 57 5.69 -1.34 -13.57
C ASN A 57 7.13 -1.28 -13.06
N GLU A 58 7.33 -0.64 -11.92
CA GLU A 58 8.66 -0.51 -11.33
C GLU A 58 9.29 -1.89 -11.11
N GLY A 59 8.47 -2.84 -10.67
CA GLY A 59 8.96 -4.18 -10.42
C GLY A 59 8.92 -5.05 -11.67
N GLY A 60 7.89 -4.85 -12.49
CA GLY A 60 7.75 -5.63 -13.70
C GLY A 60 6.51 -6.50 -13.70
N ARG A 61 5.45 -5.99 -13.07
CA ARG A 61 4.18 -6.73 -13.00
C ARG A 61 3.07 -5.95 -13.70
N ALA A 62 3.45 -5.00 -14.54
CA ALA A 62 2.48 -4.19 -15.27
C ALA A 62 1.48 -5.09 -16.01
N THR A 63 1.98 -6.16 -16.61
CA THR A 63 1.14 -7.08 -17.35
C THR A 63 0.02 -7.64 -16.47
N SER A 64 0.32 -7.85 -15.20
CA SER A 64 -0.66 -8.38 -14.26
C SER A 64 -1.80 -7.38 -14.05
N LYS A 65 -3.01 -7.91 -13.88
CA LYS A 65 -4.18 -7.07 -13.67
C LYS A 65 -4.36 -6.75 -12.20
N ASP A 66 -4.68 -7.77 -11.40
CA ASP A 66 -4.88 -7.59 -9.97
C ASP A 66 -3.60 -7.12 -9.29
N TRP A 67 -3.63 -5.92 -8.74
CA TRP A 67 -2.47 -5.35 -8.06
C TRP A 67 -2.36 -5.88 -6.63
N LYS A 68 -3.48 -6.27 -6.05
CA LYS A 68 -3.51 -6.80 -4.70
C LYS A 68 -2.81 -8.16 -4.63
N GLY A 69 -2.62 -8.77 -5.79
CA GLY A 69 -1.96 -10.06 -5.84
C GLY A 69 -0.47 -9.95 -6.06
N VAL A 70 -0.07 -9.09 -6.98
CA VAL A 70 1.34 -8.89 -7.28
C VAL A 70 2.07 -8.23 -6.11
N ILE A 71 1.34 -7.37 -5.39
CA ILE A 71 1.92 -6.68 -4.24
C ILE A 71 1.71 -7.47 -2.95
N ARG A 72 2.81 -7.69 -2.23
CA ARG A 72 2.74 -8.44 -0.97
C ARG A 72 3.06 -7.54 0.22
N CYS A 73 2.31 -7.72 1.30
CA CYS A 73 2.50 -6.92 2.51
C CYS A 73 2.90 -7.80 3.68
N ASN A 74 4.16 -7.72 4.08
CA ASN A 74 4.66 -8.50 5.20
C ASN A 74 4.61 -9.99 4.88
N GLY A 75 4.77 -10.33 3.60
CA GLY A 75 4.73 -11.72 3.20
C GLY A 75 3.33 -12.18 2.83
N GLU A 76 2.34 -11.36 3.16
CA GLU A 76 0.95 -11.69 2.86
C GLU A 76 0.37 -10.71 1.84
N THR A 77 -0.17 -11.25 0.75
CA THR A 77 -0.76 -10.43 -0.29
C THR A 77 -1.83 -9.50 0.28
N LEU A 78 -1.88 -8.28 -0.24
CA LEU A 78 -2.86 -7.30 0.22
C LEU A 78 -4.25 -7.91 0.33
N ARG A 79 -4.63 -8.67 -0.70
CA ARG A 79 -5.94 -9.32 -0.72
C ARG A 79 -6.11 -10.22 0.49
N HIS A 80 -5.06 -10.96 0.84
CA HIS A 80 -5.10 -11.87 1.97
C HIS A 80 -5.38 -11.10 3.27
N LEU A 81 -4.68 -9.99 3.44
CA LEU A 81 -4.85 -9.17 4.64
C LEU A 81 -6.29 -8.68 4.76
N GLU A 82 -6.85 -8.23 3.64
CA GLU A 82 -8.22 -7.72 3.61
C GLU A 82 -9.20 -8.79 4.11
N GLN A 83 -8.97 -10.03 3.68
CA GLN A 83 -9.84 -11.14 4.08
C GLN A 83 -9.87 -11.28 5.60
N LYS A 84 -8.72 -11.10 6.24
CA LYS A 84 -8.63 -11.20 7.69
C LYS A 84 -9.14 -9.93 8.37
N GLY A 85 -9.49 -8.94 7.55
CA GLY A 85 -9.99 -7.68 8.09
C GLY A 85 -8.89 -6.77 8.55
N LEU A 86 -7.72 -6.89 7.93
CA LEU A 86 -6.57 -6.07 8.28
C LEU A 86 -6.44 -4.87 7.33
N LEU A 87 -6.59 -5.14 6.04
CA LEU A 87 -6.49 -4.09 5.03
C LEU A 87 -7.87 -3.64 4.57
N PHE A 88 -8.25 -2.43 4.97
CA PHE A 88 -9.55 -1.88 4.60
C PHE A 88 -9.79 -2.01 3.10
N SER A 89 -8.73 -1.86 2.32
CA SER A 89 -8.83 -1.96 0.87
C SER A 89 -9.93 -1.04 0.34
N GLY A 90 -9.99 0.17 0.90
CA GLY A 90 -10.99 1.13 0.47
C GLY A 90 -12.31 0.96 1.20
N PRO A 91 -13.15 2.00 1.17
CA PRO A 91 -14.45 1.99 1.83
C PRO A 91 -15.44 1.05 1.14
N SER A 92 -16.70 1.11 1.57
CA SER A 92 -17.74 0.27 0.99
C SER A 92 -17.32 -1.20 1.00
N SER A 93 -16.58 -1.59 2.04
CA SER A 93 -16.10 -2.96 2.16
C SER A 93 -17.27 -3.94 2.10
N GLY A 94 -18.34 -3.63 2.83
CA GLY A 94 -19.51 -4.49 2.85
C GLY A 94 -19.72 -5.13 4.21
N GLY A 1 27.30 16.25 11.86
CA GLY A 1 27.27 14.80 11.82
C GLY A 1 26.05 14.26 11.10
N SER A 2 26.28 13.49 10.05
CA SER A 2 25.19 12.91 9.26
C SER A 2 24.45 11.85 10.05
N SER A 3 25.21 10.92 10.63
CA SER A 3 24.63 9.84 11.43
C SER A 3 24.40 10.28 12.87
N GLY A 4 23.13 10.30 13.28
CA GLY A 4 22.79 10.70 14.64
C GLY A 4 21.32 11.00 14.81
N SER A 5 20.49 9.96 14.75
CA SER A 5 19.05 10.12 14.89
C SER A 5 18.50 9.15 15.94
N SER A 6 17.39 9.53 16.56
CA SER A 6 16.76 8.71 17.58
C SER A 6 15.42 8.19 17.10
N GLY A 7 15.08 6.96 17.49
CA GLY A 7 13.82 6.38 17.09
C GLY A 7 12.69 7.39 17.03
N ASN A 8 12.18 7.64 15.83
CA ASN A 8 11.10 8.60 15.65
C ASN A 8 9.74 7.90 15.68
N ASP A 9 8.78 8.55 16.32
CA ASP A 9 7.43 7.99 16.44
C ASP A 9 6.64 8.21 15.15
N ALA A 10 6.13 7.12 14.58
CA ALA A 10 5.36 7.21 13.34
C ALA A 10 3.86 7.26 13.64
N VAL A 11 3.28 8.44 13.48
CA VAL A 11 1.85 8.64 13.72
C VAL A 11 1.03 8.24 12.50
N ASP A 12 1.54 8.57 11.32
CA ASP A 12 0.85 8.24 10.08
C ASP A 12 1.13 6.80 9.66
N PHE A 13 1.61 6.00 10.60
CA PHE A 13 1.93 4.60 10.33
C PHE A 13 0.65 3.77 10.22
N SER A 14 -0.38 4.17 10.94
CA SER A 14 -1.66 3.47 10.94
C SER A 14 -2.29 3.51 9.54
N PRO A 15 -2.53 4.73 9.04
CA PRO A 15 -3.13 4.94 7.73
C PRO A 15 -2.20 4.56 6.59
N THR A 16 -1.04 4.00 6.94
CA THR A 16 -0.05 3.58 5.95
C THR A 16 0.40 2.15 6.20
N LEU A 17 0.65 1.41 5.13
CA LEU A 17 1.10 0.03 5.23
C LEU A 17 2.27 -0.23 4.29
N PRO A 18 3.28 -0.96 4.79
CA PRO A 18 4.48 -1.30 4.02
C PRO A 18 4.19 -2.30 2.91
N VAL A 19 4.28 -1.83 1.67
CA VAL A 19 4.03 -2.69 0.51
C VAL A 19 5.30 -2.91 -0.30
N THR A 20 5.34 -4.02 -1.03
CA THR A 20 6.51 -4.35 -1.84
C THR A 20 6.10 -5.17 -3.06
N CYS A 21 6.58 -4.76 -4.23
CA CYS A 21 6.27 -5.44 -5.48
C CYS A 21 7.54 -5.89 -6.18
N GLY A 22 7.85 -7.18 -6.08
CA GLY A 22 9.05 -7.71 -6.72
C GLY A 22 10.31 -7.01 -6.24
N LYS A 23 10.91 -6.22 -7.11
CA LYS A 23 12.13 -5.49 -6.78
C LYS A 23 11.82 -4.04 -6.40
N ALA A 24 10.55 -3.77 -6.10
CA ALA A 24 10.13 -2.44 -5.72
C ALA A 24 9.62 -2.41 -4.28
N LYS A 25 9.82 -1.30 -3.59
CA LYS A 25 9.38 -1.15 -2.21
C LYS A 25 8.80 0.24 -1.97
N GLY A 26 7.68 0.29 -1.28
CA GLY A 26 7.03 1.57 -0.98
C GLY A 26 6.10 1.49 0.19
N THR A 27 5.08 2.35 0.20
CA THR A 27 4.10 2.37 1.29
C THR A 27 2.75 2.86 0.79
N LEU A 28 1.70 2.07 1.07
CA LEU A 28 0.35 2.42 0.66
C LEU A 28 -0.34 3.26 1.71
N PHE A 29 -1.03 4.32 1.27
CA PHE A 29 -1.73 5.22 2.18
C PHE A 29 -3.23 5.11 1.98
N GLN A 30 -3.90 4.38 2.88
CA GLN A 30 -5.34 4.21 2.81
C GLN A 30 -6.04 5.53 2.49
N GLU A 31 -5.60 6.60 3.14
CA GLU A 31 -6.18 7.91 2.93
C GLU A 31 -6.09 8.32 1.45
N LYS A 32 -4.94 8.08 0.84
CA LYS A 32 -4.73 8.41 -0.56
C LYS A 32 -5.26 7.31 -1.47
N LEU A 33 -5.62 6.18 -0.87
CA LEU A 33 -6.14 5.04 -1.63
C LEU A 33 -7.65 5.17 -1.81
N LYS A 34 -8.31 5.82 -0.85
CA LYS A 34 -9.76 6.01 -0.91
C LYS A 34 -10.16 6.79 -2.17
N GLN A 35 -9.39 7.83 -2.48
CA GLN A 35 -9.66 8.65 -3.65
C GLN A 35 -9.77 7.78 -4.91
N GLY A 36 -8.85 6.84 -5.06
CA GLY A 36 -8.87 5.95 -6.21
C GLY A 36 -7.54 5.27 -6.44
N ALA A 37 -7.56 3.95 -6.54
CA ALA A 37 -6.34 3.18 -6.76
C ALA A 37 -5.48 3.81 -7.84
N SER A 38 -6.12 4.45 -8.80
CA SER A 38 -5.41 5.09 -9.90
C SER A 38 -4.51 6.21 -9.38
N LYS A 39 -5.00 6.94 -8.38
CA LYS A 39 -4.24 8.03 -7.77
C LYS A 39 -2.98 7.52 -7.10
N LYS A 40 -1.93 8.35 -7.11
CA LYS A 40 -0.67 7.98 -6.49
C LYS A 40 -0.80 7.86 -4.99
N CYS A 41 -0.81 6.64 -4.48
CA CYS A 41 -0.93 6.39 -3.05
C CYS A 41 0.31 5.68 -2.51
N ILE A 42 1.01 4.97 -3.39
CA ILE A 42 2.20 4.24 -2.99
C ILE A 42 3.44 5.13 -3.08
N GLN A 43 4.00 5.47 -1.92
CA GLN A 43 5.18 6.33 -1.86
C GLN A 43 6.45 5.49 -1.67
N ASN A 44 7.35 5.58 -2.63
CA ASN A 44 8.60 4.83 -2.57
C ASN A 44 9.61 5.52 -1.65
N GLU A 45 10.78 4.91 -1.48
CA GLU A 45 11.82 5.47 -0.64
C GLU A 45 12.18 6.89 -1.09
N ALA A 46 12.08 7.14 -2.38
CA ALA A 46 12.39 8.44 -2.94
C ALA A 46 11.28 9.45 -2.64
N GLY A 47 10.23 8.98 -1.96
CA GLY A 47 9.12 9.85 -1.62
C GLY A 47 8.17 10.05 -2.78
N ASP A 48 8.64 9.75 -3.99
CA ASP A 48 7.81 9.90 -5.18
C ASP A 48 6.65 8.90 -5.18
N TRP A 49 5.44 9.42 -5.09
CA TRP A 49 4.24 8.58 -5.08
C TRP A 49 4.08 7.85 -6.40
N LEU A 50 3.41 6.70 -6.37
CA LEU A 50 3.18 5.92 -7.57
C LEU A 50 1.78 5.31 -7.56
N THR A 51 1.14 5.28 -8.73
CA THR A 51 -0.20 4.72 -8.86
C THR A 51 -0.19 3.21 -8.65
N VAL A 52 -1.23 2.69 -8.02
CA VAL A 52 -1.34 1.26 -7.76
C VAL A 52 -0.80 0.46 -8.94
N LYS A 53 -0.88 1.03 -10.14
CA LYS A 53 -0.40 0.37 -11.34
C LYS A 53 1.10 0.59 -11.52
N GLU A 54 1.53 1.85 -11.40
CA GLU A 54 2.94 2.20 -11.55
C GLU A 54 3.81 1.30 -10.67
N PHE A 55 3.56 1.33 -9.36
CA PHE A 55 4.32 0.53 -8.42
C PHE A 55 4.62 -0.85 -9.00
N LEU A 56 3.63 -1.43 -9.66
CA LEU A 56 3.77 -2.76 -10.26
C LEU A 56 4.89 -2.76 -11.30
N ASN A 57 4.79 -1.88 -12.28
CA ASN A 57 5.78 -1.77 -13.34
C ASN A 57 7.19 -1.78 -12.75
N GLU A 58 7.37 -1.07 -11.65
CA GLU A 58 8.67 -1.00 -11.00
C GLU A 58 9.20 -2.40 -10.68
N GLY A 59 8.29 -3.31 -10.36
CA GLY A 59 8.69 -4.67 -10.05
C GLY A 59 8.70 -5.57 -11.27
N GLY A 60 7.76 -5.35 -12.17
CA GLY A 60 7.67 -6.15 -13.38
C GLY A 60 6.38 -6.93 -13.47
N ARG A 61 5.32 -6.39 -12.88
CA ARG A 61 4.02 -7.04 -12.90
C ARG A 61 2.99 -6.19 -13.63
N ALA A 62 3.48 -5.23 -14.41
CA ALA A 62 2.61 -4.34 -15.17
C ALA A 62 1.56 -5.13 -15.94
N THR A 63 1.96 -6.28 -16.49
CA THR A 63 1.06 -7.13 -17.25
C THR A 63 -0.04 -7.70 -16.35
N SER A 64 0.29 -7.92 -15.09
CA SER A 64 -0.67 -8.47 -14.13
C SER A 64 -1.77 -7.46 -13.82
N LYS A 65 -3.02 -7.90 -13.93
CA LYS A 65 -4.16 -7.02 -13.66
C LYS A 65 -4.33 -6.80 -12.16
N ASP A 66 -4.67 -7.87 -11.44
CA ASP A 66 -4.86 -7.80 -10.00
C ASP A 66 -3.61 -7.27 -9.31
N TRP A 67 -3.69 -6.07 -8.77
CA TRP A 67 -2.57 -5.45 -8.09
C TRP A 67 -2.46 -5.95 -6.65
N LYS A 68 -3.60 -6.34 -6.08
CA LYS A 68 -3.64 -6.83 -4.71
C LYS A 68 -2.90 -8.17 -4.60
N GLY A 69 -2.78 -8.87 -5.73
CA GLY A 69 -2.09 -10.15 -5.74
C GLY A 69 -0.60 -10.01 -5.96
N VAL A 70 -0.22 -9.16 -6.90
CA VAL A 70 1.18 -8.93 -7.22
C VAL A 70 1.89 -8.22 -6.07
N ILE A 71 1.22 -7.21 -5.50
CA ILE A 71 1.78 -6.45 -4.40
C ILE A 71 1.66 -7.21 -3.08
N ARG A 72 2.69 -7.10 -2.24
CA ARG A 72 2.71 -7.77 -0.95
C ARG A 72 3.07 -6.79 0.17
N CYS A 73 2.36 -6.91 1.28
CA CYS A 73 2.59 -6.05 2.43
C CYS A 73 3.73 -6.59 3.30
N ASN A 74 3.48 -7.71 3.96
CA ASN A 74 4.48 -8.32 4.83
C ASN A 74 4.89 -9.69 4.29
N GLY A 75 4.60 -9.93 3.02
CA GLY A 75 4.95 -11.20 2.41
C GLY A 75 3.75 -11.90 1.79
N GLU A 76 2.56 -11.36 2.05
CA GLU A 76 1.34 -11.94 1.51
C GLU A 76 0.62 -10.95 0.58
N THR A 77 -0.39 -11.45 -0.13
CA THR A 77 -1.14 -10.61 -1.06
C THR A 77 -2.16 -9.75 -0.32
N LEU A 78 -2.16 -8.46 -0.62
CA LEU A 78 -3.08 -7.52 0.01
C LEU A 78 -4.45 -8.15 0.20
N ARG A 79 -4.90 -8.89 -0.81
CA ARG A 79 -6.20 -9.56 -0.75
C ARG A 79 -6.30 -10.46 0.47
N HIS A 80 -5.24 -11.21 0.73
CA HIS A 80 -5.20 -12.12 1.87
C HIS A 80 -5.38 -11.35 3.18
N LEU A 81 -4.60 -10.30 3.35
CA LEU A 81 -4.67 -9.48 4.56
C LEU A 81 -6.07 -8.88 4.73
N GLU A 82 -6.63 -8.37 3.64
CA GLU A 82 -7.95 -7.77 3.67
C GLU A 82 -8.99 -8.75 4.19
N GLN A 83 -8.89 -10.00 3.74
CA GLN A 83 -9.81 -11.05 4.18
C GLN A 83 -9.77 -11.23 5.69
N LYS A 84 -8.59 -11.04 6.26
CA LYS A 84 -8.42 -11.19 7.71
C LYS A 84 -8.77 -9.89 8.43
N GLY A 85 -9.38 -8.96 7.69
CA GLY A 85 -9.76 -7.68 8.28
C GLY A 85 -8.56 -6.83 8.64
N LEU A 86 -7.46 -7.03 7.92
CA LEU A 86 -6.24 -6.27 8.17
C LEU A 86 -6.12 -5.11 7.21
N LEU A 87 -6.47 -5.34 5.95
CA LEU A 87 -6.40 -4.31 4.92
C LEU A 87 -7.79 -3.96 4.40
N PHE A 88 -8.16 -2.69 4.51
CA PHE A 88 -9.47 -2.22 4.06
C PHE A 88 -9.55 -2.27 2.53
N SER A 89 -8.44 -1.97 1.88
CA SER A 89 -8.39 -1.96 0.41
C SER A 89 -9.51 -1.10 -0.16
N GLY A 90 -9.75 0.05 0.46
CA GLY A 90 -10.80 0.94 -0.01
C GLY A 90 -12.18 0.34 0.16
N PRO A 91 -13.18 1.02 -0.42
CA PRO A 91 -14.58 0.56 -0.35
C PRO A 91 -14.82 -0.70 -1.15
N SER A 92 -15.35 -1.73 -0.48
CA SER A 92 -15.63 -3.01 -1.14
C SER A 92 -16.54 -2.81 -2.34
N SER A 93 -15.96 -2.86 -3.53
CA SER A 93 -16.71 -2.70 -4.77
C SER A 93 -17.07 -4.04 -5.37
N GLY A 94 -18.13 -4.05 -6.19
CA GLY A 94 -18.56 -5.28 -6.82
C GLY A 94 -19.22 -5.05 -8.17
N GLY A 1 6.46 20.98 32.96
CA GLY A 1 7.60 21.71 32.44
C GLY A 1 7.30 22.36 31.11
N SER A 2 8.34 22.92 30.47
CA SER A 2 8.18 23.58 29.18
C SER A 2 9.00 22.88 28.11
N SER A 3 8.33 22.44 27.06
CA SER A 3 9.00 21.75 25.96
C SER A 3 8.45 22.22 24.61
N GLY A 4 9.27 22.97 23.88
CA GLY A 4 8.86 23.47 22.58
C GLY A 4 9.17 22.50 21.46
N SER A 5 8.87 21.23 21.67
CA SER A 5 9.13 20.20 20.67
C SER A 5 7.82 19.60 20.15
N SER A 6 7.67 19.60 18.83
CA SER A 6 6.47 19.06 18.20
C SER A 6 6.57 17.55 18.03
N GLY A 7 5.45 16.92 17.66
CA GLY A 7 5.44 15.48 17.47
C GLY A 7 4.05 14.95 17.19
N ASN A 8 3.96 13.66 16.85
CA ASN A 8 2.68 13.03 16.55
C ASN A 8 2.19 12.21 17.74
N ASP A 9 0.97 11.71 17.64
CA ASP A 9 0.39 10.91 18.70
C ASP A 9 0.79 9.44 18.56
N ALA A 10 1.39 9.11 17.43
CA ALA A 10 1.82 7.74 17.16
C ALA A 10 2.81 7.69 16.00
N VAL A 11 3.36 6.51 15.74
CA VAL A 11 4.32 6.33 14.66
C VAL A 11 3.77 6.90 13.35
N ASP A 12 2.46 7.11 13.30
CA ASP A 12 1.82 7.65 12.11
C ASP A 12 1.88 6.65 10.96
N PHE A 13 1.85 5.37 11.29
CA PHE A 13 1.90 4.31 10.29
C PHE A 13 0.56 3.58 10.19
N SER A 14 -0.47 4.16 10.80
CA SER A 14 -1.80 3.58 10.78
C SER A 14 -2.41 3.65 9.39
N PRO A 15 -2.57 4.88 8.87
CA PRO A 15 -3.14 5.11 7.54
C PRO A 15 -2.21 4.67 6.42
N THR A 16 -1.07 4.09 6.80
CA THR A 16 -0.09 3.62 5.83
C THR A 16 0.31 2.18 6.10
N LEU A 17 0.62 1.44 5.05
CA LEU A 17 1.04 0.04 5.18
C LEU A 17 2.19 -0.28 4.23
N PRO A 18 3.14 -1.09 4.72
CA PRO A 18 4.31 -1.50 3.94
C PRO A 18 3.95 -2.45 2.81
N VAL A 19 4.19 -2.02 1.58
CA VAL A 19 3.90 -2.83 0.41
C VAL A 19 5.16 -3.09 -0.41
N THR A 20 5.19 -4.24 -1.09
CA THR A 20 6.33 -4.61 -1.91
C THR A 20 5.88 -5.34 -3.17
N CYS A 21 6.43 -4.94 -4.31
CA CYS A 21 6.09 -5.55 -5.59
C CYS A 21 7.35 -5.94 -6.36
N GLY A 22 7.59 -7.25 -6.46
CA GLY A 22 8.77 -7.73 -7.17
C GLY A 22 10.06 -7.16 -6.61
N LYS A 23 10.66 -6.22 -7.34
CA LYS A 23 11.90 -5.59 -6.92
C LYS A 23 11.66 -4.15 -6.48
N ALA A 24 10.40 -3.82 -6.22
CA ALA A 24 10.04 -2.48 -5.78
C ALA A 24 9.52 -2.47 -4.36
N LYS A 25 9.82 -1.40 -3.62
CA LYS A 25 9.38 -1.28 -2.24
C LYS A 25 8.84 0.11 -1.96
N GLY A 26 7.66 0.19 -1.35
CA GLY A 26 7.06 1.47 -1.04
C GLY A 26 6.10 1.38 0.13
N THR A 27 5.09 2.25 0.13
CA THR A 27 4.11 2.28 1.20
C THR A 27 2.75 2.76 0.70
N LEU A 28 1.71 1.98 0.99
CA LEU A 28 0.36 2.33 0.55
C LEU A 28 -0.34 3.21 1.60
N PHE A 29 -1.00 4.26 1.12
CA PHE A 29 -1.71 5.17 2.00
C PHE A 29 -3.22 5.04 1.84
N GLN A 30 -3.85 4.36 2.78
CA GLN A 30 -5.30 4.15 2.75
C GLN A 30 -6.03 5.48 2.53
N GLU A 31 -5.43 6.56 3.01
CA GLU A 31 -6.01 7.89 2.88
C GLU A 31 -5.96 8.36 1.43
N LYS A 32 -4.85 8.10 0.77
CA LYS A 32 -4.68 8.50 -0.63
C LYS A 32 -5.17 7.41 -1.57
N LEU A 33 -5.52 6.26 -1.01
CA LEU A 33 -6.02 5.14 -1.80
C LEU A 33 -7.54 5.08 -1.77
N LYS A 34 -8.11 5.32 -0.59
CA LYS A 34 -9.56 5.30 -0.42
C LYS A 34 -10.25 6.05 -1.54
N GLN A 35 -9.64 7.16 -1.96
CA GLN A 35 -10.20 7.98 -3.03
C GLN A 35 -10.29 7.19 -4.34
N GLY A 36 -9.25 6.40 -4.61
CA GLY A 36 -9.22 5.60 -5.82
C GLY A 36 -7.90 4.92 -6.03
N ALA A 37 -7.92 3.75 -6.68
CA ALA A 37 -6.71 2.99 -6.94
C ALA A 37 -5.98 3.52 -8.18
N SER A 38 -6.33 4.74 -8.59
CA SER A 38 -5.72 5.36 -9.75
C SER A 38 -4.82 6.52 -9.36
N LYS A 39 -5.06 7.06 -8.16
CA LYS A 39 -4.27 8.18 -7.66
C LYS A 39 -2.98 7.69 -7.01
N LYS A 40 -1.93 8.49 -7.11
CA LYS A 40 -0.64 8.14 -6.54
C LYS A 40 -0.74 8.00 -5.02
N CYS A 41 -0.75 6.76 -4.54
CA CYS A 41 -0.84 6.49 -3.12
C CYS A 41 0.41 5.77 -2.61
N ILE A 42 1.06 5.03 -3.51
CA ILE A 42 2.25 4.28 -3.16
C ILE A 42 3.50 5.16 -3.28
N GLN A 43 4.05 5.54 -2.14
CA GLN A 43 5.25 6.37 -2.12
C GLN A 43 6.51 5.53 -1.96
N ASN A 44 7.40 5.63 -2.93
CA ASN A 44 8.65 4.87 -2.91
C ASN A 44 9.67 5.53 -1.99
N GLU A 45 10.83 4.90 -1.86
CA GLU A 45 11.90 5.43 -1.01
C GLU A 45 12.27 6.85 -1.42
N ALA A 46 12.15 7.13 -2.72
CA ALA A 46 12.46 8.46 -3.23
C ALA A 46 11.37 9.46 -2.90
N GLY A 47 10.33 8.99 -2.22
CA GLY A 47 9.23 9.86 -1.84
C GLY A 47 8.27 10.09 -2.98
N ASP A 48 8.70 9.82 -4.20
CA ASP A 48 7.87 10.00 -5.38
C ASP A 48 6.68 9.04 -5.36
N TRP A 49 5.49 9.61 -5.21
CA TRP A 49 4.27 8.80 -5.16
C TRP A 49 4.04 8.11 -6.51
N LEU A 50 3.43 6.93 -6.45
CA LEU A 50 3.15 6.15 -7.66
C LEU A 50 1.76 5.51 -7.59
N THR A 51 1.09 5.42 -8.72
CA THR A 51 -0.23 4.84 -8.79
C THR A 51 -0.17 3.33 -8.68
N VAL A 52 -1.23 2.73 -8.13
CA VAL A 52 -1.30 1.28 -7.97
C VAL A 52 -0.65 0.56 -9.14
N LYS A 53 -0.67 1.21 -10.31
CA LYS A 53 -0.08 0.62 -11.51
C LYS A 53 1.42 0.86 -11.55
N GLU A 54 1.81 2.14 -11.56
CA GLU A 54 3.23 2.51 -11.60
C GLU A 54 4.05 1.59 -10.69
N PHE A 55 3.70 1.59 -9.40
CA PHE A 55 4.41 0.76 -8.43
C PHE A 55 4.76 -0.60 -9.03
N LEU A 56 3.78 -1.24 -9.65
CA LEU A 56 3.99 -2.55 -10.26
C LEU A 56 5.03 -2.48 -11.37
N ASN A 57 4.81 -1.58 -12.32
CA ASN A 57 5.72 -1.40 -13.44
C ASN A 57 7.17 -1.32 -12.95
N GLU A 58 7.38 -0.61 -11.85
CA GLU A 58 8.71 -0.46 -11.29
C GLU A 58 9.32 -1.82 -10.96
N GLY A 59 8.47 -2.76 -10.59
CA GLY A 59 8.93 -4.10 -10.25
C GLY A 59 9.16 -4.96 -11.48
N GLY A 60 8.35 -4.74 -12.51
CA GLY A 60 8.49 -5.51 -13.73
C GLY A 60 7.15 -6.01 -14.25
N ARG A 61 6.07 -5.56 -13.63
CA ARG A 61 4.73 -5.97 -14.03
C ARG A 61 3.81 -4.75 -14.16
N ALA A 62 3.57 -4.33 -15.40
CA ALA A 62 2.70 -3.18 -15.66
C ALA A 62 1.37 -3.63 -16.24
N THR A 63 1.41 -4.67 -17.05
CA THR A 63 0.20 -5.19 -17.69
C THR A 63 -0.70 -5.88 -16.66
N SER A 64 -0.09 -6.55 -15.69
CA SER A 64 -0.84 -7.25 -14.66
C SER A 64 -1.86 -6.32 -14.00
N LYS A 65 -3.13 -6.63 -14.20
CA LYS A 65 -4.21 -5.82 -13.63
C LYS A 65 -4.28 -6.00 -12.11
N ASP A 66 -4.49 -7.24 -11.67
CA ASP A 66 -4.58 -7.54 -10.25
C ASP A 66 -3.35 -7.02 -9.51
N TRP A 67 -3.54 -5.95 -8.75
CA TRP A 67 -2.45 -5.35 -7.98
C TRP A 67 -2.38 -5.94 -6.57
N LYS A 68 -3.53 -6.34 -6.05
CA LYS A 68 -3.61 -6.92 -4.71
C LYS A 68 -2.88 -8.26 -4.65
N GLY A 69 -2.82 -8.94 -5.80
CA GLY A 69 -2.15 -10.22 -5.86
C GLY A 69 -0.65 -10.10 -6.03
N VAL A 70 -0.23 -9.21 -6.92
CA VAL A 70 1.19 -9.00 -7.18
C VAL A 70 1.87 -8.35 -5.99
N ILE A 71 1.18 -7.39 -5.37
CA ILE A 71 1.72 -6.69 -4.21
C ILE A 71 1.58 -7.53 -2.94
N ARG A 72 2.64 -7.59 -2.15
CA ARG A 72 2.64 -8.36 -0.91
C ARG A 72 2.96 -7.47 0.28
N CYS A 73 2.20 -7.63 1.36
CA CYS A 73 2.41 -6.84 2.56
C CYS A 73 2.72 -7.74 3.76
N ASN A 74 3.97 -7.72 4.21
CA ASN A 74 4.39 -8.52 5.34
C ASN A 74 4.36 -10.01 4.98
N GLY A 75 4.64 -10.32 3.72
CA GLY A 75 4.64 -11.70 3.27
C GLY A 75 3.26 -12.18 2.87
N GLU A 76 2.25 -11.38 3.16
CA GLU A 76 0.87 -11.72 2.82
C GLU A 76 0.29 -10.74 1.81
N THR A 77 -0.24 -11.28 0.72
CA THR A 77 -0.84 -10.45 -0.33
C THR A 77 -1.98 -9.61 0.21
N LEU A 78 -2.09 -8.37 -0.27
CA LEU A 78 -3.15 -7.47 0.16
C LEU A 78 -4.47 -8.22 0.31
N ARG A 79 -4.79 -9.04 -0.67
CA ARG A 79 -6.03 -9.81 -0.65
C ARG A 79 -6.12 -10.65 0.62
N HIS A 80 -5.01 -11.26 0.99
CA HIS A 80 -4.96 -12.10 2.19
C HIS A 80 -5.32 -11.29 3.44
N LEU A 81 -4.67 -10.14 3.58
CA LEU A 81 -4.91 -9.27 4.73
C LEU A 81 -6.34 -8.74 4.71
N GLU A 82 -6.83 -8.37 3.54
CA GLU A 82 -8.18 -7.85 3.39
C GLU A 82 -9.21 -8.84 3.90
N GLN A 83 -9.01 -10.12 3.57
CA GLN A 83 -9.92 -11.17 3.99
C GLN A 83 -10.04 -11.20 5.51
N LYS A 84 -8.93 -10.95 6.20
CA LYS A 84 -8.91 -10.94 7.65
C LYS A 84 -9.44 -9.62 8.20
N GLY A 85 -9.97 -8.79 7.32
CA GLY A 85 -10.50 -7.50 7.73
C GLY A 85 -9.43 -6.58 8.27
N LEU A 86 -8.21 -6.70 7.73
CA LEU A 86 -7.09 -5.88 8.17
C LEU A 86 -6.86 -4.73 7.19
N LEU A 87 -7.05 -5.01 5.90
CA LEU A 87 -6.86 -4.00 4.87
C LEU A 87 -8.19 -3.48 4.36
N PHE A 88 -8.45 -2.20 4.58
CA PHE A 88 -9.71 -1.58 4.14
C PHE A 88 -9.93 -1.82 2.65
N SER A 89 -8.85 -1.82 1.87
CA SER A 89 -8.93 -2.03 0.44
C SER A 89 -9.94 -1.08 -0.19
N GLY A 90 -9.88 0.18 0.21
CA GLY A 90 -10.80 1.17 -0.33
C GLY A 90 -12.23 0.94 0.13
N PRO A 91 -13.19 1.51 -0.62
CA PRO A 91 -14.61 1.38 -0.32
C PRO A 91 -15.13 -0.04 -0.56
N SER A 92 -16.22 -0.39 0.12
CA SER A 92 -16.81 -1.72 -0.02
C SER A 92 -17.92 -1.70 -1.07
N SER A 93 -17.80 -2.58 -2.06
CA SER A 93 -18.80 -2.67 -3.12
C SER A 93 -20.02 -3.47 -2.66
N GLY A 94 -21.17 -3.15 -3.23
CA GLY A 94 -22.40 -3.84 -2.87
C GLY A 94 -22.82 -3.55 -1.45
N GLY A 1 16.48 3.75 7.34
CA GLY A 1 15.07 3.50 7.15
C GLY A 1 14.41 2.87 8.36
N SER A 2 14.35 1.55 8.38
CA SER A 2 13.74 0.82 9.49
C SER A 2 14.80 0.40 10.51
N SER A 3 14.34 -0.09 11.65
CA SER A 3 15.25 -0.52 12.72
C SER A 3 15.56 -2.01 12.60
N GLY A 4 14.50 -2.83 12.58
CA GLY A 4 14.68 -4.26 12.47
C GLY A 4 13.72 -5.04 13.35
N SER A 5 13.91 -4.91 14.66
CA SER A 5 13.06 -5.62 15.62
C SER A 5 11.70 -4.93 15.74
N SER A 6 11.73 -3.66 16.16
CA SER A 6 10.50 -2.89 16.32
C SER A 6 10.19 -2.08 15.07
N GLY A 7 9.07 -1.37 15.09
CA GLY A 7 8.67 -0.57 13.95
C GLY A 7 8.65 0.91 14.26
N ASN A 8 7.84 1.67 13.53
CA ASN A 8 7.73 3.10 13.73
C ASN A 8 6.75 3.41 14.86
N ASP A 9 6.97 4.54 15.53
CA ASP A 9 6.11 4.95 16.63
C ASP A 9 5.12 6.03 16.18
N ALA A 10 5.37 6.59 14.99
CA ALA A 10 4.50 7.62 14.44
C ALA A 10 3.10 7.09 14.17
N VAL A 11 2.11 7.98 14.27
CA VAL A 11 0.72 7.59 14.04
C VAL A 11 0.46 7.35 12.56
N ASP A 12 1.22 8.02 11.71
CA ASP A 12 1.07 7.89 10.27
C ASP A 12 1.25 6.43 9.84
N PHE A 13 1.77 5.62 10.75
CA PHE A 13 1.99 4.20 10.47
C PHE A 13 0.68 3.45 10.33
N SER A 14 -0.36 3.95 11.00
CA SER A 14 -1.67 3.33 10.96
C SER A 14 -2.27 3.42 9.56
N PRO A 15 -2.46 4.66 9.08
CA PRO A 15 -3.02 4.92 7.75
C PRO A 15 -2.08 4.52 6.63
N THR A 16 -0.94 3.95 7.00
CA THR A 16 0.06 3.52 6.02
C THR A 16 0.46 2.07 6.24
N LEU A 17 0.69 1.35 5.15
CA LEU A 17 1.08 -0.06 5.23
C LEU A 17 2.23 -0.35 4.28
N PRO A 18 3.18 -1.18 4.74
CA PRO A 18 4.35 -1.57 3.95
C PRO A 18 3.98 -2.48 2.78
N VAL A 19 4.29 -2.03 1.56
CA VAL A 19 3.99 -2.80 0.36
C VAL A 19 5.25 -2.98 -0.49
N THR A 20 5.32 -4.12 -1.18
CA THR A 20 6.46 -4.41 -2.03
C THR A 20 6.04 -5.20 -3.27
N CYS A 21 6.44 -4.72 -4.44
CA CYS A 21 6.10 -5.38 -5.70
C CYS A 21 7.36 -5.72 -6.49
N GLY A 22 7.75 -6.99 -6.46
CA GLY A 22 8.93 -7.43 -7.17
C GLY A 22 10.16 -6.61 -6.80
N LYS A 23 10.61 -5.79 -7.74
CA LYS A 23 11.79 -4.95 -7.51
C LYS A 23 11.39 -3.55 -7.05
N ALA A 24 10.13 -3.42 -6.61
CA ALA A 24 9.63 -2.14 -6.14
C ALA A 24 9.24 -2.21 -4.67
N LYS A 25 9.56 -1.15 -3.92
CA LYS A 25 9.25 -1.09 -2.50
C LYS A 25 8.78 0.30 -2.11
N GLY A 26 7.66 0.35 -1.38
CA GLY A 26 7.12 1.63 -0.94
C GLY A 26 6.14 1.49 0.20
N THR A 27 5.11 2.34 0.21
CA THR A 27 4.11 2.30 1.26
C THR A 27 2.76 2.79 0.75
N LEU A 28 1.70 2.09 1.11
CA LEU A 28 0.35 2.45 0.69
C LEU A 28 -0.34 3.30 1.75
N PHE A 29 -0.99 4.38 1.33
CA PHE A 29 -1.69 5.26 2.25
C PHE A 29 -3.20 5.17 2.04
N GLN A 30 -3.87 4.44 2.93
CA GLN A 30 -5.32 4.28 2.84
C GLN A 30 -6.00 5.59 2.48
N GLU A 31 -5.56 6.68 3.11
CA GLU A 31 -6.14 7.99 2.85
C GLU A 31 -6.03 8.34 1.37
N LYS A 32 -4.92 7.96 0.76
CA LYS A 32 -4.70 8.24 -0.66
C LYS A 32 -5.33 7.15 -1.53
N LEU A 33 -5.64 6.01 -0.91
CA LEU A 33 -6.24 4.90 -1.63
C LEU A 33 -7.76 5.04 -1.68
N LYS A 34 -8.32 5.63 -0.63
CA LYS A 34 -9.77 5.83 -0.56
C LYS A 34 -10.28 6.59 -1.78
N GLN A 35 -9.56 7.63 -2.17
CA GLN A 35 -9.94 8.43 -3.33
C GLN A 35 -10.08 7.55 -4.58
N GLY A 36 -9.02 6.81 -4.89
CA GLY A 36 -9.05 5.94 -6.05
C GLY A 36 -7.76 5.15 -6.21
N ALA A 37 -7.88 3.94 -6.76
CA ALA A 37 -6.72 3.09 -6.96
C ALA A 37 -5.94 3.49 -8.21
N SER A 38 -6.25 4.67 -8.73
CA SER A 38 -5.58 5.18 -9.92
C SER A 38 -4.59 6.28 -9.57
N LYS A 39 -4.82 6.93 -8.43
CA LYS A 39 -3.94 7.99 -7.97
C LYS A 39 -2.69 7.43 -7.30
N LYS A 40 -1.66 8.26 -7.19
CA LYS A 40 -0.41 7.85 -6.58
C LYS A 40 -0.57 7.70 -5.07
N CYS A 41 -0.67 6.46 -4.60
CA CYS A 41 -0.82 6.19 -3.17
C CYS A 41 0.35 5.38 -2.65
N ILE A 42 1.01 4.65 -3.53
CA ILE A 42 2.16 3.83 -3.15
C ILE A 42 3.46 4.64 -3.21
N GLN A 43 3.94 5.06 -2.06
CA GLN A 43 5.18 5.84 -1.99
C GLN A 43 6.39 4.93 -1.85
N ASN A 44 7.27 4.96 -2.84
CA ASN A 44 8.48 4.13 -2.82
C ASN A 44 9.50 4.68 -1.82
N GLU A 45 10.58 3.94 -1.63
CA GLU A 45 11.63 4.35 -0.70
C GLU A 45 12.19 5.72 -1.08
N ALA A 46 12.10 6.05 -2.36
CA ALA A 46 12.60 7.32 -2.86
C ALA A 46 11.64 8.46 -2.52
N GLY A 47 10.56 8.12 -1.81
CA GLY A 47 9.58 9.12 -1.43
C GLY A 47 8.58 9.41 -2.53
N ASP A 48 8.95 9.06 -3.76
CA ASP A 48 8.08 9.29 -4.91
C ASP A 48 6.83 8.41 -4.83
N TRP A 49 5.69 8.99 -5.18
CA TRP A 49 4.41 8.26 -5.15
C TRP A 49 4.15 7.58 -6.48
N LEU A 50 3.60 6.37 -6.42
CA LEU A 50 3.29 5.62 -7.64
C LEU A 50 1.86 5.10 -7.60
N THR A 51 1.18 5.14 -8.74
CA THR A 51 -0.19 4.66 -8.83
C THR A 51 -0.26 3.15 -8.74
N VAL A 52 -1.37 2.63 -8.23
CA VAL A 52 -1.56 1.19 -8.10
C VAL A 52 -0.95 0.45 -9.27
N LYS A 53 -0.89 1.11 -10.42
CA LYS A 53 -0.34 0.51 -11.63
C LYS A 53 1.17 0.76 -11.72
N GLU A 54 1.56 2.03 -11.64
CA GLU A 54 2.96 2.40 -11.71
C GLU A 54 3.81 1.53 -10.78
N PHE A 55 3.50 1.58 -9.49
CA PHE A 55 4.23 0.79 -8.50
C PHE A 55 4.60 -0.57 -9.06
N LEU A 56 3.65 -1.20 -9.75
CA LEU A 56 3.89 -2.51 -10.33
C LEU A 56 4.98 -2.46 -11.40
N ASN A 57 4.85 -1.50 -12.31
CA ASN A 57 5.84 -1.34 -13.38
C ASN A 57 7.25 -1.25 -12.82
N GLU A 58 7.38 -0.60 -11.67
CA GLU A 58 8.68 -0.43 -11.02
C GLU A 58 9.33 -1.79 -10.78
N GLY A 59 8.52 -2.77 -10.41
CA GLY A 59 9.04 -4.11 -10.15
C GLY A 59 9.07 -4.97 -11.40
N GLY A 60 8.08 -4.80 -12.26
CA GLY A 60 8.01 -5.58 -13.49
C GLY A 60 6.79 -6.47 -13.55
N ARG A 61 5.70 -6.01 -12.94
CA ARG A 61 4.45 -6.78 -12.93
C ARG A 61 3.34 -6.02 -13.65
N ALA A 62 3.72 -5.04 -14.45
CA ALA A 62 2.75 -4.25 -15.19
C ALA A 62 1.75 -5.13 -15.92
N THR A 63 2.24 -6.23 -16.49
CA THR A 63 1.39 -7.16 -17.21
C THR A 63 0.24 -7.66 -16.33
N SER A 64 0.58 -8.08 -15.11
CA SER A 64 -0.42 -8.58 -14.17
C SER A 64 -1.54 -7.56 -13.98
N LYS A 65 -2.77 -8.06 -13.82
CA LYS A 65 -3.92 -7.21 -13.63
C LYS A 65 -4.13 -6.88 -12.15
N ASP A 66 -4.50 -7.90 -11.38
CA ASP A 66 -4.72 -7.73 -9.95
C ASP A 66 -3.46 -7.19 -9.26
N TRP A 67 -3.54 -5.94 -8.79
CA TRP A 67 -2.42 -5.31 -8.12
C TRP A 67 -2.26 -5.85 -6.70
N LYS A 68 -3.39 -6.19 -6.07
CA LYS A 68 -3.38 -6.71 -4.71
C LYS A 68 -2.66 -8.06 -4.66
N GLY A 69 -2.59 -8.74 -5.80
CA GLY A 69 -1.93 -10.03 -5.85
C GLY A 69 -0.42 -9.90 -6.01
N VAL A 70 0.01 -9.05 -6.93
CA VAL A 70 1.43 -8.85 -7.19
C VAL A 70 2.09 -8.12 -6.01
N ILE A 71 1.32 -7.27 -5.34
CA ILE A 71 1.83 -6.52 -4.20
C ILE A 71 1.68 -7.31 -2.91
N ARG A 72 2.77 -7.40 -2.15
CA ARG A 72 2.75 -8.13 -0.89
C ARG A 72 3.07 -7.20 0.28
N CYS A 73 2.33 -7.37 1.38
CA CYS A 73 2.53 -6.55 2.57
C CYS A 73 2.88 -7.40 3.78
N ASN A 74 4.14 -7.34 4.21
CA ASN A 74 4.60 -8.12 5.35
C ASN A 74 4.56 -9.61 5.05
N GLY A 75 4.79 -9.96 3.78
CA GLY A 75 4.78 -11.36 3.39
C GLY A 75 3.39 -11.85 3.02
N GLU A 76 2.39 -11.00 3.26
CA GLU A 76 1.01 -11.35 2.95
C GLU A 76 0.41 -10.39 1.94
N THR A 77 -0.14 -10.94 0.86
CA THR A 77 -0.75 -10.12 -0.19
C THR A 77 -1.88 -9.27 0.36
N LEU A 78 -2.08 -8.10 -0.23
CA LEU A 78 -3.13 -7.19 0.20
C LEU A 78 -4.47 -7.92 0.32
N ARG A 79 -4.80 -8.69 -0.71
CA ARG A 79 -6.05 -9.45 -0.73
C ARG A 79 -6.15 -10.36 0.49
N HIS A 80 -5.04 -11.00 0.83
CA HIS A 80 -5.00 -11.91 1.98
C HIS A 80 -5.37 -11.17 3.27
N LEU A 81 -4.81 -9.98 3.44
CA LEU A 81 -5.07 -9.17 4.63
C LEU A 81 -6.55 -8.80 4.71
N GLU A 82 -7.11 -8.37 3.58
CA GLU A 82 -8.51 -7.98 3.53
C GLU A 82 -9.41 -9.12 3.99
N GLN A 83 -9.13 -10.32 3.49
CA GLN A 83 -9.93 -11.49 3.85
C GLN A 83 -9.91 -11.71 5.36
N LYS A 84 -8.77 -11.45 5.98
CA LYS A 84 -8.63 -11.62 7.42
C LYS A 84 -9.10 -10.39 8.17
N GLY A 85 -9.75 -9.48 7.44
CA GLY A 85 -10.26 -8.26 8.05
C GLY A 85 -9.14 -7.40 8.62
N LEU A 86 -7.98 -7.43 7.97
CA LEU A 86 -6.84 -6.64 8.42
C LEU A 86 -6.70 -5.37 7.59
N LEU A 87 -7.01 -5.46 6.31
CA LEU A 87 -6.91 -4.32 5.41
C LEU A 87 -8.30 -3.79 5.07
N PHE A 88 -8.40 -2.48 4.86
CA PHE A 88 -9.67 -1.85 4.52
C PHE A 88 -9.92 -1.89 3.02
N SER A 89 -8.84 -1.76 2.25
CA SER A 89 -8.95 -1.78 0.79
C SER A 89 -9.99 -0.79 0.31
N GLY A 90 -9.94 0.43 0.85
CA GLY A 90 -10.89 1.46 0.45
C GLY A 90 -12.17 1.39 1.25
N PRO A 91 -13.06 2.38 1.04
CA PRO A 91 -14.35 2.46 1.73
C PRO A 91 -15.31 1.36 1.30
N SER A 92 -16.56 1.45 1.73
CA SER A 92 -17.58 0.47 1.39
C SER A 92 -17.09 -0.95 1.70
N SER A 93 -16.29 -1.08 2.76
CA SER A 93 -15.76 -2.37 3.17
C SER A 93 -16.56 -2.96 4.31
N GLY A 94 -16.75 -4.28 4.28
CA GLY A 94 -17.50 -4.94 5.33
C GLY A 94 -18.02 -6.30 4.90
N GLY A 1 8.69 10.85 26.41
CA GLY A 1 9.91 11.63 26.41
C GLY A 1 10.43 11.89 25.01
N SER A 2 11.68 12.34 24.92
CA SER A 2 12.29 12.64 23.63
C SER A 2 12.03 11.51 22.64
N SER A 3 12.28 10.28 23.06
CA SER A 3 12.08 9.11 22.21
C SER A 3 11.22 8.07 22.92
N GLY A 4 10.34 7.42 22.15
CA GLY A 4 9.47 6.41 22.71
C GLY A 4 8.45 5.90 21.72
N SER A 5 7.77 4.82 22.07
CA SER A 5 6.76 4.22 21.20
C SER A 5 5.36 4.50 21.73
N SER A 6 4.44 4.80 20.82
CA SER A 6 3.06 5.09 21.19
C SER A 6 2.08 4.34 20.30
N GLY A 7 0.88 4.11 20.80
CA GLY A 7 -0.13 3.40 20.02
C GLY A 7 -0.05 1.90 20.21
N ASN A 8 -0.48 1.16 19.19
CA ASN A 8 -0.45 -0.30 19.25
C ASN A 8 0.58 -0.87 18.28
N ASP A 9 0.80 -2.18 18.36
CA ASP A 9 1.76 -2.84 17.48
C ASP A 9 1.12 -3.22 16.15
N ALA A 10 -0.21 -3.10 16.08
CA ALA A 10 -0.94 -3.42 14.87
C ALA A 10 -0.79 -2.32 13.82
N VAL A 11 -0.02 -2.59 12.79
CA VAL A 11 0.20 -1.62 11.72
C VAL A 11 -1.12 -1.08 11.19
N ASP A 12 -2.10 -1.97 11.04
CA ASP A 12 -3.42 -1.58 10.54
C ASP A 12 -3.81 -0.20 11.07
N PHE A 13 -3.60 0.02 12.36
CA PHE A 13 -3.94 1.29 12.99
C PHE A 13 -3.44 2.46 12.15
N SER A 14 -2.18 2.39 11.74
CA SER A 14 -1.58 3.45 10.93
C SER A 14 -2.19 3.48 9.53
N PRO A 15 -2.42 4.70 9.02
CA PRO A 15 -3.01 4.90 7.69
C PRO A 15 -2.06 4.49 6.57
N THR A 16 -0.90 3.97 6.94
CA THR A 16 0.09 3.54 5.97
C THR A 16 0.50 2.09 6.20
N LEU A 17 0.65 1.35 5.11
CA LEU A 17 1.03 -0.06 5.19
C LEU A 17 2.18 -0.37 4.23
N PRO A 18 3.11 -1.20 4.69
CA PRO A 18 4.28 -1.59 3.90
C PRO A 18 3.91 -2.51 2.74
N VAL A 19 4.22 -2.05 1.52
CA VAL A 19 3.92 -2.83 0.32
C VAL A 19 5.17 -3.05 -0.52
N THR A 20 5.24 -4.20 -1.18
CA THR A 20 6.39 -4.52 -2.02
C THR A 20 5.95 -5.29 -3.27
N CYS A 21 6.42 -4.85 -4.43
CA CYS A 21 6.08 -5.49 -5.69
C CYS A 21 7.33 -5.79 -6.50
N GLY A 22 7.74 -7.06 -6.50
CA GLY A 22 8.93 -7.46 -7.24
C GLY A 22 10.14 -6.64 -6.86
N LYS A 23 10.60 -5.79 -7.77
CA LYS A 23 11.77 -4.96 -7.52
C LYS A 23 11.35 -3.55 -7.08
N ALA A 24 10.10 -3.42 -6.65
CA ALA A 24 9.57 -2.14 -6.20
C ALA A 24 9.17 -2.19 -4.74
N LYS A 25 9.43 -1.11 -4.00
CA LYS A 25 9.08 -1.05 -2.59
C LYS A 25 8.58 0.35 -2.22
N GLY A 26 7.48 0.39 -1.47
CA GLY A 26 6.92 1.67 -1.07
C GLY A 26 5.97 1.54 0.11
N THR A 27 4.94 2.37 0.14
CA THR A 27 3.96 2.34 1.23
C THR A 27 2.60 2.85 0.76
N LEU A 28 1.56 2.06 1.03
CA LEU A 28 0.21 2.43 0.64
C LEU A 28 -0.46 3.28 1.71
N PHE A 29 -1.11 4.36 1.29
CA PHE A 29 -1.79 5.25 2.22
C PHE A 29 -3.30 5.19 2.03
N GLN A 30 -3.97 4.48 2.92
CA GLN A 30 -5.42 4.34 2.85
C GLN A 30 -6.08 5.68 2.54
N GLU A 31 -5.58 6.74 3.17
CA GLU A 31 -6.13 8.07 2.97
C GLU A 31 -6.04 8.47 1.49
N LYS A 32 -4.96 8.07 0.84
CA LYS A 32 -4.74 8.40 -0.57
C LYS A 32 -5.38 7.34 -1.46
N LEU A 33 -5.58 6.14 -0.91
CA LEU A 33 -6.18 5.05 -1.66
C LEU A 33 -7.67 5.29 -1.87
N LYS A 34 -8.33 5.79 -0.84
CA LYS A 34 -9.77 6.08 -0.92
C LYS A 34 -10.09 6.95 -2.12
N GLN A 35 -9.17 7.85 -2.46
CA GLN A 35 -9.36 8.75 -3.58
C GLN A 35 -9.53 7.97 -4.88
N GLY A 36 -8.63 7.01 -5.11
CA GLY A 36 -8.70 6.20 -6.32
C GLY A 36 -7.47 5.32 -6.48
N ALA A 37 -7.70 4.10 -6.96
CA ALA A 37 -6.61 3.15 -7.16
C ALA A 37 -5.79 3.52 -8.40
N SER A 38 -6.11 4.66 -8.99
CA SER A 38 -5.40 5.12 -10.18
C SER A 38 -4.42 6.24 -9.83
N LYS A 39 -4.68 6.90 -8.70
CA LYS A 39 -3.82 7.99 -8.25
C LYS A 39 -2.61 7.46 -7.49
N LYS A 40 -1.61 8.31 -7.31
CA LYS A 40 -0.39 7.92 -6.60
C LYS A 40 -0.67 7.78 -5.10
N CYS A 41 -0.73 6.54 -4.63
CA CYS A 41 -0.98 6.25 -3.23
C CYS A 41 0.19 5.52 -2.60
N ILE A 42 0.98 4.83 -3.44
CA ILE A 42 2.13 4.09 -2.97
C ILE A 42 3.39 4.95 -2.98
N GLN A 43 3.95 5.19 -1.80
CA GLN A 43 5.16 6.01 -1.68
C GLN A 43 6.40 5.13 -1.61
N ASN A 44 7.29 5.29 -2.60
CA ASN A 44 8.51 4.50 -2.65
C ASN A 44 9.52 4.99 -1.62
N GLU A 45 10.64 4.29 -1.51
CA GLU A 45 11.67 4.65 -0.55
C GLU A 45 12.20 6.06 -0.82
N ALA A 46 12.05 6.51 -2.06
CA ALA A 46 12.52 7.84 -2.45
C ALA A 46 11.44 8.88 -2.18
N GLY A 47 10.35 8.47 -1.53
CA GLY A 47 9.27 9.38 -1.22
C GLY A 47 8.37 9.64 -2.42
N ASP A 48 8.85 9.28 -3.61
CA ASP A 48 8.09 9.49 -4.83
C ASP A 48 6.88 8.55 -4.87
N TRP A 49 5.68 9.13 -4.89
CA TRP A 49 4.45 8.35 -4.93
C TRP A 49 4.27 7.69 -6.29
N LEU A 50 3.53 6.59 -6.31
CA LEU A 50 3.27 5.86 -7.55
C LEU A 50 1.87 5.28 -7.56
N THR A 51 1.24 5.30 -8.73
CA THR A 51 -0.11 4.77 -8.88
C THR A 51 -0.13 3.24 -8.71
N VAL A 52 -1.23 2.73 -8.17
CA VAL A 52 -1.37 1.29 -7.96
C VAL A 52 -0.78 0.50 -9.12
N LYS A 53 -0.74 1.13 -10.29
CA LYS A 53 -0.19 0.48 -11.48
C LYS A 53 1.31 0.76 -11.62
N GLU A 54 1.67 2.04 -11.56
CA GLU A 54 3.06 2.45 -11.68
C GLU A 54 3.95 1.59 -10.77
N PHE A 55 3.58 1.51 -9.49
CA PHE A 55 4.34 0.72 -8.53
C PHE A 55 4.69 -0.66 -9.09
N LEU A 56 3.71 -1.29 -9.71
CA LEU A 56 3.91 -2.61 -10.31
C LEU A 56 4.98 -2.57 -11.39
N ASN A 57 4.80 -1.69 -12.37
CA ASN A 57 5.75 -1.55 -13.46
C ASN A 57 7.18 -1.46 -12.93
N GLU A 58 7.35 -0.76 -11.82
CA GLU A 58 8.67 -0.60 -11.22
C GLU A 58 9.30 -1.96 -10.92
N GLY A 59 8.48 -2.90 -10.48
CA GLY A 59 8.97 -4.23 -10.16
C GLY A 59 8.98 -5.14 -11.38
N GLY A 60 7.98 -4.99 -12.24
CA GLY A 60 7.89 -5.81 -13.43
C GLY A 60 6.68 -6.72 -13.42
N ARG A 61 5.58 -6.23 -12.87
CA ARG A 61 4.35 -7.01 -12.81
C ARG A 61 3.24 -6.31 -13.59
N ALA A 62 3.60 -5.32 -14.39
CA ALA A 62 2.63 -4.59 -15.19
C ALA A 62 1.70 -5.54 -15.93
N THR A 63 2.25 -6.65 -16.40
CA THR A 63 1.46 -7.64 -17.13
C THR A 63 0.27 -8.11 -16.30
N SER A 64 0.49 -8.31 -15.01
CA SER A 64 -0.56 -8.75 -14.11
C SER A 64 -1.66 -7.70 -13.98
N LYS A 65 -2.90 -8.14 -13.79
CA LYS A 65 -4.02 -7.23 -13.64
C LYS A 65 -4.27 -6.89 -12.18
N ASP A 66 -4.45 -7.93 -11.36
CA ASP A 66 -4.69 -7.74 -9.93
C ASP A 66 -3.45 -7.23 -9.23
N TRP A 67 -3.49 -5.98 -8.79
CA TRP A 67 -2.36 -5.36 -8.10
C TRP A 67 -2.24 -5.89 -6.67
N LYS A 68 -3.37 -6.22 -6.06
CA LYS A 68 -3.40 -6.74 -4.71
C LYS A 68 -2.71 -8.10 -4.64
N GLY A 69 -2.62 -8.77 -5.78
CA GLY A 69 -2.00 -10.08 -5.83
C GLY A 69 -0.49 -10.00 -5.99
N VAL A 70 -0.04 -9.15 -6.91
CA VAL A 70 1.39 -8.99 -7.17
C VAL A 70 2.08 -8.28 -5.99
N ILE A 71 1.32 -7.43 -5.31
CA ILE A 71 1.86 -6.69 -4.17
C ILE A 71 1.73 -7.50 -2.89
N ARG A 72 2.86 -7.66 -2.19
CA ARG A 72 2.88 -8.42 -0.94
C ARG A 72 3.24 -7.52 0.24
N CYS A 73 2.53 -7.68 1.34
CA CYS A 73 2.77 -6.89 2.54
C CYS A 73 3.12 -7.78 3.73
N ASN A 74 4.37 -7.73 4.15
CA ASN A 74 4.83 -8.53 5.28
C ASN A 74 4.73 -10.02 4.96
N GLY A 75 4.92 -10.36 3.69
CA GLY A 75 4.85 -11.75 3.28
C GLY A 75 3.44 -12.20 2.97
N GLU A 76 2.48 -11.29 3.15
CA GLU A 76 1.07 -11.59 2.89
C GLU A 76 0.49 -10.61 1.88
N THR A 77 -0.08 -11.15 0.80
CA THR A 77 -0.67 -10.33 -0.24
C THR A 77 -1.78 -9.45 0.33
N LEU A 78 -1.94 -8.26 -0.24
CA LEU A 78 -2.97 -7.33 0.21
C LEU A 78 -4.31 -8.03 0.36
N ARG A 79 -4.71 -8.77 -0.68
CA ARG A 79 -5.97 -9.50 -0.66
C ARG A 79 -6.10 -10.35 0.60
N HIS A 80 -5.03 -11.08 0.92
CA HIS A 80 -5.02 -11.94 2.09
C HIS A 80 -5.33 -11.14 3.36
N LEU A 81 -4.71 -9.97 3.46
CA LEU A 81 -4.92 -9.10 4.62
C LEU A 81 -6.39 -8.68 4.73
N GLU A 82 -6.97 -8.32 3.59
CA GLU A 82 -8.37 -7.89 3.55
C GLU A 82 -9.30 -9.01 4.01
N GLN A 83 -9.05 -10.21 3.51
CA GLN A 83 -9.86 -11.37 3.86
C GLN A 83 -9.89 -11.58 5.38
N LYS A 84 -8.75 -11.35 6.01
CA LYS A 84 -8.63 -11.52 7.46
C LYS A 84 -9.11 -10.26 8.18
N GLY A 85 -9.75 -9.36 7.44
CA GLY A 85 -10.25 -8.14 8.04
C GLY A 85 -9.13 -7.25 8.56
N LEU A 86 -7.99 -7.28 7.89
CA LEU A 86 -6.84 -6.48 8.30
C LEU A 86 -6.69 -5.25 7.42
N LEU A 87 -6.97 -5.42 6.13
CA LEU A 87 -6.87 -4.33 5.17
C LEU A 87 -8.25 -3.89 4.70
N PHE A 88 -8.40 -2.59 4.46
CA PHE A 88 -9.68 -2.03 4.01
C PHE A 88 -9.74 -2.00 2.49
N SER A 89 -8.60 -1.72 1.86
CA SER A 89 -8.53 -1.66 0.40
C SER A 89 -9.64 -0.78 -0.15
N GLY A 90 -9.84 0.38 0.45
CA GLY A 90 -10.87 1.29 0.00
C GLY A 90 -12.26 0.84 0.42
N PRO A 91 -13.18 1.81 0.58
CA PRO A 91 -14.56 1.53 0.98
C PRO A 91 -15.34 0.83 -0.12
N SER A 92 -15.29 1.40 -1.33
CA SER A 92 -16.01 0.84 -2.47
C SER A 92 -15.39 -0.49 -2.90
N SER A 93 -14.08 -0.48 -3.14
CA SER A 93 -13.36 -1.68 -3.56
C SER A 93 -13.43 -2.76 -2.47
N GLY A 94 -13.76 -3.98 -2.89
CA GLY A 94 -13.85 -5.08 -1.94
C GLY A 94 -14.31 -6.37 -2.60
N GLY A 1 21.21 14.74 7.60
CA GLY A 1 20.20 14.34 6.65
C GLY A 1 19.13 15.40 6.45
N SER A 2 18.17 15.46 7.36
CA SER A 2 17.09 16.44 7.28
C SER A 2 16.78 17.02 8.66
N SER A 3 15.86 17.98 8.69
CA SER A 3 15.47 18.62 9.94
C SER A 3 14.07 18.17 10.37
N GLY A 4 14.03 17.28 11.36
CA GLY A 4 12.75 16.78 11.84
C GLY A 4 12.22 15.63 11.02
N SER A 5 12.86 14.47 11.13
CA SER A 5 12.45 13.29 10.39
C SER A 5 10.96 13.02 10.57
N SER A 6 10.50 13.08 11.82
CA SER A 6 9.10 12.84 12.12
C SER A 6 8.23 13.99 11.63
N GLY A 7 7.02 13.67 11.17
CA GLY A 7 6.12 14.68 10.67
C GLY A 7 4.82 14.09 10.15
N ASN A 8 4.71 13.97 8.84
CA ASN A 8 3.51 13.42 8.21
C ASN A 8 3.53 11.90 8.24
N ASP A 9 4.40 11.34 9.07
CA ASP A 9 4.53 9.89 9.19
C ASP A 9 4.23 9.44 10.62
N ALA A 10 3.25 8.55 10.76
CA ALA A 10 2.87 8.03 12.08
C ALA A 10 3.39 6.62 12.27
N VAL A 11 4.10 6.41 13.38
CA VAL A 11 4.66 5.11 13.70
C VAL A 11 3.58 4.03 13.71
N ASP A 12 2.42 4.37 14.25
CA ASP A 12 1.30 3.44 14.33
C ASP A 12 1.11 2.71 13.00
N PHE A 13 1.56 3.34 11.93
CA PHE A 13 1.44 2.76 10.59
C PHE A 13 0.00 2.33 10.31
N SER A 14 -0.95 3.16 10.73
CA SER A 14 -2.36 2.86 10.53
C SER A 14 -2.81 3.22 9.11
N PRO A 15 -2.80 4.52 8.80
CA PRO A 15 -3.19 5.02 7.48
C PRO A 15 -2.18 4.67 6.40
N THR A 16 -1.14 3.93 6.79
CA THR A 16 -0.10 3.52 5.85
C THR A 16 0.29 2.06 6.06
N LEU A 17 0.51 1.35 4.96
CA LEU A 17 0.89 -0.06 5.03
C LEU A 17 2.06 -0.35 4.10
N PRO A 18 3.00 -1.18 4.58
CA PRO A 18 4.19 -1.56 3.82
C PRO A 18 3.86 -2.46 2.63
N VAL A 19 4.11 -1.96 1.43
CA VAL A 19 3.83 -2.73 0.21
C VAL A 19 5.12 -3.00 -0.57
N THR A 20 5.15 -4.13 -1.27
CA THR A 20 6.31 -4.52 -2.04
C THR A 20 5.90 -5.30 -3.29
N CYS A 21 6.42 -4.87 -4.45
CA CYS A 21 6.11 -5.54 -5.70
C CYS A 21 7.38 -5.94 -6.44
N GLY A 22 7.71 -7.23 -6.39
CA GLY A 22 8.91 -7.72 -7.06
C GLY A 22 10.17 -7.10 -6.50
N LYS A 23 10.83 -6.28 -7.31
CA LYS A 23 12.06 -5.61 -6.89
C LYS A 23 11.79 -4.17 -6.47
N ALA A 24 10.52 -3.86 -6.21
CA ALA A 24 10.13 -2.52 -5.80
C ALA A 24 9.62 -2.52 -4.37
N LYS A 25 9.73 -1.38 -3.71
CA LYS A 25 9.28 -1.24 -2.33
C LYS A 25 8.66 0.14 -2.09
N GLY A 26 7.52 0.16 -1.40
CA GLY A 26 6.84 1.41 -1.11
C GLY A 26 5.90 1.31 0.08
N THR A 27 4.87 2.15 0.08
CA THR A 27 3.90 2.15 1.17
C THR A 27 2.56 2.69 0.70
N LEU A 28 1.50 1.93 0.93
CA LEU A 28 0.16 2.32 0.53
C LEU A 28 -0.49 3.20 1.60
N PHE A 29 -1.12 4.28 1.18
CA PHE A 29 -1.78 5.20 2.10
C PHE A 29 -3.29 5.16 1.91
N GLN A 30 -3.98 4.46 2.81
CA GLN A 30 -5.43 4.34 2.75
C GLN A 30 -6.07 5.68 2.42
N GLU A 31 -5.59 6.74 3.06
CA GLU A 31 -6.11 8.08 2.83
C GLU A 31 -6.01 8.47 1.36
N LYS A 32 -4.90 8.11 0.73
CA LYS A 32 -4.68 8.40 -0.68
C LYS A 32 -5.26 7.31 -1.57
N LEU A 33 -5.68 6.21 -0.94
CA LEU A 33 -6.27 5.09 -1.68
C LEU A 33 -7.78 5.24 -1.79
N LYS A 34 -8.40 5.76 -0.72
CA LYS A 34 -9.84 5.96 -0.70
C LYS A 34 -10.33 6.57 -2.01
N GLN A 35 -9.67 7.64 -2.44
CA GLN A 35 -10.03 8.32 -3.68
C GLN A 35 -10.17 7.31 -4.83
N GLY A 36 -9.09 6.60 -5.12
CA GLY A 36 -9.11 5.63 -6.20
C GLY A 36 -7.79 4.89 -6.34
N ALA A 37 -7.82 3.76 -7.03
CA ALA A 37 -6.61 2.96 -7.23
C ALA A 37 -5.76 3.55 -8.35
N SER A 38 -6.08 4.77 -8.76
CA SER A 38 -5.33 5.44 -9.83
C SER A 38 -4.47 6.56 -9.26
N LYS A 39 -4.90 7.13 -8.14
CA LYS A 39 -4.16 8.22 -7.50
C LYS A 39 -2.90 7.69 -6.84
N LYS A 40 -1.80 8.43 -7.01
CA LYS A 40 -0.52 8.04 -6.43
C LYS A 40 -0.64 7.88 -4.92
N CYS A 41 -0.68 6.63 -4.46
CA CYS A 41 -0.79 6.34 -3.03
C CYS A 41 0.42 5.57 -2.54
N ILE A 42 1.05 4.83 -3.45
CA ILE A 42 2.23 4.04 -3.11
C ILE A 42 3.49 4.89 -3.12
N GLN A 43 4.07 5.11 -1.95
CA GLN A 43 5.29 5.91 -1.83
C GLN A 43 6.51 5.02 -1.69
N ASN A 44 7.45 5.17 -2.61
CA ASN A 44 8.68 4.38 -2.59
C ASN A 44 9.71 4.99 -1.65
N GLU A 45 10.86 4.34 -1.53
CA GLU A 45 11.93 4.82 -0.66
C GLU A 45 12.29 6.27 -0.98
N ALA A 46 12.21 6.61 -2.26
CA ALA A 46 12.53 7.96 -2.71
C ALA A 46 11.42 8.94 -2.34
N GLY A 47 10.39 8.43 -1.67
CA GLY A 47 9.27 9.27 -1.27
C GLY A 47 8.35 9.59 -2.43
N ASP A 48 8.80 9.33 -3.65
CA ASP A 48 8.00 9.59 -4.83
C ASP A 48 6.78 8.67 -4.88
N TRP A 49 5.60 9.27 -4.85
CA TRP A 49 4.36 8.50 -4.89
C TRP A 49 4.18 7.83 -6.25
N LEU A 50 3.48 6.70 -6.26
CA LEU A 50 3.24 5.96 -7.49
C LEU A 50 1.83 5.35 -7.49
N THR A 51 1.18 5.39 -8.65
CA THR A 51 -0.16 4.84 -8.79
C THR A 51 -0.16 3.33 -8.63
N VAL A 52 -1.23 2.79 -8.04
CA VAL A 52 -1.34 1.36 -7.84
C VAL A 52 -0.79 0.58 -9.03
N LYS A 53 -0.81 1.21 -10.20
CA LYS A 53 -0.30 0.58 -11.41
C LYS A 53 1.20 0.82 -11.57
N GLU A 54 1.61 2.08 -11.47
CA GLU A 54 3.02 2.43 -11.60
C GLU A 54 3.89 1.53 -10.73
N PHE A 55 3.65 1.56 -9.43
CA PHE A 55 4.41 0.74 -8.49
C PHE A 55 4.72 -0.63 -9.09
N LEU A 56 3.71 -1.23 -9.74
CA LEU A 56 3.87 -2.54 -10.35
C LEU A 56 4.89 -2.49 -11.49
N ASN A 57 4.69 -1.54 -12.40
CA ASN A 57 5.59 -1.39 -13.54
C ASN A 57 7.06 -1.39 -13.08
N GLU A 58 7.32 -0.72 -11.97
CA GLU A 58 8.67 -0.63 -11.42
C GLU A 58 9.16 -2.01 -10.98
N GLY A 59 8.24 -2.83 -10.48
CA GLY A 59 8.60 -4.16 -10.03
C GLY A 59 8.84 -5.12 -11.18
N GLY A 60 8.11 -4.91 -12.28
CA GLY A 60 8.27 -5.78 -13.44
C GLY A 60 6.94 -6.29 -13.96
N ARG A 61 5.84 -5.76 -13.41
CA ARG A 61 4.51 -6.17 -13.83
C ARG A 61 3.64 -4.96 -14.13
N ALA A 62 3.47 -4.66 -15.41
CA ALA A 62 2.66 -3.53 -15.84
C ALA A 62 1.33 -3.99 -16.40
N THR A 63 1.35 -5.10 -17.13
CA THR A 63 0.13 -5.65 -17.73
C THR A 63 -0.65 -6.48 -16.73
N SER A 64 -0.27 -6.39 -15.46
CA SER A 64 -0.92 -7.14 -14.40
C SER A 64 -2.38 -6.70 -14.24
N LYS A 65 -3.23 -7.62 -13.80
CA LYS A 65 -4.64 -7.33 -13.61
C LYS A 65 -4.93 -6.97 -12.15
N ASP A 66 -4.66 -7.90 -11.24
CA ASP A 66 -4.89 -7.67 -9.82
C ASP A 66 -3.62 -7.18 -9.14
N TRP A 67 -3.63 -5.93 -8.69
CA TRP A 67 -2.48 -5.34 -8.03
C TRP A 67 -2.33 -5.89 -6.62
N LYS A 68 -3.45 -6.21 -5.98
CA LYS A 68 -3.44 -6.75 -4.63
C LYS A 68 -2.72 -8.10 -4.60
N GLY A 69 -2.72 -8.80 -5.73
CA GLY A 69 -2.07 -10.09 -5.80
C GLY A 69 -0.56 -9.98 -5.97
N VAL A 70 -0.13 -9.12 -6.90
CA VAL A 70 1.28 -8.91 -7.16
C VAL A 70 1.96 -8.23 -5.97
N ILE A 71 1.29 -7.25 -5.39
CA ILE A 71 1.82 -6.52 -4.25
C ILE A 71 1.71 -7.34 -2.98
N ARG A 72 2.83 -7.45 -2.25
CA ARG A 72 2.84 -8.20 -1.01
C ARG A 72 3.16 -7.29 0.18
N CYS A 73 2.42 -7.47 1.27
CA CYS A 73 2.62 -6.66 2.47
C CYS A 73 3.05 -7.52 3.65
N ASN A 74 4.31 -7.37 4.05
CA ASN A 74 4.85 -8.14 5.16
C ASN A 74 4.85 -9.63 4.85
N GLY A 75 5.02 -9.96 3.57
CA GLY A 75 5.03 -11.35 3.16
C GLY A 75 3.64 -11.87 2.83
N GLU A 76 2.63 -11.07 3.13
CA GLU A 76 1.24 -11.45 2.86
C GLU A 76 0.59 -10.51 1.86
N THR A 77 0.05 -11.07 0.79
CA THR A 77 -0.60 -10.28 -0.25
C THR A 77 -1.74 -9.46 0.33
N LEU A 78 -1.86 -8.22 -0.12
CA LEU A 78 -2.92 -7.33 0.34
C LEU A 78 -4.25 -8.06 0.45
N ARG A 79 -4.55 -8.86 -0.57
CA ARG A 79 -5.80 -9.63 -0.61
C ARG A 79 -5.94 -10.48 0.65
N HIS A 80 -4.88 -11.20 0.99
CA HIS A 80 -4.89 -12.06 2.18
C HIS A 80 -5.24 -11.26 3.42
N LEU A 81 -4.59 -10.11 3.59
CA LEU A 81 -4.84 -9.26 4.74
C LEU A 81 -6.26 -8.69 4.71
N GLU A 82 -6.73 -8.33 3.52
CA GLU A 82 -8.06 -7.79 3.35
C GLU A 82 -9.12 -8.79 3.79
N GLN A 83 -8.95 -10.04 3.37
CA GLN A 83 -9.90 -11.10 3.72
C GLN A 83 -10.01 -11.26 5.23
N LYS A 84 -8.87 -11.09 5.91
CA LYS A 84 -8.84 -11.22 7.36
C LYS A 84 -9.35 -9.94 8.04
N GLY A 85 -9.93 -9.06 7.24
CA GLY A 85 -10.45 -7.81 7.77
C GLY A 85 -9.36 -6.89 8.29
N LEU A 86 -8.19 -6.95 7.65
CA LEU A 86 -7.06 -6.12 8.05
C LEU A 86 -6.92 -4.92 7.12
N LEU A 87 -7.17 -5.14 5.84
CA LEU A 87 -7.06 -4.08 4.85
C LEU A 87 -8.43 -3.60 4.41
N PHE A 88 -8.63 -2.28 4.40
CA PHE A 88 -9.91 -1.69 4.01
C PHE A 88 -10.04 -1.67 2.49
N SER A 89 -8.92 -1.47 1.80
CA SER A 89 -8.93 -1.43 0.34
C SER A 89 -9.97 -0.44 -0.17
N GLY A 90 -10.06 0.71 0.48
CA GLY A 90 -11.02 1.72 0.07
C GLY A 90 -12.35 1.57 0.79
N PRO A 91 -13.15 2.64 0.78
CA PRO A 91 -14.47 2.66 1.44
C PRO A 91 -15.48 1.79 0.69
N SER A 92 -15.22 1.54 -0.59
CA SER A 92 -16.11 0.72 -1.40
C SER A 92 -17.53 1.26 -1.35
N SER A 93 -17.67 2.58 -1.43
CA SER A 93 -18.98 3.22 -1.40
C SER A 93 -19.43 3.61 -2.80
N GLY A 94 -20.67 4.08 -2.90
CA GLY A 94 -21.21 4.47 -4.19
C GLY A 94 -22.67 4.11 -4.34
N GLY A 1 14.93 28.25 24.82
CA GLY A 1 16.18 27.85 24.20
C GLY A 1 16.10 27.87 22.68
N SER A 2 15.46 26.86 22.11
CA SER A 2 15.33 26.77 20.66
C SER A 2 13.91 26.35 20.28
N SER A 3 13.54 26.61 19.03
CA SER A 3 12.21 26.27 18.53
C SER A 3 12.15 24.80 18.11
N GLY A 4 10.93 24.30 17.90
CA GLY A 4 10.76 22.91 17.50
C GLY A 4 9.37 22.39 17.82
N SER A 5 9.06 21.20 17.33
CA SER A 5 7.76 20.59 17.56
C SER A 5 7.73 19.85 18.90
N SER A 6 8.78 19.06 19.15
CA SER A 6 8.87 18.30 20.38
C SER A 6 7.62 17.46 20.61
N GLY A 7 7.12 16.85 19.53
CA GLY A 7 5.93 16.04 19.63
C GLY A 7 5.57 15.36 18.32
N ASN A 8 6.58 14.80 17.65
CA ASN A 8 6.37 14.12 16.38
C ASN A 8 5.79 12.73 16.59
N ASP A 9 4.65 12.47 15.95
CA ASP A 9 3.99 11.16 16.07
C ASP A 9 4.07 10.40 14.75
N ALA A 10 4.38 9.11 14.83
CA ALA A 10 4.47 8.27 13.64
C ALA A 10 3.16 7.55 13.38
N VAL A 11 2.08 8.04 13.98
CA VAL A 11 0.77 7.44 13.80
C VAL A 11 0.51 7.12 12.34
N ASP A 12 1.18 7.84 11.45
CA ASP A 12 1.01 7.63 10.01
C ASP A 12 1.16 6.16 9.65
N PHE A 13 1.75 5.39 10.56
CA PHE A 13 1.95 3.96 10.35
C PHE A 13 0.61 3.25 10.18
N SER A 14 -0.41 3.76 10.87
CA SER A 14 -1.74 3.17 10.80
C SER A 14 -2.33 3.29 9.40
N PRO A 15 -2.47 4.53 8.92
CA PRO A 15 -3.03 4.82 7.60
C PRO A 15 -2.07 4.41 6.48
N THR A 16 -0.95 3.81 6.86
CA THR A 16 0.05 3.37 5.89
C THR A 16 0.39 1.90 6.09
N LEU A 17 0.61 1.19 4.98
CA LEU A 17 0.95 -0.23 5.03
C LEU A 17 2.13 -0.54 4.13
N PRO A 18 3.03 -1.40 4.62
CA PRO A 18 4.24 -1.79 3.87
C PRO A 18 3.90 -2.68 2.66
N VAL A 19 4.21 -2.17 1.47
CA VAL A 19 3.94 -2.91 0.24
C VAL A 19 5.23 -3.16 -0.54
N THR A 20 5.27 -4.27 -1.26
CA THR A 20 6.44 -4.63 -2.05
C THR A 20 6.05 -5.39 -3.31
N CYS A 21 6.54 -4.95 -4.46
CA CYS A 21 6.24 -5.60 -5.72
C CYS A 21 7.51 -5.97 -6.47
N GLY A 22 7.84 -7.26 -6.47
CA GLY A 22 9.04 -7.71 -7.15
C GLY A 22 10.30 -7.03 -6.63
N LYS A 23 10.84 -6.12 -7.42
CA LYS A 23 12.04 -5.39 -7.04
C LYS A 23 11.71 -3.95 -6.64
N ALA A 24 10.44 -3.70 -6.39
CA ALA A 24 9.99 -2.37 -6.00
C ALA A 24 9.46 -2.36 -4.56
N LYS A 25 9.73 -1.27 -3.84
CA LYS A 25 9.29 -1.15 -2.46
C LYS A 25 8.67 0.23 -2.21
N GLY A 26 7.55 0.25 -1.49
CA GLY A 26 6.89 1.51 -1.20
C GLY A 26 5.97 1.41 0.00
N THR A 27 4.95 2.26 0.04
CA THR A 27 4.00 2.26 1.14
C THR A 27 2.63 2.76 0.68
N LEU A 28 1.60 1.95 0.92
CA LEU A 28 0.24 2.30 0.54
C LEU A 28 -0.43 3.15 1.61
N PHE A 29 -1.10 4.21 1.20
CA PHE A 29 -1.78 5.11 2.12
C PHE A 29 -3.29 5.04 1.94
N GLN A 30 -3.96 4.31 2.83
CA GLN A 30 -5.41 4.17 2.76
C GLN A 30 -6.07 5.49 2.40
N GLU A 31 -5.55 6.58 2.96
CA GLU A 31 -6.09 7.91 2.70
C GLU A 31 -6.02 8.25 1.22
N LYS A 32 -4.88 7.93 0.60
CA LYS A 32 -4.68 8.21 -0.82
C LYS A 32 -5.24 7.07 -1.67
N LEU A 33 -5.69 6.01 -1.02
CA LEU A 33 -6.26 4.86 -1.72
C LEU A 33 -7.77 5.01 -1.91
N LYS A 34 -8.43 5.57 -0.89
CA LYS A 34 -9.87 5.77 -0.93
C LYS A 34 -10.27 6.49 -2.21
N GLN A 35 -9.79 7.71 -2.37
CA GLN A 35 -10.10 8.52 -3.56
C GLN A 35 -10.20 7.63 -4.80
N GLY A 36 -9.15 6.85 -5.03
CA GLY A 36 -9.13 5.96 -6.19
C GLY A 36 -7.78 5.31 -6.39
N ALA A 37 -7.78 4.13 -7.03
CA ALA A 37 -6.55 3.41 -7.29
C ALA A 37 -5.80 4.00 -8.49
N SER A 38 -6.22 5.18 -8.91
CA SER A 38 -5.59 5.84 -10.05
C SER A 38 -4.68 6.98 -9.58
N LYS A 39 -4.84 7.37 -8.32
CA LYS A 39 -4.03 8.44 -7.75
C LYS A 39 -2.81 7.88 -7.02
N LYS A 40 -1.69 8.57 -7.13
CA LYS A 40 -0.45 8.14 -6.49
C LYS A 40 -0.67 7.96 -4.99
N CYS A 41 -0.74 6.71 -4.56
CA CYS A 41 -0.93 6.39 -3.14
C CYS A 41 0.26 5.64 -2.58
N ILE A 42 0.98 4.95 -3.46
CA ILE A 42 2.16 4.18 -3.05
C ILE A 42 3.41 5.07 -3.02
N GLN A 43 3.98 5.25 -1.83
CA GLN A 43 5.17 6.07 -1.68
C GLN A 43 6.42 5.19 -1.60
N ASN A 44 7.34 5.40 -2.54
CA ASN A 44 8.58 4.64 -2.58
C ASN A 44 9.57 5.14 -1.53
N GLU A 45 10.68 4.44 -1.40
CA GLU A 45 11.71 4.81 -0.43
C GLU A 45 12.20 6.23 -0.69
N ALA A 46 12.10 6.67 -1.93
CA ALA A 46 12.53 8.02 -2.30
C ALA A 46 11.44 9.05 -2.00
N GLY A 47 10.37 8.60 -1.36
CA GLY A 47 9.28 9.49 -1.03
C GLY A 47 8.35 9.75 -2.19
N ASP A 48 8.84 9.49 -3.40
CA ASP A 48 8.05 9.70 -4.60
C ASP A 48 6.86 8.74 -4.65
N TRP A 49 5.67 9.30 -4.79
CA TRP A 49 4.44 8.50 -4.85
C TRP A 49 4.27 7.87 -6.22
N LEU A 50 3.51 6.78 -6.27
CA LEU A 50 3.26 6.07 -7.52
C LEU A 50 1.86 5.47 -7.55
N THR A 51 1.25 5.46 -8.73
CA THR A 51 -0.10 4.92 -8.88
C THR A 51 -0.10 3.41 -8.72
N VAL A 52 -1.19 2.89 -8.16
CA VAL A 52 -1.32 1.44 -7.95
C VAL A 52 -0.74 0.65 -9.10
N LYS A 53 -0.73 1.27 -10.28
CA LYS A 53 -0.19 0.63 -11.48
C LYS A 53 1.31 0.86 -11.60
N GLU A 54 1.73 2.12 -11.49
CA GLU A 54 3.14 2.47 -11.57
C GLU A 54 3.99 1.56 -10.69
N PHE A 55 3.69 1.57 -9.39
CA PHE A 55 4.42 0.74 -8.43
C PHE A 55 4.75 -0.62 -9.03
N LEU A 56 3.76 -1.23 -9.68
CA LEU A 56 3.95 -2.54 -10.30
C LEU A 56 5.01 -2.48 -11.39
N ASN A 57 4.85 -1.53 -12.31
CA ASN A 57 5.79 -1.36 -13.42
C ASN A 57 7.23 -1.32 -12.90
N GLU A 58 7.42 -0.65 -11.77
CA GLU A 58 8.75 -0.52 -11.17
C GLU A 58 9.37 -1.90 -10.94
N GLY A 59 8.52 -2.88 -10.62
CA GLY A 59 9.01 -4.23 -10.38
C GLY A 59 8.96 -5.09 -11.62
N GLY A 60 7.93 -4.88 -12.45
CA GLY A 60 7.79 -5.66 -13.67
C GLY A 60 6.49 -6.44 -13.71
N ARG A 61 5.46 -5.89 -13.10
CA ARG A 61 4.15 -6.54 -13.06
C ARG A 61 3.10 -5.70 -13.77
N ALA A 62 3.56 -4.75 -14.59
CA ALA A 62 2.65 -3.88 -15.33
C ALA A 62 1.59 -4.68 -16.07
N THR A 63 1.99 -5.84 -16.60
CA THR A 63 1.07 -6.70 -17.32
C THR A 63 -0.02 -7.24 -16.41
N SER A 64 0.34 -7.49 -15.15
CA SER A 64 -0.61 -8.02 -14.18
C SER A 64 -1.87 -7.15 -14.12
N LYS A 65 -3.00 -7.78 -13.81
CA LYS A 65 -4.26 -7.07 -13.73
C LYS A 65 -4.59 -6.71 -12.28
N ASP A 66 -4.56 -7.71 -11.40
CA ASP A 66 -4.84 -7.51 -9.99
C ASP A 66 -3.59 -7.05 -9.25
N TRP A 67 -3.61 -5.82 -8.76
CA TRP A 67 -2.48 -5.26 -8.03
C TRP A 67 -2.43 -5.81 -6.60
N LYS A 68 -3.59 -6.20 -6.08
CA LYS A 68 -3.68 -6.74 -4.72
C LYS A 68 -2.99 -8.10 -4.64
N GLY A 69 -2.85 -8.76 -5.79
CA GLY A 69 -2.19 -10.06 -5.81
C GLY A 69 -0.69 -9.95 -6.02
N VAL A 70 -0.30 -9.06 -6.91
CA VAL A 70 1.13 -8.85 -7.21
C VAL A 70 1.84 -8.20 -6.03
N ILE A 71 1.18 -7.23 -5.41
CA ILE A 71 1.75 -6.52 -4.27
C ILE A 71 1.59 -7.33 -2.99
N ARG A 72 2.68 -7.43 -2.22
CA ARG A 72 2.66 -8.17 -0.96
C ARG A 72 3.04 -7.27 0.20
N CYS A 73 2.31 -7.38 1.31
CA CYS A 73 2.58 -6.58 2.48
C CYS A 73 2.99 -7.46 3.67
N ASN A 74 4.26 -7.38 4.04
CA ASN A 74 4.77 -8.18 5.15
C ASN A 74 4.75 -9.67 4.81
N GLY A 75 4.93 -9.98 3.53
CA GLY A 75 4.93 -11.37 3.09
C GLY A 75 3.54 -11.87 2.76
N GLU A 76 2.53 -11.10 3.15
CA GLU A 76 1.14 -11.48 2.89
C GLU A 76 0.51 -10.53 1.87
N THR A 77 -0.07 -11.12 0.82
CA THR A 77 -0.72 -10.33 -0.23
C THR A 77 -1.83 -9.47 0.34
N LEU A 78 -2.00 -8.28 -0.22
CA LEU A 78 -3.03 -7.36 0.23
C LEU A 78 -4.37 -8.08 0.39
N ARG A 79 -4.77 -8.81 -0.65
CA ARG A 79 -6.02 -9.54 -0.62
C ARG A 79 -6.12 -10.41 0.64
N HIS A 80 -5.00 -11.00 1.03
CA HIS A 80 -4.97 -11.85 2.21
C HIS A 80 -5.29 -11.05 3.47
N LEU A 81 -4.61 -9.92 3.65
CA LEU A 81 -4.83 -9.07 4.80
C LEU A 81 -6.29 -8.63 4.89
N GLU A 82 -6.86 -8.26 3.73
CA GLU A 82 -8.25 -7.82 3.67
C GLU A 82 -9.18 -8.90 4.20
N GLN A 83 -8.95 -10.14 3.78
CA GLN A 83 -9.78 -11.26 4.20
C GLN A 83 -9.76 -11.40 5.72
N LYS A 84 -8.60 -11.17 6.32
CA LYS A 84 -8.47 -11.27 7.77
C LYS A 84 -8.91 -9.98 8.45
N GLY A 85 -9.59 -9.13 7.70
CA GLY A 85 -10.06 -7.87 8.24
C GLY A 85 -8.93 -6.97 8.71
N LEU A 86 -7.78 -7.08 8.05
CA LEU A 86 -6.62 -6.29 8.40
C LEU A 86 -6.47 -5.10 7.46
N LEU A 87 -6.76 -5.32 6.18
CA LEU A 87 -6.65 -4.27 5.18
C LEU A 87 -8.04 -3.86 4.68
N PHE A 88 -8.41 -2.60 4.96
CA PHE A 88 -9.70 -2.08 4.54
C PHE A 88 -9.88 -2.22 3.03
N SER A 89 -8.80 -2.05 2.29
CA SER A 89 -8.84 -2.16 0.83
C SER A 89 -9.94 -1.27 0.26
N GLY A 90 -10.03 -0.05 0.77
CA GLY A 90 -11.04 0.88 0.30
C GLY A 90 -12.44 0.45 0.67
N PRO A 91 -13.34 1.43 0.86
CA PRO A 91 -14.74 1.17 1.24
C PRO A 91 -15.52 0.55 0.08
N SER A 92 -16.39 -0.41 0.41
CA SER A 92 -17.20 -1.08 -0.59
C SER A 92 -18.51 -0.32 -0.83
N SER A 93 -18.67 0.18 -2.05
CA SER A 93 -19.88 0.92 -2.41
C SER A 93 -21.12 0.06 -2.29
N GLY A 94 -22.28 0.68 -2.35
CA GLY A 94 -23.53 -0.05 -2.24
C GLY A 94 -24.71 0.72 -2.81
N GLY A 1 -5.04 21.11 17.46
CA GLY A 1 -4.57 22.38 16.94
C GLY A 1 -3.19 22.28 16.34
N SER A 2 -3.13 22.03 15.03
CA SER A 2 -1.86 21.90 14.33
C SER A 2 -1.21 23.27 14.14
N SER A 3 0.09 23.34 14.44
CA SER A 3 0.83 24.59 14.30
C SER A 3 1.98 24.44 13.31
N GLY A 4 1.86 25.07 12.16
CA GLY A 4 2.90 24.99 11.14
C GLY A 4 2.34 24.64 9.78
N SER A 5 2.23 23.36 9.48
CA SER A 5 1.71 22.90 8.20
C SER A 5 0.74 21.75 8.39
N SER A 6 -0.33 21.76 7.60
CA SER A 6 -1.35 20.72 7.68
C SER A 6 -0.82 19.40 7.14
N GLY A 7 -0.91 18.34 7.96
CA GLY A 7 -0.43 17.05 7.56
C GLY A 7 0.78 16.59 8.36
N ASN A 8 0.72 16.78 9.67
CA ASN A 8 1.82 16.40 10.54
C ASN A 8 2.11 14.89 10.44
N ASP A 9 3.37 14.56 10.22
CA ASP A 9 3.78 13.16 10.10
C ASP A 9 3.59 12.43 11.43
N ALA A 10 3.19 11.16 11.35
CA ALA A 10 2.99 10.34 12.53
C ALA A 10 3.76 9.04 12.44
N VAL A 11 4.13 8.50 13.60
CA VAL A 11 4.89 7.25 13.66
C VAL A 11 3.95 6.04 13.62
N ASP A 12 2.73 6.24 14.12
CA ASP A 12 1.74 5.17 14.14
C ASP A 12 1.69 4.44 12.80
N PHE A 13 1.77 5.21 11.72
CA PHE A 13 1.74 4.64 10.38
C PHE A 13 0.53 3.72 10.21
N SER A 14 -0.57 4.07 10.88
CA SER A 14 -1.79 3.28 10.81
C SER A 14 -2.38 3.32 9.40
N PRO A 15 -2.56 4.53 8.86
CA PRO A 15 -3.11 4.73 7.52
C PRO A 15 -2.15 4.29 6.42
N THR A 16 -0.97 3.83 6.84
CA THR A 16 0.05 3.37 5.89
C THR A 16 0.41 1.92 6.13
N LEU A 17 0.68 1.19 5.05
CA LEU A 17 1.04 -0.21 5.16
C LEU A 17 2.23 -0.54 4.25
N PRO A 18 3.14 -1.39 4.74
CA PRO A 18 4.33 -1.80 4.01
C PRO A 18 4.00 -2.69 2.81
N VAL A 19 4.28 -2.20 1.61
CA VAL A 19 4.01 -2.95 0.39
C VAL A 19 5.29 -3.22 -0.39
N THR A 20 5.27 -4.26 -1.21
CA THR A 20 6.43 -4.62 -2.01
C THR A 20 6.03 -5.39 -3.26
N CYS A 21 6.57 -5.00 -4.40
CA CYS A 21 6.25 -5.65 -5.66
C CYS A 21 7.53 -6.00 -6.43
N GLY A 22 7.87 -7.29 -6.47
CA GLY A 22 9.06 -7.72 -7.17
C GLY A 22 10.32 -7.13 -6.58
N LYS A 23 10.91 -6.17 -7.28
CA LYS A 23 12.13 -5.52 -6.82
C LYS A 23 11.85 -4.09 -6.38
N ALA A 24 10.58 -3.76 -6.22
CA ALA A 24 10.18 -2.42 -5.80
C ALA A 24 9.59 -2.44 -4.38
N LYS A 25 9.88 -1.40 -3.61
CA LYS A 25 9.38 -1.30 -2.24
C LYS A 25 8.85 0.10 -1.96
N GLY A 26 7.68 0.16 -1.33
CA GLY A 26 7.07 1.44 -1.01
C GLY A 26 6.11 1.36 0.16
N THR A 27 5.14 2.25 0.19
CA THR A 27 4.15 2.28 1.27
C THR A 27 2.78 2.71 0.75
N LEU A 28 1.77 1.89 1.01
CA LEU A 28 0.41 2.19 0.58
C LEU A 28 -0.31 3.03 1.62
N PHE A 29 -1.02 4.06 1.15
CA PHE A 29 -1.76 4.94 2.04
C PHE A 29 -3.26 4.81 1.82
N GLN A 30 -3.92 4.07 2.71
CA GLN A 30 -5.36 3.87 2.61
C GLN A 30 -6.09 5.18 2.31
N GLU A 31 -5.51 6.29 2.79
CA GLU A 31 -6.11 7.60 2.58
C GLU A 31 -6.00 8.02 1.12
N LYS A 32 -4.85 7.76 0.52
CA LYS A 32 -4.60 8.10 -0.88
C LYS A 32 -5.08 6.98 -1.81
N LEU A 33 -5.45 5.86 -1.22
CA LEU A 33 -5.92 4.71 -1.98
C LEU A 33 -7.44 4.66 -2.01
N LYS A 34 -8.06 4.91 -0.86
CA LYS A 34 -9.51 4.91 -0.76
C LYS A 34 -10.14 5.82 -1.81
N GLN A 35 -9.50 6.94 -2.07
CA GLN A 35 -9.99 7.89 -3.05
C GLN A 35 -10.05 7.28 -4.44
N GLY A 36 -8.97 6.60 -4.82
CA GLY A 36 -8.90 5.96 -6.12
C GLY A 36 -7.56 5.33 -6.40
N ALA A 37 -7.55 4.03 -6.64
CA ALA A 37 -6.32 3.31 -6.92
C ALA A 37 -5.43 4.08 -7.89
N SER A 38 -6.06 4.72 -8.88
CA SER A 38 -5.33 5.50 -9.87
C SER A 38 -4.50 6.60 -9.21
N LYS A 39 -5.06 7.19 -8.16
CA LYS A 39 -4.38 8.25 -7.43
C LYS A 39 -3.10 7.74 -6.79
N LYS A 40 -2.02 8.52 -6.90
CA LYS A 40 -0.74 8.13 -6.33
C LYS A 40 -0.84 7.97 -4.81
N CYS A 41 -0.82 6.73 -4.35
CA CYS A 41 -0.91 6.43 -2.92
C CYS A 41 0.35 5.73 -2.44
N ILE A 42 1.00 4.99 -3.33
CA ILE A 42 2.22 4.27 -3.00
C ILE A 42 3.44 5.19 -3.04
N GLN A 43 3.99 5.48 -1.87
CA GLN A 43 5.16 6.36 -1.78
C GLN A 43 6.44 5.52 -1.74
N ASN A 44 7.30 5.72 -2.75
CA ASN A 44 8.55 4.99 -2.83
C ASN A 44 9.56 5.53 -1.81
N GLU A 45 10.73 4.90 -1.76
CA GLU A 45 11.77 5.32 -0.83
C GLU A 45 12.20 6.76 -1.11
N ALA A 46 12.01 7.20 -2.35
CA ALA A 46 12.38 8.55 -2.73
C ALA A 46 11.26 9.54 -2.42
N GLY A 47 10.21 9.05 -1.78
CA GLY A 47 9.08 9.89 -1.44
C GLY A 47 8.14 10.13 -2.61
N ASP A 48 8.63 9.84 -3.81
CA ASP A 48 7.83 10.02 -5.01
C ASP A 48 6.65 9.04 -5.04
N TRP A 49 5.45 9.57 -4.93
CA TRP A 49 4.25 8.74 -4.93
C TRP A 49 4.06 8.08 -6.28
N LEU A 50 3.40 6.91 -6.27
CA LEU A 50 3.15 6.17 -7.51
C LEU A 50 1.77 5.54 -7.49
N THR A 51 1.13 5.50 -8.65
CA THR A 51 -0.21 4.93 -8.76
C THR A 51 -0.17 3.41 -8.62
N VAL A 52 -1.24 2.85 -8.06
CA VAL A 52 -1.33 1.41 -7.86
C VAL A 52 -0.74 0.65 -9.04
N LYS A 53 -0.74 1.29 -10.21
CA LYS A 53 -0.21 0.69 -11.42
C LYS A 53 1.30 0.91 -11.53
N GLU A 54 1.70 2.17 -11.49
CA GLU A 54 3.12 2.53 -11.59
C GLU A 54 3.96 1.61 -10.72
N PHE A 55 3.63 1.54 -9.44
CA PHE A 55 4.37 0.69 -8.49
C PHE A 55 4.68 -0.66 -9.12
N LEU A 56 3.69 -1.26 -9.76
CA LEU A 56 3.85 -2.55 -10.40
C LEU A 56 4.94 -2.50 -11.46
N ASN A 57 4.77 -1.63 -12.44
CA ASN A 57 5.74 -1.48 -13.52
C ASN A 57 7.17 -1.43 -12.96
N GLU A 58 7.34 -0.69 -11.87
CA GLU A 58 8.66 -0.57 -11.24
C GLU A 58 9.26 -1.93 -10.97
N GLY A 59 8.41 -2.90 -10.63
CA GLY A 59 8.88 -4.25 -10.35
C GLY A 59 8.87 -5.13 -11.58
N GLY A 60 7.85 -4.97 -12.42
CA GLY A 60 7.75 -5.78 -13.63
C GLY A 60 6.46 -6.58 -13.69
N ARG A 61 5.41 -6.04 -13.07
CA ARG A 61 4.12 -6.71 -13.06
C ARG A 61 3.06 -5.88 -13.77
N ALA A 62 3.51 -4.90 -14.56
CA ALA A 62 2.61 -4.03 -15.29
C ALA A 62 1.54 -4.84 -16.02
N THR A 63 1.94 -5.95 -16.61
CA THR A 63 1.02 -6.82 -17.34
C THR A 63 -0.12 -7.27 -16.44
N SER A 64 0.21 -7.67 -15.21
CA SER A 64 -0.79 -8.12 -14.26
C SER A 64 -1.92 -7.11 -14.12
N LYS A 65 -3.15 -7.60 -13.99
CA LYS A 65 -4.31 -6.74 -13.84
C LYS A 65 -4.66 -6.54 -12.38
N ASP A 66 -4.39 -7.55 -11.57
CA ASP A 66 -4.67 -7.49 -10.14
C ASP A 66 -3.44 -7.03 -9.35
N TRP A 67 -3.51 -5.83 -8.80
CA TRP A 67 -2.40 -5.28 -8.03
C TRP A 67 -2.39 -5.84 -6.62
N LYS A 68 -3.56 -6.24 -6.13
CA LYS A 68 -3.67 -6.80 -4.79
C LYS A 68 -2.95 -8.13 -4.70
N GLY A 69 -2.80 -8.82 -5.83
CA GLY A 69 -2.12 -10.10 -5.85
C GLY A 69 -0.62 -9.95 -6.05
N VAL A 70 -0.23 -9.07 -6.96
CA VAL A 70 1.18 -8.84 -7.24
C VAL A 70 1.88 -8.18 -6.06
N ILE A 71 1.22 -7.19 -5.46
CA ILE A 71 1.77 -6.49 -4.32
C ILE A 71 1.60 -7.29 -3.03
N ARG A 72 2.67 -7.40 -2.26
CA ARG A 72 2.64 -8.14 -1.00
C ARG A 72 2.91 -7.21 0.19
N CYS A 73 2.13 -7.37 1.25
CA CYS A 73 2.29 -6.56 2.44
C CYS A 73 2.71 -7.41 3.63
N ASN A 74 3.98 -7.28 4.02
CA ASN A 74 4.52 -8.04 5.14
C ASN A 74 4.51 -9.54 4.84
N GLY A 75 4.70 -9.89 3.57
CA GLY A 75 4.70 -11.28 3.18
C GLY A 75 3.32 -11.80 2.83
N GLU A 76 2.30 -10.99 3.14
CA GLU A 76 0.93 -11.37 2.85
C GLU A 76 0.30 -10.42 1.83
N THR A 77 -0.21 -10.99 0.74
CA THR A 77 -0.83 -10.19 -0.31
C THR A 77 -1.94 -9.31 0.25
N LEU A 78 -2.13 -8.14 -0.36
CA LEU A 78 -3.16 -7.20 0.08
C LEU A 78 -4.49 -7.92 0.28
N ARG A 79 -4.90 -8.70 -0.72
CA ARG A 79 -6.15 -9.44 -0.64
C ARG A 79 -6.22 -10.29 0.62
N HIS A 80 -5.08 -10.89 0.97
CA HIS A 80 -5.01 -11.74 2.16
C HIS A 80 -5.32 -10.94 3.42
N LEU A 81 -4.63 -9.81 3.58
CA LEU A 81 -4.84 -8.96 4.74
C LEU A 81 -6.28 -8.47 4.81
N GLU A 82 -6.81 -8.06 3.67
CA GLU A 82 -8.19 -7.57 3.60
C GLU A 82 -9.16 -8.59 4.17
N GLN A 83 -8.97 -9.86 3.80
CA GLN A 83 -9.83 -10.93 4.27
C GLN A 83 -9.87 -10.96 5.79
N LYS A 84 -8.73 -10.69 6.43
CA LYS A 84 -8.64 -10.69 7.88
C LYS A 84 -9.13 -9.36 8.45
N GLY A 85 -9.79 -8.57 7.61
CA GLY A 85 -10.31 -7.30 8.06
C GLY A 85 -9.21 -6.36 8.55
N LEU A 86 -8.05 -6.47 7.94
CA LEU A 86 -6.91 -5.64 8.32
C LEU A 86 -6.68 -4.52 7.30
N LEU A 87 -6.96 -4.82 6.05
CA LEU A 87 -6.79 -3.84 4.97
C LEU A 87 -8.13 -3.48 4.34
N PHE A 88 -8.55 -2.24 4.53
CA PHE A 88 -9.82 -1.77 3.98
C PHE A 88 -9.93 -2.12 2.50
N SER A 89 -8.80 -2.03 1.79
CA SER A 89 -8.77 -2.31 0.37
C SER A 89 -9.85 -1.53 -0.38
N GLY A 90 -9.97 -0.25 -0.03
CA GLY A 90 -10.96 0.59 -0.67
C GLY A 90 -12.38 0.25 -0.26
N PRO A 91 -13.36 0.87 -0.93
CA PRO A 91 -14.78 0.63 -0.64
C PRO A 91 -15.23 -0.77 -1.04
N SER A 92 -16.28 -1.27 -0.38
CA SER A 92 -16.80 -2.59 -0.67
C SER A 92 -17.75 -2.56 -1.86
N SER A 93 -18.63 -1.57 -1.86
CA SER A 93 -19.61 -1.43 -2.94
C SER A 93 -18.96 -0.79 -4.17
N GLY A 94 -18.92 -1.54 -5.27
CA GLY A 94 -18.32 -1.04 -6.49
C GLY A 94 -16.85 -0.75 -6.34
N GLY A 1 5.40 -2.56 16.82
CA GLY A 1 6.03 -2.06 18.03
C GLY A 1 6.55 -0.65 17.86
N SER A 2 7.16 -0.10 18.91
CA SER A 2 7.70 1.25 18.87
C SER A 2 8.92 1.37 19.78
N SER A 3 9.89 2.17 19.35
CA SER A 3 11.12 2.38 20.12
C SER A 3 10.85 3.30 21.31
N GLY A 4 11.78 3.28 22.27
CA GLY A 4 11.63 4.11 23.44
C GLY A 4 10.75 3.49 24.50
N SER A 5 9.47 3.34 24.18
CA SER A 5 8.51 2.75 25.11
C SER A 5 7.58 1.79 24.40
N SER A 6 6.84 1.00 25.18
CA SER A 6 5.90 0.02 24.62
C SER A 6 4.52 0.17 25.26
N GLY A 7 3.49 0.16 24.42
CA GLY A 7 2.14 0.29 24.91
C GLY A 7 1.17 0.83 23.87
N ASN A 8 1.64 1.84 23.12
CA ASN A 8 0.81 2.45 22.09
C ASN A 8 1.10 1.83 20.72
N ASP A 9 0.20 2.05 19.77
CA ASP A 9 0.37 1.51 18.43
C ASP A 9 0.63 2.63 17.42
N ALA A 10 1.27 2.29 16.31
CA ALA A 10 1.58 3.25 15.27
C ALA A 10 0.34 4.01 14.83
N VAL A 11 0.30 5.31 15.09
CA VAL A 11 -0.84 6.14 14.73
C VAL A 11 -0.64 6.77 13.35
N ASP A 12 0.47 7.48 13.18
CA ASP A 12 0.78 8.13 11.91
C ASP A 12 1.05 7.09 10.83
N PHE A 13 1.51 5.91 11.24
CA PHE A 13 1.80 4.83 10.29
C PHE A 13 0.62 3.87 10.18
N SER A 14 -0.47 4.19 10.88
CA SER A 14 -1.66 3.36 10.86
C SER A 14 -2.29 3.33 9.47
N PRO A 15 -2.54 4.52 8.91
CA PRO A 15 -3.13 4.66 7.58
C PRO A 15 -2.19 4.23 6.47
N THR A 16 -0.99 3.80 6.85
CA THR A 16 0.02 3.35 5.89
C THR A 16 0.40 1.89 6.12
N LEU A 17 0.65 1.19 5.04
CA LEU A 17 1.04 -0.23 5.12
C LEU A 17 2.22 -0.53 4.21
N PRO A 18 3.14 -1.38 4.70
CA PRO A 18 4.33 -1.77 3.95
C PRO A 18 4.00 -2.66 2.75
N VAL A 19 4.32 -2.18 1.55
CA VAL A 19 4.05 -2.92 0.32
C VAL A 19 5.34 -3.20 -0.44
N THR A 20 5.31 -4.21 -1.30
CA THR A 20 6.47 -4.58 -2.09
C THR A 20 6.05 -5.30 -3.37
N CYS A 21 6.65 -4.90 -4.49
CA CYS A 21 6.34 -5.50 -5.78
C CYS A 21 7.62 -5.87 -6.52
N GLY A 22 7.90 -7.17 -6.60
CA GLY A 22 9.10 -7.63 -7.28
C GLY A 22 10.37 -7.09 -6.65
N LYS A 23 10.94 -6.07 -7.26
CA LYS A 23 12.17 -5.46 -6.76
C LYS A 23 11.92 -4.03 -6.29
N ALA A 24 10.65 -3.64 -6.23
CA ALA A 24 10.28 -2.30 -5.81
C ALA A 24 9.64 -2.32 -4.43
N LYS A 25 9.94 -1.31 -3.61
CA LYS A 25 9.40 -1.22 -2.26
C LYS A 25 8.81 0.16 -2.02
N GLY A 26 7.62 0.19 -1.40
CA GLY A 26 6.97 1.46 -1.12
C GLY A 26 6.02 1.35 0.07
N THR A 27 5.06 2.28 0.13
CA THR A 27 4.10 2.30 1.21
C THR A 27 2.72 2.73 0.72
N LEU A 28 1.72 1.90 0.99
CA LEU A 28 0.35 2.21 0.56
C LEU A 28 -0.38 3.03 1.62
N PHE A 29 -1.09 4.07 1.18
CA PHE A 29 -1.82 4.93 2.09
C PHE A 29 -3.33 4.79 1.87
N GLN A 30 -4.00 4.05 2.75
CA GLN A 30 -5.43 3.85 2.65
C GLN A 30 -6.15 5.16 2.37
N GLU A 31 -5.59 6.26 2.88
CA GLU A 31 -6.17 7.57 2.70
C GLU A 31 -6.06 8.03 1.25
N LYS A 32 -4.89 7.79 0.66
CA LYS A 32 -4.65 8.16 -0.73
C LYS A 32 -5.10 7.05 -1.68
N LEU A 33 -5.51 5.93 -1.12
CA LEU A 33 -5.96 4.79 -1.92
C LEU A 33 -7.48 4.76 -2.01
N LYS A 34 -8.14 4.97 -0.88
CA LYS A 34 -9.60 4.96 -0.82
C LYS A 34 -10.18 5.93 -1.84
N GLN A 35 -9.47 7.03 -2.09
CA GLN A 35 -9.92 8.03 -3.06
C GLN A 35 -9.96 7.44 -4.46
N GLY A 36 -8.90 6.72 -4.83
CA GLY A 36 -8.84 6.12 -6.15
C GLY A 36 -7.53 5.41 -6.40
N ALA A 37 -7.60 4.10 -6.63
CA ALA A 37 -6.41 3.31 -6.90
C ALA A 37 -5.48 4.01 -7.89
N SER A 38 -6.09 4.72 -8.85
CA SER A 38 -5.31 5.43 -9.86
C SER A 38 -4.44 6.50 -9.22
N LYS A 39 -4.96 7.14 -8.18
CA LYS A 39 -4.24 8.19 -7.49
C LYS A 39 -2.97 7.64 -6.86
N LYS A 40 -1.89 8.42 -6.93
CA LYS A 40 -0.61 8.02 -6.37
C LYS A 40 -0.71 7.84 -4.84
N CYS A 41 -0.71 6.59 -4.40
CA CYS A 41 -0.81 6.29 -2.97
C CYS A 41 0.44 5.56 -2.49
N ILE A 42 1.06 4.80 -3.39
CA ILE A 42 2.26 4.05 -3.05
C ILE A 42 3.50 4.95 -3.10
N GLN A 43 4.06 5.23 -1.93
CA GLN A 43 5.25 6.07 -1.85
C GLN A 43 6.52 5.22 -1.79
N ASN A 44 7.41 5.44 -2.74
CA ASN A 44 8.66 4.69 -2.80
C ASN A 44 9.66 5.20 -1.76
N GLU A 45 10.81 4.53 -1.66
CA GLU A 45 11.83 4.92 -0.71
C GLU A 45 12.32 6.34 -0.98
N ALA A 46 12.17 6.78 -2.22
CA ALA A 46 12.60 8.12 -2.61
C ALA A 46 11.55 9.16 -2.21
N GLY A 47 10.37 8.69 -1.83
CA GLY A 47 9.31 9.60 -1.42
C GLY A 47 8.33 9.86 -2.54
N ASP A 48 8.74 9.61 -3.77
CA ASP A 48 7.89 9.82 -4.93
C ASP A 48 6.73 8.84 -4.94
N TRP A 49 5.51 9.36 -4.94
CA TRP A 49 4.31 8.52 -4.94
C TRP A 49 4.12 7.85 -6.30
N LEU A 50 3.47 6.70 -6.30
CA LEU A 50 3.23 5.96 -7.54
C LEU A 50 1.83 5.34 -7.54
N THR A 51 1.19 5.36 -8.70
CA THR A 51 -0.16 4.80 -8.83
C THR A 51 -0.14 3.28 -8.70
N VAL A 52 -1.20 2.74 -8.10
CA VAL A 52 -1.31 1.30 -7.91
C VAL A 52 -0.68 0.54 -9.07
N LYS A 53 -0.77 1.12 -10.27
CA LYS A 53 -0.21 0.51 -11.46
C LYS A 53 1.26 0.86 -11.62
N GLU A 54 1.57 2.15 -11.55
CA GLU A 54 2.94 2.62 -11.69
C GLU A 54 3.88 1.82 -10.79
N PHE A 55 3.44 1.57 -9.57
CA PHE A 55 4.23 0.81 -8.61
C PHE A 55 4.64 -0.54 -9.19
N LEU A 56 3.69 -1.21 -9.83
CA LEU A 56 3.94 -2.52 -10.43
C LEU A 56 4.99 -2.43 -11.52
N ASN A 57 4.79 -1.48 -12.44
CA ASN A 57 5.72 -1.29 -13.55
C ASN A 57 7.15 -1.15 -13.04
N GLU A 58 7.30 -0.46 -11.91
CA GLU A 58 8.62 -0.26 -11.31
C GLU A 58 9.33 -1.60 -11.09
N GLY A 59 8.56 -2.60 -10.71
CA GLY A 59 9.13 -3.91 -10.46
C GLY A 59 9.22 -4.75 -11.72
N GLY A 60 8.21 -4.63 -12.58
CA GLY A 60 8.19 -5.39 -13.82
C GLY A 60 7.03 -6.36 -13.88
N ARG A 61 5.97 -6.05 -13.15
CA ARG A 61 4.78 -6.90 -13.13
C ARG A 61 3.56 -6.15 -13.66
N ALA A 62 3.81 -5.06 -14.38
CA ALA A 62 2.74 -4.25 -14.95
C ALA A 62 1.72 -5.13 -15.66
N THR A 63 2.21 -6.07 -16.47
CA THR A 63 1.35 -6.97 -17.22
C THR A 63 0.23 -7.52 -16.34
N SER A 64 0.47 -7.54 -15.03
CA SER A 64 -0.51 -8.04 -14.08
C SER A 64 -1.71 -7.10 -14.01
N LYS A 65 -2.89 -7.69 -13.82
CA LYS A 65 -4.12 -6.91 -13.72
C LYS A 65 -4.47 -6.63 -12.27
N ASP A 66 -4.40 -7.65 -11.43
CA ASP A 66 -4.70 -7.50 -10.01
C ASP A 66 -3.46 -7.06 -9.23
N TRP A 67 -3.51 -5.86 -8.67
CA TRP A 67 -2.40 -5.34 -7.90
C TRP A 67 -2.38 -5.92 -6.49
N LYS A 68 -3.56 -6.26 -5.98
CA LYS A 68 -3.69 -6.83 -4.64
C LYS A 68 -2.99 -8.18 -4.56
N GLY A 69 -2.78 -8.80 -5.72
CA GLY A 69 -2.13 -10.10 -5.75
C GLY A 69 -0.63 -9.99 -5.94
N VAL A 70 -0.20 -9.10 -6.83
CA VAL A 70 1.20 -8.90 -7.10
C VAL A 70 1.90 -8.22 -5.93
N ILE A 71 1.24 -7.22 -5.35
CA ILE A 71 1.80 -6.49 -4.21
C ILE A 71 1.60 -7.27 -2.92
N ARG A 72 2.69 -7.48 -2.19
CA ARG A 72 2.62 -8.20 -0.91
C ARG A 72 2.99 -7.28 0.25
N CYS A 73 2.19 -7.34 1.31
CA CYS A 73 2.44 -6.52 2.49
C CYS A 73 2.81 -7.39 3.69
N ASN A 74 4.06 -7.28 4.13
CA ASN A 74 4.54 -8.06 5.26
C ASN A 74 4.51 -9.55 4.95
N GLY A 75 4.73 -9.88 3.69
CA GLY A 75 4.74 -11.27 3.28
C GLY A 75 3.36 -11.78 2.93
N GLU A 76 2.34 -10.98 3.24
CA GLU A 76 0.96 -11.36 2.96
C GLU A 76 0.35 -10.43 1.92
N THR A 77 -0.21 -11.02 0.87
CA THR A 77 -0.83 -10.24 -0.20
C THR A 77 -1.97 -9.38 0.34
N LEU A 78 -2.10 -8.17 -0.20
CA LEU A 78 -3.14 -7.25 0.23
C LEU A 78 -4.48 -7.97 0.37
N ARG A 79 -4.83 -8.76 -0.64
CA ARG A 79 -6.08 -9.50 -0.63
C ARG A 79 -6.23 -10.32 0.66
N HIS A 80 -5.13 -10.95 1.07
CA HIS A 80 -5.13 -11.75 2.28
C HIS A 80 -5.47 -10.90 3.50
N LEU A 81 -4.77 -9.79 3.66
CA LEU A 81 -4.99 -8.89 4.78
C LEU A 81 -6.43 -8.36 4.79
N GLU A 82 -6.92 -8.00 3.60
CA GLU A 82 -8.28 -7.49 3.46
C GLU A 82 -9.30 -8.49 4.01
N GLN A 83 -9.10 -9.76 3.68
CA GLN A 83 -10.00 -10.81 4.14
C GLN A 83 -10.09 -10.84 5.66
N LYS A 84 -8.97 -10.55 6.32
CA LYS A 84 -8.92 -10.53 7.77
C LYS A 84 -9.39 -9.19 8.32
N GLY A 85 -10.02 -8.39 7.45
CA GLY A 85 -10.51 -7.09 7.88
C GLY A 85 -9.40 -6.17 8.35
N LEU A 86 -8.23 -6.30 7.74
CA LEU A 86 -7.08 -5.47 8.11
C LEU A 86 -6.79 -4.44 7.03
N LEU A 87 -7.04 -4.81 5.78
CA LEU A 87 -6.80 -3.90 4.66
C LEU A 87 -8.10 -3.61 3.91
N PHE A 88 -8.61 -2.40 4.09
CA PHE A 88 -9.85 -1.98 3.43
C PHE A 88 -9.76 -2.21 1.92
N SER A 89 -8.59 -1.98 1.37
CA SER A 89 -8.37 -2.14 -0.07
C SER A 89 -9.42 -1.38 -0.86
N GLY A 90 -9.69 -0.15 -0.45
CA GLY A 90 -10.67 0.67 -1.14
C GLY A 90 -12.08 0.14 -0.97
N PRO A 91 -13.00 0.65 -1.80
CA PRO A 91 -14.42 0.24 -1.75
C PRO A 91 -14.62 -1.19 -2.25
N SER A 92 -15.83 -1.70 -2.08
CA SER A 92 -16.15 -3.06 -2.50
C SER A 92 -17.31 -3.06 -3.49
N SER A 93 -17.00 -3.31 -4.76
CA SER A 93 -18.01 -3.34 -5.81
C SER A 93 -18.86 -4.60 -5.71
N GLY A 94 -18.19 -5.74 -5.59
CA GLY A 94 -18.90 -7.01 -5.48
C GLY A 94 -19.55 -7.41 -6.80
N GLY A 1 17.54 12.73 14.95
CA GLY A 1 17.04 11.37 15.03
C GLY A 1 17.11 10.81 16.44
N SER A 2 16.35 11.41 17.35
CA SER A 2 16.33 10.97 18.74
C SER A 2 14.94 11.14 19.34
N SER A 3 14.47 10.11 20.04
CA SER A 3 13.16 10.14 20.66
C SER A 3 13.08 11.24 21.71
N GLY A 4 11.92 11.89 21.80
CA GLY A 4 11.74 12.96 22.76
C GLY A 4 10.37 12.94 23.40
N SER A 5 9.33 13.11 22.59
CA SER A 5 7.96 13.11 23.09
C SER A 5 7.06 12.25 22.21
N SER A 6 6.19 11.47 22.84
CA SER A 6 5.28 10.59 22.11
C SER A 6 3.83 10.98 22.40
N GLY A 7 3.07 11.22 21.34
CA GLY A 7 1.67 11.59 21.49
C GLY A 7 0.87 11.36 20.21
N ASN A 8 1.12 10.25 19.55
CA ASN A 8 0.43 9.92 18.31
C ASN A 8 -0.93 9.27 18.61
N ASP A 9 -1.84 9.35 17.64
CA ASP A 9 -3.17 8.77 17.80
C ASP A 9 -3.36 7.59 16.85
N ALA A 10 -4.09 6.58 17.31
CA ALA A 10 -4.35 5.40 16.50
C ALA A 10 -3.05 4.76 16.02
N VAL A 11 -2.06 4.72 16.90
CA VAL A 11 -0.76 4.15 16.56
C VAL A 11 -0.88 2.65 16.27
N ASP A 12 -1.69 1.97 17.08
CA ASP A 12 -1.89 0.53 16.90
C ASP A 12 -2.11 0.18 15.44
N PHE A 13 -2.59 1.16 14.67
CA PHE A 13 -2.84 0.95 13.24
C PHE A 13 -2.76 2.27 12.49
N SER A 14 -1.65 2.48 11.80
CA SER A 14 -1.45 3.71 11.03
C SER A 14 -2.11 3.61 9.66
N PRO A 15 -2.42 4.77 9.07
CA PRO A 15 -3.06 4.84 7.75
C PRO A 15 -2.13 4.40 6.63
N THR A 16 -0.92 3.97 7.00
CA THR A 16 0.07 3.53 6.03
C THR A 16 0.44 2.07 6.23
N LEU A 17 0.63 1.34 5.14
CA LEU A 17 0.99 -0.07 5.22
C LEU A 17 2.15 -0.37 4.28
N PRO A 18 3.08 -1.22 4.75
CA PRO A 18 4.26 -1.62 3.97
C PRO A 18 3.90 -2.52 2.79
N VAL A 19 4.12 -2.03 1.59
CA VAL A 19 3.82 -2.78 0.38
C VAL A 19 5.09 -3.08 -0.41
N THR A 20 5.07 -4.18 -1.17
CA THR A 20 6.21 -4.57 -1.97
C THR A 20 5.78 -5.28 -3.24
N CYS A 21 6.30 -4.84 -4.37
CA CYS A 21 5.96 -5.44 -5.67
C CYS A 21 7.22 -5.82 -6.43
N GLY A 22 7.49 -7.12 -6.51
CA GLY A 22 8.66 -7.59 -7.21
C GLY A 22 9.96 -7.01 -6.67
N LYS A 23 10.57 -6.12 -7.44
CA LYS A 23 11.82 -5.48 -7.02
C LYS A 23 11.57 -4.05 -6.56
N ALA A 24 10.31 -3.74 -6.26
CA ALA A 24 9.94 -2.41 -5.81
C ALA A 24 9.44 -2.43 -4.37
N LYS A 25 9.64 -1.33 -3.65
CA LYS A 25 9.21 -1.23 -2.26
C LYS A 25 8.75 0.19 -1.94
N GLY A 26 7.66 0.29 -1.19
CA GLY A 26 7.13 1.59 -0.82
C GLY A 26 6.15 1.51 0.33
N THR A 27 5.13 2.35 0.29
CA THR A 27 4.12 2.38 1.34
C THR A 27 2.77 2.86 0.80
N LEU A 28 1.71 2.12 1.14
CA LEU A 28 0.36 2.45 0.68
C LEU A 28 -0.38 3.28 1.73
N PHE A 29 -0.97 4.38 1.30
CA PHE A 29 -1.71 5.26 2.19
C PHE A 29 -3.21 5.17 1.93
N GLN A 30 -3.91 4.44 2.79
CA GLN A 30 -5.35 4.26 2.65
C GLN A 30 -6.03 5.59 2.30
N GLU A 31 -5.64 6.64 3.01
CA GLU A 31 -6.21 7.96 2.77
C GLU A 31 -6.05 8.37 1.31
N LYS A 32 -4.88 8.09 0.74
CA LYS A 32 -4.61 8.42 -0.65
C LYS A 32 -5.09 7.32 -1.58
N LEU A 33 -5.57 6.22 -1.00
CA LEU A 33 -6.08 5.10 -1.78
C LEU A 33 -7.60 5.18 -1.94
N LYS A 34 -8.26 5.76 -0.93
CA LYS A 34 -9.70 5.90 -0.96
C LYS A 34 -10.16 6.59 -2.25
N GLN A 35 -9.55 7.73 -2.56
CA GLN A 35 -9.89 8.48 -3.76
C GLN A 35 -10.08 7.54 -4.95
N GLY A 36 -9.10 6.67 -5.17
CA GLY A 36 -9.17 5.75 -6.28
C GLY A 36 -7.90 4.92 -6.44
N ALA A 37 -8.03 3.77 -7.07
CA ALA A 37 -6.88 2.88 -7.28
C ALA A 37 -6.06 3.34 -8.48
N SER A 38 -6.26 4.58 -8.90
CA SER A 38 -5.54 5.13 -10.05
C SER A 38 -4.68 6.32 -9.62
N LYS A 39 -4.87 6.76 -8.37
CA LYS A 39 -4.11 7.88 -7.83
C LYS A 39 -2.83 7.39 -7.16
N LYS A 40 -1.79 8.23 -7.20
CA LYS A 40 -0.52 7.88 -6.58
C LYS A 40 -0.65 7.80 -5.07
N CYS A 41 -0.71 6.57 -4.55
CA CYS A 41 -0.83 6.35 -3.11
C CYS A 41 0.38 5.59 -2.57
N ILE A 42 1.07 4.87 -3.45
CA ILE A 42 2.24 4.11 -3.06
C ILE A 42 3.50 4.96 -3.14
N GLN A 43 3.99 5.40 -2.00
CA GLN A 43 5.20 6.23 -1.95
C GLN A 43 6.44 5.36 -1.79
N ASN A 44 7.26 5.31 -2.83
CA ASN A 44 8.48 4.52 -2.80
C ASN A 44 9.46 5.05 -1.75
N GLU A 45 10.54 4.32 -1.53
CA GLU A 45 11.55 4.70 -0.55
C GLU A 45 12.19 6.03 -0.94
N ALA A 46 12.08 6.39 -2.21
CA ALA A 46 12.65 7.64 -2.71
C ALA A 46 11.73 8.82 -2.40
N GLY A 47 10.50 8.52 -2.01
CA GLY A 47 9.56 9.58 -1.68
C GLY A 47 8.55 9.81 -2.79
N ASP A 48 8.91 9.42 -4.01
CA ASP A 48 8.03 9.58 -5.16
C ASP A 48 6.82 8.65 -5.06
N TRP A 49 5.64 9.20 -5.31
CA TRP A 49 4.41 8.43 -5.24
C TRP A 49 4.15 7.71 -6.56
N LEU A 50 3.60 6.50 -6.48
CA LEU A 50 3.30 5.71 -7.67
C LEU A 50 1.86 5.18 -7.62
N THR A 51 1.19 5.21 -8.77
CA THR A 51 -0.18 4.73 -8.86
C THR A 51 -0.24 3.21 -8.79
N VAL A 52 -1.34 2.69 -8.23
CA VAL A 52 -1.52 1.25 -8.10
C VAL A 52 -0.91 0.51 -9.29
N LYS A 53 -0.89 1.17 -10.45
CA LYS A 53 -0.33 0.57 -11.66
C LYS A 53 1.17 0.83 -11.74
N GLU A 54 1.56 2.09 -11.65
CA GLU A 54 2.97 2.46 -11.72
C GLU A 54 3.81 1.56 -10.81
N PHE A 55 3.55 1.63 -9.52
CA PHE A 55 4.28 0.83 -8.54
C PHE A 55 4.64 -0.53 -9.13
N LEU A 56 3.68 -1.16 -9.79
CA LEU A 56 3.90 -2.46 -10.41
C LEU A 56 5.01 -2.40 -11.46
N ASN A 57 4.87 -1.50 -12.41
CA ASN A 57 5.85 -1.33 -13.47
C ASN A 57 7.26 -1.23 -12.89
N GLU A 58 7.40 -0.51 -11.78
CA GLU A 58 8.69 -0.34 -11.14
C GLU A 58 9.33 -1.69 -10.84
N GLY A 59 8.49 -2.68 -10.52
CA GLY A 59 8.99 -4.00 -10.22
C GLY A 59 9.02 -4.91 -11.44
N GLY A 60 8.02 -4.76 -12.30
CA GLY A 60 7.95 -5.57 -13.50
C GLY A 60 6.67 -6.37 -13.60
N ARG A 61 5.60 -5.85 -12.99
CA ARG A 61 4.31 -6.52 -13.00
C ARG A 61 3.28 -5.71 -13.79
N ALA A 62 3.77 -4.78 -14.61
CA ALA A 62 2.90 -3.94 -15.41
C ALA A 62 1.88 -4.78 -16.18
N THR A 63 2.33 -5.92 -16.69
CA THR A 63 1.46 -6.82 -17.45
C THR A 63 0.34 -7.35 -16.57
N SER A 64 0.62 -7.50 -15.29
CA SER A 64 -0.38 -8.01 -14.34
C SER A 64 -1.46 -6.97 -14.08
N LYS A 65 -2.69 -7.44 -13.87
CA LYS A 65 -3.81 -6.55 -13.60
C LYS A 65 -4.05 -6.40 -12.11
N ASP A 66 -4.42 -7.50 -11.46
CA ASP A 66 -4.68 -7.49 -10.03
C ASP A 66 -3.46 -7.01 -9.26
N TRP A 67 -3.57 -5.80 -8.70
CA TRP A 67 -2.46 -5.21 -7.95
C TRP A 67 -2.41 -5.79 -6.53
N LYS A 68 -3.57 -6.21 -6.02
CA LYS A 68 -3.65 -6.79 -4.68
C LYS A 68 -2.91 -8.12 -4.63
N GLY A 69 -2.79 -8.77 -5.77
CA GLY A 69 -2.11 -10.06 -5.82
C GLY A 69 -0.62 -9.91 -6.03
N VAL A 70 -0.23 -9.02 -6.92
CA VAL A 70 1.18 -8.78 -7.22
C VAL A 70 1.89 -8.14 -6.04
N ILE A 71 1.20 -7.23 -5.37
CA ILE A 71 1.76 -6.53 -4.22
C ILE A 71 1.63 -7.37 -2.96
N ARG A 72 2.72 -7.51 -2.22
CA ARG A 72 2.72 -8.29 -0.99
C ARG A 72 3.03 -7.40 0.22
N CYS A 73 2.32 -7.65 1.32
CA CYS A 73 2.52 -6.87 2.54
C CYS A 73 2.91 -7.77 3.71
N ASN A 74 4.19 -7.72 4.08
CA ASN A 74 4.69 -8.54 5.18
C ASN A 74 4.67 -10.02 4.81
N GLY A 75 4.87 -10.30 3.52
CA GLY A 75 4.87 -11.68 3.07
C GLY A 75 3.49 -12.17 2.70
N GLU A 76 2.47 -11.38 3.03
CA GLU A 76 1.09 -11.73 2.73
C GLU A 76 0.46 -10.73 1.77
N THR A 77 -0.10 -11.25 0.68
CA THR A 77 -0.73 -10.40 -0.32
C THR A 77 -1.85 -9.57 0.29
N LEU A 78 -2.01 -8.35 -0.21
CA LEU A 78 -3.05 -7.46 0.29
C LEU A 78 -4.40 -8.17 0.37
N ARG A 79 -4.73 -8.92 -0.68
CA ARG A 79 -5.98 -9.66 -0.74
C ARG A 79 -6.13 -10.56 0.48
N HIS A 80 -5.04 -11.22 0.87
CA HIS A 80 -5.05 -12.11 2.02
C HIS A 80 -5.34 -11.33 3.31
N LEU A 81 -4.60 -10.24 3.50
CA LEU A 81 -4.78 -9.41 4.70
C LEU A 81 -6.20 -8.89 4.79
N GLU A 82 -6.75 -8.45 3.67
CA GLU A 82 -8.11 -7.92 3.63
C GLU A 82 -9.10 -8.94 4.17
N GLN A 83 -8.95 -10.19 3.75
CA GLN A 83 -9.84 -11.25 4.20
C GLN A 83 -9.84 -11.37 5.72
N LYS A 84 -8.67 -11.16 6.33
CA LYS A 84 -8.53 -11.24 7.77
C LYS A 84 -8.99 -9.94 8.43
N GLY A 85 -9.65 -9.08 7.64
CA GLY A 85 -10.13 -7.82 8.17
C GLY A 85 -9.00 -6.93 8.65
N LEU A 86 -7.86 -7.01 7.99
CA LEU A 86 -6.70 -6.21 8.36
C LEU A 86 -6.53 -5.03 7.40
N LEU A 87 -6.84 -5.27 6.13
CA LEU A 87 -6.71 -4.22 5.11
C LEU A 87 -8.09 -3.77 4.63
N PHE A 88 -8.36 -2.47 4.74
CA PHE A 88 -9.65 -1.92 4.33
C PHE A 88 -9.86 -2.15 2.83
N SER A 89 -8.78 -2.08 2.06
CA SER A 89 -8.87 -2.27 0.61
C SER A 89 -9.93 -1.36 0.00
N GLY A 90 -9.95 -0.10 0.44
CA GLY A 90 -10.92 0.84 -0.08
C GLY A 90 -12.27 0.71 0.58
N PRO A 91 -13.15 1.69 0.35
CA PRO A 91 -14.50 1.70 0.92
C PRO A 91 -15.40 0.61 0.32
N SER A 92 -16.07 -0.13 1.19
CA SER A 92 -16.95 -1.20 0.74
C SER A 92 -18.38 -0.70 0.60
N SER A 93 -18.82 -0.50 -0.63
CA SER A 93 -20.17 -0.01 -0.90
C SER A 93 -21.21 -0.95 -0.29
N GLY A 94 -21.12 -2.23 -0.64
CA GLY A 94 -22.07 -3.20 -0.12
C GLY A 94 -21.46 -4.59 -0.01
N GLY A 1 13.49 23.07 11.79
CA GLY A 1 13.29 22.31 13.02
C GLY A 1 13.20 20.82 12.77
N SER A 2 13.27 20.04 13.84
CA SER A 2 13.21 18.59 13.74
C SER A 2 11.77 18.12 13.52
N SER A 3 11.60 17.08 12.70
CA SER A 3 10.28 16.55 12.41
C SER A 3 9.66 15.92 13.66
N GLY A 4 10.31 14.90 14.19
CA GLY A 4 9.81 14.23 15.38
C GLY A 4 10.76 13.18 15.91
N SER A 5 12.02 13.58 16.12
CA SER A 5 13.03 12.65 16.63
C SER A 5 12.76 12.30 18.09
N SER A 6 12.46 13.32 18.89
CA SER A 6 12.20 13.11 20.31
C SER A 6 10.78 12.59 20.53
N GLY A 7 9.83 13.18 19.82
CA GLY A 7 8.44 12.76 19.96
C GLY A 7 7.85 12.30 18.64
N ASN A 8 7.94 11.00 18.38
CA ASN A 8 7.42 10.42 17.14
C ASN A 8 6.15 9.63 17.41
N ASP A 9 5.16 9.77 16.52
CA ASP A 9 3.89 9.07 16.67
C ASP A 9 3.59 8.24 15.42
N ALA A 10 2.75 7.22 15.58
CA ALA A 10 2.38 6.36 14.48
C ALA A 10 1.28 6.98 13.62
N VAL A 11 1.10 8.30 13.77
CA VAL A 11 0.09 9.02 13.02
C VAL A 11 0.22 8.75 11.52
N ASP A 12 1.46 8.72 11.04
CA ASP A 12 1.72 8.46 9.63
C ASP A 12 2.08 7.00 9.39
N PHE A 13 1.81 6.16 10.39
CA PHE A 13 2.11 4.74 10.30
C PHE A 13 0.82 3.92 10.20
N SER A 14 -0.22 4.37 10.89
CA SER A 14 -1.50 3.68 10.89
C SER A 14 -2.10 3.68 9.48
N PRO A 15 -2.34 4.89 8.94
CA PRO A 15 -2.92 5.05 7.60
C PRO A 15 -1.96 4.63 6.49
N THR A 16 -0.80 4.11 6.89
CA THR A 16 0.20 3.67 5.93
C THR A 16 0.63 2.23 6.21
N LEU A 17 0.88 1.47 5.14
CA LEU A 17 1.30 0.08 5.27
C LEU A 17 2.47 -0.22 4.34
N PRO A 18 3.45 -0.97 4.87
CA PRO A 18 4.64 -1.35 4.10
C PRO A 18 4.34 -2.35 3.00
N VAL A 19 4.47 -1.92 1.76
CA VAL A 19 4.20 -2.78 0.61
C VAL A 19 5.47 -3.05 -0.18
N THR A 20 5.48 -4.16 -0.93
CA THR A 20 6.63 -4.53 -1.75
C THR A 20 6.22 -5.39 -2.93
N CYS A 21 6.73 -5.06 -4.10
CA CYS A 21 6.41 -5.80 -5.32
C CYS A 21 7.67 -6.11 -6.12
N GLY A 22 8.01 -7.39 -6.21
CA GLY A 22 9.20 -7.79 -6.95
C GLY A 22 10.47 -7.17 -6.39
N LYS A 23 10.98 -6.15 -7.08
CA LYS A 23 12.19 -5.48 -6.65
C LYS A 23 11.90 -4.03 -6.28
N ALA A 24 10.62 -3.72 -6.09
CA ALA A 24 10.20 -2.36 -5.73
C ALA A 24 9.65 -2.33 -4.31
N LYS A 25 9.93 -1.24 -3.60
CA LYS A 25 9.46 -1.07 -2.23
C LYS A 25 8.84 0.30 -2.02
N GLY A 26 7.70 0.34 -1.32
CA GLY A 26 7.04 1.61 -1.08
C GLY A 26 6.13 1.54 0.13
N THR A 27 5.10 2.38 0.14
CA THR A 27 4.15 2.43 1.25
C THR A 27 2.77 2.87 0.78
N LEU A 28 1.76 2.03 1.05
CA LEU A 28 0.40 2.34 0.65
C LEU A 28 -0.29 3.20 1.69
N PHE A 29 -0.98 4.25 1.24
CA PHE A 29 -1.69 5.16 2.12
C PHE A 29 -3.20 5.01 1.96
N GLN A 30 -3.83 4.32 2.90
CA GLN A 30 -5.27 4.11 2.86
C GLN A 30 -5.99 5.39 2.48
N GLU A 31 -5.54 6.51 3.03
CA GLU A 31 -6.15 7.81 2.75
C GLU A 31 -6.08 8.12 1.24
N LYS A 32 -4.93 7.82 0.64
CA LYS A 32 -4.74 8.07 -0.78
C LYS A 32 -5.21 6.89 -1.61
N LEU A 33 -5.72 5.86 -0.93
CA LEU A 33 -6.21 4.67 -1.61
C LEU A 33 -7.72 4.74 -1.81
N LYS A 34 -8.42 5.30 -0.83
CA LYS A 34 -9.87 5.43 -0.89
C LYS A 34 -10.30 6.08 -2.20
N GLN A 35 -9.86 7.32 -2.42
CA GLN A 35 -10.19 8.05 -3.64
C GLN A 35 -10.29 7.10 -4.83
N GLY A 36 -9.23 6.33 -5.05
CA GLY A 36 -9.21 5.40 -6.17
C GLY A 36 -7.87 4.71 -6.32
N ALA A 37 -7.87 3.56 -6.99
CA ALA A 37 -6.64 2.81 -7.21
C ALA A 37 -5.83 3.40 -8.35
N SER A 38 -6.21 4.60 -8.79
CA SER A 38 -5.51 5.28 -9.86
C SER A 38 -4.69 6.45 -9.35
N LYS A 39 -5.04 6.93 -8.15
CA LYS A 39 -4.33 8.04 -7.53
C LYS A 39 -3.05 7.57 -6.87
N LYS A 40 -1.98 8.34 -7.02
CA LYS A 40 -0.70 8.01 -6.43
C LYS A 40 -0.82 7.84 -4.91
N CYS A 41 -0.85 6.60 -4.45
CA CYS A 41 -0.96 6.32 -3.03
C CYS A 41 0.29 5.62 -2.52
N ILE A 42 0.97 4.90 -3.40
CA ILE A 42 2.18 4.18 -3.04
C ILE A 42 3.40 5.10 -3.10
N GLN A 43 3.99 5.34 -1.94
CA GLN A 43 5.18 6.19 -1.85
C GLN A 43 6.45 5.37 -1.75
N ASN A 44 7.35 5.56 -2.70
CA ASN A 44 8.62 4.82 -2.71
C ASN A 44 9.58 5.38 -1.68
N GLU A 45 10.71 4.70 -1.50
CA GLU A 45 11.72 5.12 -0.54
C GLU A 45 12.20 6.54 -0.85
N ALA A 46 12.11 6.93 -2.11
CA ALA A 46 12.52 8.27 -2.54
C ALA A 46 11.47 9.31 -2.18
N GLY A 47 10.30 8.85 -1.77
CA GLY A 47 9.23 9.76 -1.41
C GLY A 47 8.24 9.98 -2.54
N ASP A 48 8.68 9.70 -3.77
CA ASP A 48 7.83 9.87 -4.94
C ASP A 48 6.67 8.88 -4.92
N TRP A 49 5.46 9.41 -5.03
CA TRP A 49 4.26 8.57 -5.02
C TRP A 49 4.07 7.88 -6.37
N LEU A 50 3.33 6.77 -6.36
CA LEU A 50 3.07 6.02 -7.58
C LEU A 50 1.69 5.40 -7.55
N THR A 51 1.04 5.34 -8.72
CA THR A 51 -0.29 4.77 -8.82
C THR A 51 -0.26 3.26 -8.68
N VAL A 52 -1.28 2.71 -8.02
CA VAL A 52 -1.37 1.26 -7.81
C VAL A 52 -0.78 0.49 -8.98
N LYS A 53 -0.92 1.07 -10.18
CA LYS A 53 -0.40 0.43 -11.39
C LYS A 53 1.10 0.65 -11.52
N GLU A 54 1.53 1.90 -11.44
CA GLU A 54 2.94 2.24 -11.54
C GLU A 54 3.78 1.30 -10.67
N PHE A 55 3.55 1.36 -9.36
CA PHE A 55 4.30 0.52 -8.42
C PHE A 55 4.60 -0.84 -9.03
N LEU A 56 3.62 -1.41 -9.71
CA LEU A 56 3.78 -2.72 -10.34
C LEU A 56 4.90 -2.68 -11.39
N ASN A 57 4.79 -1.76 -12.33
CA ASN A 57 5.78 -1.62 -13.39
C ASN A 57 7.19 -1.59 -12.80
N GLU A 58 7.35 -0.88 -11.68
CA GLU A 58 8.65 -0.77 -11.02
C GLU A 58 9.24 -2.15 -10.75
N GLY A 59 8.37 -3.11 -10.47
CA GLY A 59 8.82 -4.46 -10.19
C GLY A 59 8.82 -5.35 -11.43
N GLY A 60 7.80 -5.16 -12.27
CA GLY A 60 7.70 -5.94 -13.49
C GLY A 60 6.43 -6.77 -13.54
N ARG A 61 5.36 -6.23 -12.96
CA ARG A 61 4.07 -6.93 -12.94
C ARG A 61 3.02 -6.13 -13.69
N ALA A 62 3.46 -5.19 -14.52
CA ALA A 62 2.54 -4.35 -15.29
C ALA A 62 1.48 -5.20 -15.98
N THR A 63 1.91 -6.35 -16.52
CA THR A 63 1.00 -7.25 -17.21
C THR A 63 -0.11 -7.73 -16.29
N SER A 64 0.25 -8.05 -15.04
CA SER A 64 -0.71 -8.52 -14.05
C SER A 64 -1.78 -7.47 -13.78
N LYS A 65 -3.04 -7.89 -13.78
CA LYS A 65 -4.15 -6.99 -13.54
C LYS A 65 -4.35 -6.77 -12.04
N ASP A 66 -4.63 -7.84 -11.32
CA ASP A 66 -4.84 -7.76 -9.88
C ASP A 66 -3.60 -7.20 -9.19
N TRP A 67 -3.71 -5.97 -8.69
CA TRP A 67 -2.60 -5.33 -8.00
C TRP A 67 -2.46 -5.85 -6.58
N LYS A 68 -3.59 -6.20 -5.97
CA LYS A 68 -3.59 -6.72 -4.61
C LYS A 68 -2.85 -8.06 -4.54
N GLY A 69 -2.80 -8.76 -5.66
CA GLY A 69 -2.13 -10.05 -5.70
C GLY A 69 -0.64 -9.91 -5.93
N VAL A 70 -0.26 -9.06 -6.87
CA VAL A 70 1.15 -8.84 -7.18
C VAL A 70 1.86 -8.13 -6.04
N ILE A 71 1.16 -7.19 -5.42
CA ILE A 71 1.73 -6.43 -4.30
C ILE A 71 1.63 -7.22 -3.00
N ARG A 72 2.66 -7.11 -2.17
CA ARG A 72 2.69 -7.81 -0.89
C ARG A 72 3.14 -6.88 0.24
N CYS A 73 2.47 -6.98 1.38
CA CYS A 73 2.79 -6.14 2.53
C CYS A 73 3.94 -6.74 3.34
N ASN A 74 3.67 -7.87 3.98
CA ASN A 74 4.67 -8.55 4.80
C ASN A 74 4.97 -9.94 4.23
N GLY A 75 4.60 -10.17 2.99
CA GLY A 75 4.83 -11.45 2.37
C GLY A 75 3.56 -12.05 1.79
N GLU A 76 2.43 -11.43 2.07
CA GLU A 76 1.14 -11.91 1.58
C GLU A 76 0.49 -10.89 0.65
N THR A 77 -0.51 -11.33 -0.10
CA THR A 77 -1.22 -10.45 -1.03
C THR A 77 -2.21 -9.56 -0.30
N LEU A 78 -2.19 -8.27 -0.60
CA LEU A 78 -3.09 -7.32 0.04
C LEU A 78 -4.47 -7.93 0.22
N ARG A 79 -4.94 -8.63 -0.81
CA ARG A 79 -6.26 -9.27 -0.76
C ARG A 79 -6.40 -10.15 0.47
N HIS A 80 -5.38 -10.98 0.72
CA HIS A 80 -5.39 -11.88 1.86
C HIS A 80 -5.57 -11.10 3.16
N LEU A 81 -4.84 -10.00 3.29
CA LEU A 81 -4.93 -9.16 4.48
C LEU A 81 -6.35 -8.65 4.69
N GLU A 82 -6.98 -8.21 3.60
CA GLU A 82 -8.34 -7.69 3.67
C GLU A 82 -9.31 -8.75 4.18
N GLN A 83 -9.10 -9.99 3.77
CA GLN A 83 -9.95 -11.09 4.19
C GLN A 83 -9.74 -11.41 5.67
N LYS A 84 -8.53 -11.16 6.16
CA LYS A 84 -8.20 -11.41 7.55
C LYS A 84 -8.68 -10.26 8.44
N GLY A 85 -9.40 -9.33 7.85
CA GLY A 85 -9.92 -8.20 8.60
C GLY A 85 -8.80 -7.27 9.07
N LEU A 86 -7.65 -7.36 8.42
CA LEU A 86 -6.50 -6.53 8.78
C LEU A 86 -6.40 -5.32 7.87
N LEU A 87 -6.58 -5.54 6.57
CA LEU A 87 -6.51 -4.47 5.59
C LEU A 87 -7.90 -4.05 5.14
N PHE A 88 -8.05 -2.79 4.76
CA PHE A 88 -9.33 -2.25 4.31
C PHE A 88 -9.41 -2.24 2.79
N SER A 89 -8.28 -2.00 2.14
CA SER A 89 -8.23 -1.96 0.69
C SER A 89 -9.29 -1.02 0.13
N GLY A 90 -9.48 0.11 0.80
CA GLY A 90 -10.47 1.08 0.35
C GLY A 90 -11.76 1.00 1.14
N PRO A 91 -12.76 1.79 0.74
CA PRO A 91 -14.07 1.82 1.41
C PRO A 91 -14.86 0.53 1.19
N SER A 92 -14.25 -0.43 0.50
CA SER A 92 -14.91 -1.70 0.21
C SER A 92 -15.43 -2.33 1.50
N SER A 93 -16.76 -2.34 1.64
CA SER A 93 -17.39 -2.90 2.82
C SER A 93 -17.12 -4.41 2.92
N GLY A 94 -16.38 -4.80 3.95
CA GLY A 94 -16.06 -6.21 4.12
C GLY A 94 -16.13 -6.64 5.58
N GLY A 1 13.76 8.48 15.57
CA GLY A 1 14.14 9.54 16.47
C GLY A 1 14.55 9.03 17.84
N SER A 2 14.84 9.94 18.76
CA SER A 2 15.25 9.56 20.11
C SER A 2 14.40 8.42 20.64
N SER A 3 13.09 8.66 20.75
CA SER A 3 12.16 7.66 21.25
C SER A 3 10.75 7.92 20.73
N GLY A 4 9.94 6.87 20.69
CA GLY A 4 8.57 7.01 20.22
C GLY A 4 7.89 5.66 20.02
N SER A 5 7.61 4.97 21.11
CA SER A 5 6.96 3.66 21.04
C SER A 5 5.53 3.74 21.54
N SER A 6 4.65 2.94 20.94
CA SER A 6 3.24 2.93 21.33
C SER A 6 2.68 1.52 21.24
N GLY A 7 1.50 1.32 21.83
CA GLY A 7 0.87 0.01 21.81
C GLY A 7 -0.53 0.05 21.21
N ASN A 8 -0.70 -0.62 20.07
CA ASN A 8 -1.99 -0.65 19.40
C ASN A 8 -2.55 -2.07 19.35
N ASP A 9 -3.88 -2.18 19.39
CA ASP A 9 -4.53 -3.48 19.35
C ASP A 9 -4.94 -3.85 17.93
N ALA A 10 -4.86 -2.87 17.03
CA ALA A 10 -5.21 -3.10 15.62
C ALA A 10 -4.23 -2.39 14.69
N VAL A 11 -3.53 -3.16 13.88
CA VAL A 11 -2.57 -2.61 12.94
C VAL A 11 -3.23 -1.66 11.96
N ASP A 12 -4.44 -2.02 11.52
CA ASP A 12 -5.18 -1.18 10.58
C ASP A 12 -5.14 0.28 11.01
N PHE A 13 -4.95 0.51 12.30
CA PHE A 13 -4.90 1.87 12.83
C PHE A 13 -4.06 2.77 11.94
N SER A 14 -2.85 2.33 11.63
CA SER A 14 -1.94 3.09 10.79
C SER A 14 -2.49 3.23 9.37
N PRO A 15 -2.66 4.48 8.92
CA PRO A 15 -3.18 4.78 7.58
C PRO A 15 -2.19 4.40 6.48
N THR A 16 -1.06 3.83 6.87
CA THR A 16 -0.04 3.42 5.92
C THR A 16 0.33 1.94 6.10
N LEU A 17 0.56 1.25 4.99
CA LEU A 17 0.92 -0.16 5.03
C LEU A 17 2.10 -0.44 4.10
N PRO A 18 3.04 -1.26 4.59
CA PRO A 18 4.24 -1.63 3.82
C PRO A 18 3.91 -2.55 2.65
N VAL A 19 4.10 -2.03 1.44
CA VAL A 19 3.83 -2.80 0.23
C VAL A 19 5.11 -3.04 -0.56
N THR A 20 5.15 -4.17 -1.27
CA THR A 20 6.32 -4.51 -2.07
C THR A 20 5.92 -5.31 -3.31
N CYS A 21 6.42 -4.90 -4.47
CA CYS A 21 6.10 -5.57 -5.72
C CYS A 21 7.38 -5.97 -6.45
N GLY A 22 7.65 -7.27 -6.49
CA GLY A 22 8.85 -7.77 -7.16
C GLY A 22 10.11 -7.16 -6.60
N LYS A 23 10.70 -6.23 -7.34
CA LYS A 23 11.93 -5.57 -6.90
C LYS A 23 11.65 -4.13 -6.46
N ALA A 24 10.38 -3.83 -6.23
CA ALA A 24 9.98 -2.50 -5.80
C ALA A 24 9.46 -2.52 -4.36
N LYS A 25 9.72 -1.45 -3.62
CA LYS A 25 9.27 -1.36 -2.24
C LYS A 25 8.72 0.04 -1.93
N GLY A 26 7.59 0.08 -1.23
CA GLY A 26 6.99 1.36 -0.90
C GLY A 26 6.01 1.26 0.26
N THR A 27 5.03 2.15 0.29
CA THR A 27 4.04 2.15 1.35
C THR A 27 2.69 2.68 0.84
N LEU A 28 1.64 1.90 1.05
CA LEU A 28 0.31 2.28 0.61
C LEU A 28 -0.40 3.11 1.69
N PHE A 29 -1.05 4.19 1.26
CA PHE A 29 -1.76 5.07 2.19
C PHE A 29 -3.27 4.98 1.96
N GLN A 30 -3.94 4.24 2.84
CA GLN A 30 -5.39 4.08 2.73
C GLN A 30 -6.07 5.40 2.41
N GLU A 31 -5.59 6.47 3.04
CA GLU A 31 -6.15 7.80 2.82
C GLU A 31 -6.04 8.21 1.35
N LYS A 32 -4.89 7.93 0.76
CA LYS A 32 -4.65 8.27 -0.64
C LYS A 32 -5.26 7.21 -1.56
N LEU A 33 -5.59 6.06 -0.99
CA LEU A 33 -6.17 4.97 -1.75
C LEU A 33 -7.68 5.13 -1.88
N LYS A 34 -8.29 5.74 -0.86
CA LYS A 34 -9.73 5.96 -0.85
C LYS A 34 -10.16 6.75 -2.08
N GLN A 35 -9.40 7.80 -2.40
CA GLN A 35 -9.71 8.64 -3.55
C GLN A 35 -9.83 7.81 -4.82
N GLY A 36 -8.87 6.92 -5.03
CA GLY A 36 -8.88 6.06 -6.20
C GLY A 36 -7.54 5.39 -6.45
N ALA A 37 -7.56 4.07 -6.58
CA ALA A 37 -6.34 3.31 -6.82
C ALA A 37 -5.47 3.99 -7.87
N SER A 38 -6.12 4.61 -8.86
CA SER A 38 -5.41 5.29 -9.93
C SER A 38 -4.50 6.38 -9.37
N LYS A 39 -4.98 7.07 -8.35
CA LYS A 39 -4.21 8.14 -7.72
C LYS A 39 -2.96 7.58 -7.04
N LYS A 40 -1.89 8.36 -7.06
CA LYS A 40 -0.64 7.95 -6.43
C LYS A 40 -0.80 7.80 -4.92
N CYS A 41 -0.82 6.57 -4.45
CA CYS A 41 -0.97 6.29 -3.02
C CYS A 41 0.25 5.56 -2.48
N ILE A 42 0.99 4.90 -3.36
CA ILE A 42 2.18 4.17 -2.97
C ILE A 42 3.41 5.05 -3.05
N GLN A 43 4.01 5.34 -1.89
CA GLN A 43 5.21 6.18 -1.83
C GLN A 43 6.46 5.32 -1.69
N ASN A 44 7.37 5.46 -2.63
CA ASN A 44 8.62 4.70 -2.61
C ASN A 44 9.59 5.27 -1.58
N GLU A 45 10.70 4.58 -1.38
CA GLU A 45 11.71 5.01 -0.42
C GLU A 45 12.23 6.40 -0.77
N ALA A 46 12.12 6.77 -2.04
CA ALA A 46 12.58 8.07 -2.51
C ALA A 46 11.54 9.15 -2.21
N GLY A 47 10.35 8.74 -1.82
CA GLY A 47 9.30 9.67 -1.51
C GLY A 47 8.34 9.89 -2.67
N ASP A 48 8.79 9.55 -3.87
CA ASP A 48 7.96 9.70 -5.07
C ASP A 48 6.79 8.75 -5.04
N TRP A 49 5.58 9.30 -5.06
CA TRP A 49 4.37 8.49 -5.03
C TRP A 49 4.15 7.80 -6.37
N LEU A 50 3.44 6.68 -6.35
CA LEU A 50 3.16 5.93 -7.56
C LEU A 50 1.75 5.32 -7.52
N THR A 51 1.10 5.29 -8.67
CA THR A 51 -0.26 4.74 -8.76
C THR A 51 -0.24 3.21 -8.63
N VAL A 52 -1.28 2.67 -8.01
CA VAL A 52 -1.39 1.23 -7.82
C VAL A 52 -0.78 0.48 -9.00
N LYS A 53 -0.87 1.06 -10.18
CA LYS A 53 -0.33 0.45 -11.39
C LYS A 53 1.16 0.72 -11.52
N GLU A 54 1.53 1.99 -11.56
CA GLU A 54 2.93 2.38 -11.68
C GLU A 54 3.82 1.51 -10.78
N PHE A 55 3.55 1.54 -9.48
CA PHE A 55 4.31 0.75 -8.53
C PHE A 55 4.68 -0.60 -9.11
N LEU A 56 3.70 -1.27 -9.70
CA LEU A 56 3.93 -2.58 -10.31
C LEU A 56 4.98 -2.51 -11.42
N ASN A 57 4.76 -1.60 -12.36
CA ASN A 57 5.68 -1.41 -13.48
C ASN A 57 7.12 -1.33 -12.98
N GLU A 58 7.32 -0.65 -11.87
CA GLU A 58 8.64 -0.49 -11.29
C GLU A 58 9.27 -1.85 -10.99
N GLY A 59 8.43 -2.81 -10.60
CA GLY A 59 8.91 -4.14 -10.30
C GLY A 59 9.16 -4.98 -11.53
N GLY A 60 8.31 -4.81 -12.54
CA GLY A 60 8.46 -5.56 -13.77
C GLY A 60 7.14 -6.14 -14.27
N ARG A 61 6.05 -5.75 -13.62
CA ARG A 61 4.73 -6.24 -14.00
C ARG A 61 3.73 -5.09 -14.12
N ALA A 62 3.45 -4.70 -15.36
CA ALA A 62 2.52 -3.61 -15.63
C ALA A 62 1.17 -4.15 -16.10
N THR A 63 1.20 -5.21 -16.89
CA THR A 63 -0.01 -5.82 -17.41
C THR A 63 -0.80 -6.51 -16.29
N SER A 64 -0.14 -6.76 -15.18
CA SER A 64 -0.77 -7.42 -14.04
C SER A 64 -2.06 -6.70 -13.65
N LYS A 65 -3.19 -7.32 -13.94
CA LYS A 65 -4.49 -6.74 -13.61
C LYS A 65 -4.64 -6.55 -12.12
N ASP A 66 -4.73 -7.67 -11.39
CA ASP A 66 -4.89 -7.63 -9.94
C ASP A 66 -3.58 -7.18 -9.27
N TRP A 67 -3.59 -5.96 -8.76
CA TRP A 67 -2.40 -5.42 -8.09
C TRP A 67 -2.25 -6.00 -6.69
N LYS A 68 -3.38 -6.23 -6.02
CA LYS A 68 -3.38 -6.79 -4.67
C LYS A 68 -2.70 -8.16 -4.66
N GLY A 69 -2.61 -8.79 -5.82
CA GLY A 69 -1.99 -10.09 -5.91
C GLY A 69 -0.49 -10.01 -6.10
N VAL A 70 -0.05 -9.14 -7.01
CA VAL A 70 1.37 -8.96 -7.28
C VAL A 70 2.07 -8.24 -6.13
N ILE A 71 1.32 -7.39 -5.44
CA ILE A 71 1.86 -6.64 -4.31
C ILE A 71 1.73 -7.42 -3.01
N ARG A 72 2.85 -7.58 -2.31
CA ARG A 72 2.86 -8.31 -1.05
C ARG A 72 3.23 -7.39 0.11
N CYS A 73 2.44 -7.45 1.18
CA CYS A 73 2.68 -6.62 2.35
C CYS A 73 3.05 -7.48 3.56
N ASN A 74 4.30 -7.40 3.98
CA ASN A 74 4.78 -8.17 5.13
C ASN A 74 4.75 -9.67 4.82
N GLY A 75 4.97 -10.02 3.56
CA GLY A 75 4.95 -11.42 3.17
C GLY A 75 3.57 -11.92 2.82
N GLU A 76 2.56 -11.09 3.10
CA GLU A 76 1.17 -11.45 2.83
C GLU A 76 0.56 -10.51 1.81
N THR A 77 -0.03 -11.07 0.75
CA THR A 77 -0.65 -10.27 -0.29
C THR A 77 -1.79 -9.42 0.27
N LEU A 78 -1.89 -8.19 -0.21
CA LEU A 78 -2.95 -7.28 0.24
C LEU A 78 -4.28 -8.01 0.37
N ARG A 79 -4.65 -8.74 -0.68
CA ARG A 79 -5.90 -9.49 -0.69
C ARG A 79 -6.05 -10.31 0.59
N HIS A 80 -4.97 -10.94 1.02
CA HIS A 80 -4.98 -11.76 2.23
C HIS A 80 -5.36 -10.92 3.45
N LEU A 81 -4.67 -9.80 3.62
CA LEU A 81 -4.94 -8.90 4.74
C LEU A 81 -6.40 -8.43 4.74
N GLU A 82 -6.88 -8.07 3.56
CA GLU A 82 -8.26 -7.60 3.42
C GLU A 82 -9.24 -8.63 3.97
N GLN A 83 -9.01 -9.90 3.64
CA GLN A 83 -9.88 -10.98 4.10
C GLN A 83 -9.91 -11.04 5.62
N LYS A 84 -8.77 -10.76 6.25
CA LYS A 84 -8.66 -10.78 7.71
C LYS A 84 -9.12 -9.45 8.30
N GLY A 85 -9.77 -8.64 7.48
CA GLY A 85 -10.25 -7.35 7.94
C GLY A 85 -9.13 -6.43 8.39
N LEU A 86 -7.99 -6.53 7.72
CA LEU A 86 -6.83 -5.71 8.05
C LEU A 86 -6.59 -4.65 6.98
N LEU A 87 -6.86 -5.01 5.73
CA LEU A 87 -6.67 -4.09 4.61
C LEU A 87 -8.00 -3.82 3.91
N PHE A 88 -8.55 -2.63 4.14
CA PHE A 88 -9.82 -2.24 3.52
C PHE A 88 -9.72 -2.31 2.00
N SER A 89 -8.57 -1.92 1.46
CA SER A 89 -8.35 -1.94 0.03
C SER A 89 -9.47 -1.19 -0.70
N GLY A 90 -9.80 0.00 -0.20
CA GLY A 90 -10.85 0.80 -0.81
C GLY A 90 -12.22 0.49 -0.22
N PRO A 91 -13.28 0.80 -0.99
CA PRO A 91 -14.66 0.58 -0.57
C PRO A 91 -15.01 -0.91 -0.51
N SER A 92 -16.17 -1.22 0.07
CA SER A 92 -16.61 -2.60 0.19
C SER A 92 -17.46 -3.00 -1.01
N SER A 93 -18.29 -2.08 -1.49
CA SER A 93 -19.16 -2.33 -2.63
C SER A 93 -19.98 -3.60 -2.41
N GLY A 94 -20.50 -3.75 -1.20
CA GLY A 94 -21.30 -4.92 -0.88
C GLY A 94 -20.59 -6.22 -1.19
#